data_423D
# 
_entry.id   423D 
# 
_audit_conform.dict_name       mmcif_pdbx.dic 
_audit_conform.dict_version    5.389 
_audit_conform.dict_location   http://mmcif.pdb.org/dictionaries/ascii/mmcif_pdbx.dic 
# 
loop_
_database_2.database_id 
_database_2.database_code 
_database_2.pdbx_database_accession 
_database_2.pdbx_DOI 
PDB   423D         pdb_0000423d 10.2210/pdb423d/pdb 
RCSB  BD0001       ?            ?                   
WWPDB D_1000179221 ?            ?                   
# 
loop_
_pdbx_audit_revision_history.ordinal 
_pdbx_audit_revision_history.data_content_type 
_pdbx_audit_revision_history.major_revision 
_pdbx_audit_revision_history.minor_revision 
_pdbx_audit_revision_history.revision_date 
1 'Structure model' 1 0 1999-10-14 
2 'Structure model' 1 1 2008-05-22 
3 'Structure model' 1 2 2011-07-13 
4 'Structure model' 1 3 2024-02-28 
5 'Structure model' 1 4 2024-04-03 
# 
_pdbx_audit_revision_details.ordinal             1 
_pdbx_audit_revision_details.revision_ordinal    1 
_pdbx_audit_revision_details.data_content_type   'Structure model' 
_pdbx_audit_revision_details.provider            repository 
_pdbx_audit_revision_details.type                'Initial release' 
_pdbx_audit_revision_details.description         ? 
_pdbx_audit_revision_details.details             ? 
# 
loop_
_pdbx_audit_revision_group.ordinal 
_pdbx_audit_revision_group.revision_ordinal 
_pdbx_audit_revision_group.data_content_type 
_pdbx_audit_revision_group.group 
1 2 'Structure model' 'Version format compliance' 
2 3 'Structure model' 'Version format compliance' 
3 4 'Structure model' 'Data collection'           
4 4 'Structure model' 'Database references'       
5 4 'Structure model' 'Derived calculations'      
6 5 'Structure model' 'Refinement description'    
# 
loop_
_pdbx_audit_revision_category.ordinal 
_pdbx_audit_revision_category.revision_ordinal 
_pdbx_audit_revision_category.data_content_type 
_pdbx_audit_revision_category.category 
1 4 'Structure model' chem_comp_atom                
2 4 'Structure model' chem_comp_bond                
3 4 'Structure model' database_2                    
4 4 'Structure model' pdbx_struct_conn_angle        
5 4 'Structure model' struct_conn                   
6 4 'Structure model' struct_site                   
7 5 'Structure model' pdbx_initial_refinement_model 
# 
loop_
_pdbx_audit_revision_item.ordinal 
_pdbx_audit_revision_item.revision_ordinal 
_pdbx_audit_revision_item.data_content_type 
_pdbx_audit_revision_item.item 
1  4 'Structure model' '_database_2.pdbx_DOI'                        
2  4 'Structure model' '_database_2.pdbx_database_accession'         
3  4 'Structure model' '_pdbx_struct_conn_angle.ptnr1_auth_asym_id'  
4  4 'Structure model' '_pdbx_struct_conn_angle.ptnr1_auth_seq_id'   
5  4 'Structure model' '_pdbx_struct_conn_angle.ptnr1_label_asym_id' 
6  4 'Structure model' '_pdbx_struct_conn_angle.ptnr2_auth_asym_id'  
7  4 'Structure model' '_pdbx_struct_conn_angle.ptnr2_auth_seq_id'   
8  4 'Structure model' '_pdbx_struct_conn_angle.ptnr2_label_asym_id' 
9  4 'Structure model' '_pdbx_struct_conn_angle.ptnr3_auth_asym_id'  
10 4 'Structure model' '_pdbx_struct_conn_angle.ptnr3_auth_seq_id'   
11 4 'Structure model' '_pdbx_struct_conn_angle.ptnr3_label_asym_id' 
12 4 'Structure model' '_pdbx_struct_conn_angle.value'               
13 4 'Structure model' '_struct_conn.pdbx_dist_value'                
14 4 'Structure model' '_struct_conn.ptnr1_auth_asym_id'             
15 4 'Structure model' '_struct_conn.ptnr1_auth_comp_id'             
16 4 'Structure model' '_struct_conn.ptnr1_auth_seq_id'              
17 4 'Structure model' '_struct_conn.ptnr1_label_asym_id'            
18 4 'Structure model' '_struct_conn.ptnr1_label_atom_id'            
19 4 'Structure model' '_struct_conn.ptnr1_label_comp_id'            
20 4 'Structure model' '_struct_conn.ptnr2_auth_asym_id'             
21 4 'Structure model' '_struct_conn.ptnr2_auth_comp_id'             
22 4 'Structure model' '_struct_conn.ptnr2_auth_seq_id'              
23 4 'Structure model' '_struct_conn.ptnr2_label_asym_id'            
24 4 'Structure model' '_struct_conn.ptnr2_label_atom_id'            
25 4 'Structure model' '_struct_conn.ptnr2_label_comp_id'            
26 4 'Structure model' '_struct_site.pdbx_auth_asym_id'              
27 4 'Structure model' '_struct_site.pdbx_auth_comp_id'              
28 4 'Structure model' '_struct_site.pdbx_auth_seq_id'               
# 
_pdbx_database_status.status_code                     REL 
_pdbx_database_status.entry_id                        423D 
_pdbx_database_status.recvd_initial_deposition_date   1998-09-14 
_pdbx_database_status.deposit_site                    NDB 
_pdbx_database_status.process_site                    NDB 
_pdbx_database_status.status_code_sf                  REL 
_pdbx_database_status.status_code_mr                  ? 
_pdbx_database_status.SG_entry                        ? 
_pdbx_database_status.pdb_format_compatible           Y 
_pdbx_database_status.status_code_cs                  ? 
_pdbx_database_status.status_code_nmr_data            ? 
_pdbx_database_status.methods_development_category    ? 
# 
loop_
_audit_author.name 
_audit_author.pdbx_ordinal 
'Rozenberg, H.'  1 
'Rabinovich, D.' 2 
'Frolow, F.'     3 
'Hegde, R.S.'    4 
'Shakked, Z.'    5 
# 
_citation.id                        primary 
_citation.title                     
'Structural code for DNA recognition revealed in crystal structures of papillomavirus E2-DNA targets.' 
_citation.journal_abbrev            Proc.Natl.Acad.Sci.USA 
_citation.journal_volume            95 
_citation.page_first                15194 
_citation.page_last                 15199 
_citation.year                      1998 
_citation.journal_id_ASTM           PNASA6 
_citation.country                   US 
_citation.journal_id_ISSN           0027-8424 
_citation.journal_id_CSD            0040 
_citation.book_publisher            ? 
_citation.pdbx_database_id_PubMed   9860945 
_citation.pdbx_database_id_DOI      10.1073/pnas.95.26.15194 
# 
loop_
_citation_author.citation_id 
_citation_author.name 
_citation_author.ordinal 
_citation_author.identifier_ORCID 
primary 'Rozenberg, H.'  1 ? 
primary 'Rabinovich, D.' 2 ? 
primary 'Frolow, F.'     3 ? 
primary 'Hegde, R.S.'    4 ? 
primary 'Shakked, Z.'    5 ? 
# 
loop_
_entity.id 
_entity.type 
_entity.src_method 
_entity.pdbx_description 
_entity.formula_weight 
_entity.pdbx_number_of_molecules 
_entity.pdbx_ec 
_entity.pdbx_mutation 
_entity.pdbx_fragment 
_entity.details 
1 polymer     syn 
;DNA (5'-D(*AP*CP*CP*GP*AP*CP*GP*TP*CP*GP*GP*T)-3')
;
3663.392 2   ? ? ? ? 
2 non-polymer syn 'MAGNESIUM ION'                                      24.305   5   ? ? ? ? 
3 water       nat water                                                18.015   157 ? ? ? ? 
# 
_entity_poly.entity_id                      1 
_entity_poly.type                           polydeoxyribonucleotide 
_entity_poly.nstd_linkage                   no 
_entity_poly.nstd_monomer                   no 
_entity_poly.pdbx_seq_one_letter_code       '(DA)(DC)(DC)(DG)(DA)(DC)(DG)(DT)(DC)(DG)(DG)(DT)' 
_entity_poly.pdbx_seq_one_letter_code_can   ACCGACGTCGGT 
_entity_poly.pdbx_strand_id                 A,B 
_entity_poly.pdbx_target_identifier         ? 
# 
loop_
_pdbx_entity_nonpoly.entity_id 
_pdbx_entity_nonpoly.name 
_pdbx_entity_nonpoly.comp_id 
2 'MAGNESIUM ION' MG  
3 water           HOH 
# 
loop_
_entity_poly_seq.entity_id 
_entity_poly_seq.num 
_entity_poly_seq.mon_id 
_entity_poly_seq.hetero 
1 1  DA n 
1 2  DC n 
1 3  DC n 
1 4  DG n 
1 5  DA n 
1 6  DC n 
1 7  DG n 
1 8  DT n 
1 9  DC n 
1 10 DG n 
1 11 DG n 
1 12 DT n 
# 
loop_
_chem_comp.id 
_chem_comp.type 
_chem_comp.mon_nstd_flag 
_chem_comp.name 
_chem_comp.pdbx_synonyms 
_chem_comp.formula 
_chem_comp.formula_weight 
DA  'DNA linking' y "2'-DEOXYADENOSINE-5'-MONOPHOSPHATE" ? 'C10 H14 N5 O6 P' 331.222 
DC  'DNA linking' y "2'-DEOXYCYTIDINE-5'-MONOPHOSPHATE"  ? 'C9 H14 N3 O7 P'  307.197 
DG  'DNA linking' y "2'-DEOXYGUANOSINE-5'-MONOPHOSPHATE" ? 'C10 H14 N5 O7 P' 347.221 
DT  'DNA linking' y "THYMIDINE-5'-MONOPHOSPHATE"         ? 'C10 H15 N2 O8 P' 322.208 
HOH non-polymer   . WATER                                ? 'H2 O'            18.015  
MG  non-polymer   . 'MAGNESIUM ION'                      ? 'Mg 2'            24.305  
# 
loop_
_pdbx_poly_seq_scheme.asym_id 
_pdbx_poly_seq_scheme.entity_id 
_pdbx_poly_seq_scheme.seq_id 
_pdbx_poly_seq_scheme.mon_id 
_pdbx_poly_seq_scheme.ndb_seq_num 
_pdbx_poly_seq_scheme.pdb_seq_num 
_pdbx_poly_seq_scheme.auth_seq_num 
_pdbx_poly_seq_scheme.pdb_mon_id 
_pdbx_poly_seq_scheme.auth_mon_id 
_pdbx_poly_seq_scheme.pdb_strand_id 
_pdbx_poly_seq_scheme.pdb_ins_code 
_pdbx_poly_seq_scheme.hetero 
A 1 1  DA 1  1  1  DA A A . n 
A 1 2  DC 2  2  2  DC C A . n 
A 1 3  DC 3  3  3  DC C A . n 
A 1 4  DG 4  4  4  DG G A . n 
A 1 5  DA 5  5  5  DA A A . n 
A 1 6  DC 6  6  6  DC C A . n 
A 1 7  DG 7  7  7  DG G A . n 
A 1 8  DT 8  8  8  DT T A . n 
A 1 9  DC 9  9  9  DC C A . n 
A 1 10 DG 10 10 10 DG G A . n 
A 1 11 DG 11 11 11 DG G A . n 
A 1 12 DT 12 12 12 DT T A . n 
B 1 1  DA 1  13 13 DA A B . n 
B 1 2  DC 2  14 14 DC C B . n 
B 1 3  DC 3  15 15 DC C B . n 
B 1 4  DG 4  16 16 DG G B . n 
B 1 5  DA 5  17 17 DA A B . n 
B 1 6  DC 6  18 18 DC C B . n 
B 1 7  DG 7  19 19 DG G B . n 
B 1 8  DT 8  20 20 DT T B . n 
B 1 9  DC 9  21 21 DC C B . n 
B 1 10 DG 10 22 22 DG G B . n 
B 1 11 DG 11 23 23 DG G B . n 
B 1 12 DT 12 24 24 DT T B . n 
# 
loop_
_pdbx_nonpoly_scheme.asym_id 
_pdbx_nonpoly_scheme.entity_id 
_pdbx_nonpoly_scheme.mon_id 
_pdbx_nonpoly_scheme.ndb_seq_num 
_pdbx_nonpoly_scheme.pdb_seq_num 
_pdbx_nonpoly_scheme.auth_seq_num 
_pdbx_nonpoly_scheme.pdb_mon_id 
_pdbx_nonpoly_scheme.auth_mon_id 
_pdbx_nonpoly_scheme.pdb_strand_id 
_pdbx_nonpoly_scheme.pdb_ins_code 
C 2 MG  1  26  26  MG  MO6 A . 
D 2 MG  1  29  29  MG  MO6 A . 
E 2 MG  1  25  25  MG  MO6 B . 
F 2 MG  1  27  27  MG  MO6 B . 
G 2 MG  1  28  28  MG  MO6 B . 
H 3 HOH 1  31  31  HOH HOH A . 
H 3 HOH 2  36  36  HOH HOH A . 
H 3 HOH 3  37  37  HOH HOH A . 
H 3 HOH 4  39  39  HOH HOH A . 
H 3 HOH 5  43  43  HOH HOH A . 
H 3 HOH 6  46  46  HOH HOH A . 
H 3 HOH 7  50  50  HOH HOH A . 
H 3 HOH 8  51  51  HOH HOH A . 
H 3 HOH 9  52  52  HOH HOH A . 
H 3 HOH 10 53  53  HOH HOH A . 
H 3 HOH 11 54  54  HOH HOH A . 
H 3 HOH 12 55  55  HOH HOH A . 
H 3 HOH 13 59  59  HOH HOH A . 
H 3 HOH 14 60  60  HOH HOH A . 
H 3 HOH 15 61  61  HOH HOH A . 
H 3 HOH 16 63  63  HOH HOH A . 
H 3 HOH 17 64  64  HOH HOH A . 
H 3 HOH 18 68  68  HOH HOH A . 
H 3 HOH 19 70  70  HOH HOH A . 
H 3 HOH 20 71  71  HOH HOH A . 
H 3 HOH 21 72  72  HOH HOH A . 
H 3 HOH 22 74  74  HOH HOH A . 
H 3 HOH 23 75  75  HOH HOH A . 
H 3 HOH 24 77  77  HOH HOH A . 
H 3 HOH 25 78  78  HOH HOH A . 
H 3 HOH 26 79  79  HOH HOH A . 
H 3 HOH 27 80  80  HOH HOH A . 
H 3 HOH 28 81  81  HOH HOH A . 
H 3 HOH 29 82  82  HOH HOH A . 
H 3 HOH 30 83  83  HOH HOH A . 
H 3 HOH 31 84  84  HOH HOH A . 
H 3 HOH 32 85  85  HOH HOH A . 
H 3 HOH 33 87  87  HOH HOH A . 
H 3 HOH 34 89  89  HOH HOH A . 
H 3 HOH 35 90  90  HOH HOH A . 
H 3 HOH 36 91  91  HOH HOH A . 
H 3 HOH 37 95  95  HOH HOH A . 
H 3 HOH 38 97  97  HOH HOH A . 
H 3 HOH 39 98  98  HOH HOH A . 
H 3 HOH 40 99  99  HOH HOH A . 
H 3 HOH 41 101 101 HOH HOH A . 
H 3 HOH 42 102 102 HOH HOH A . 
H 3 HOH 43 103 103 HOH HOH A . 
H 3 HOH 44 105 105 HOH HOH A . 
H 3 HOH 45 106 106 HOH HOH A . 
H 3 HOH 46 108 108 HOH HOH A . 
H 3 HOH 47 110 110 HOH HOH A . 
H 3 HOH 48 114 114 HOH HOH A . 
H 3 HOH 49 118 118 HOH HOH A . 
H 3 HOH 50 121 121 HOH HOH A . 
H 3 HOH 51 122 122 HOH HOH A . 
H 3 HOH 52 123 123 HOH HOH A . 
H 3 HOH 53 124 124 HOH HOH A . 
H 3 HOH 54 125 125 HOH HOH A . 
H 3 HOH 55 127 127 HOH HOH A . 
H 3 HOH 56 129 129 HOH HOH A . 
H 3 HOH 57 132 132 HOH HOH A . 
H 3 HOH 58 133 133 HOH HOH A . 
H 3 HOH 59 136 136 HOH HOH A . 
H 3 HOH 60 137 137 HOH HOH A . 
H 3 HOH 61 139 139 HOH HOH A . 
H 3 HOH 62 140 140 HOH HOH A . 
H 3 HOH 63 142 142 HOH HOH A . 
H 3 HOH 64 143 143 HOH HOH A . 
H 3 HOH 65 144 144 HOH HOH A . 
H 3 HOH 66 145 145 HOH HOH A . 
H 3 HOH 67 150 150 HOH HOH A . 
H 3 HOH 68 151 151 HOH HOH A . 
H 3 HOH 69 154 154 HOH HOH A . 
H 3 HOH 70 155 155 HOH HOH A . 
H 3 HOH 71 156 156 HOH HOH A . 
H 3 HOH 72 160 25  HOH MO6 A . 
H 3 HOH 73 161 25  HOH MO6 A . 
H 3 HOH 74 165 26  HOH MO6 A . 
H 3 HOH 75 166 26  HOH MO6 A . 
H 3 HOH 76 168 26  HOH MO6 A . 
H 3 HOH 77 170 27  HOH MO6 A . 
H 3 HOH 78 171 27  HOH MO6 A . 
H 3 HOH 79 172 27  HOH MO6 A . 
H 3 HOH 80 178 28  HOH MO6 A . 
H 3 HOH 81 180 28  HOH MO6 A . 
H 3 HOH 82 181 29  HOH MO6 A . 
H 3 HOH 83 182 29  HOH MO6 A . 
H 3 HOH 84 183 29  HOH MO6 A . 
H 3 HOH 85 184 29  HOH MO6 A . 
H 3 HOH 86 185 29  HOH MO6 A . 
H 3 HOH 87 186 29  HOH MO6 A . 
I 3 HOH 1  30  30  HOH HOH B . 
I 3 HOH 2  32  32  HOH HOH B . 
I 3 HOH 3  33  33  HOH HOH B . 
I 3 HOH 4  34  34  HOH HOH B . 
I 3 HOH 5  35  35  HOH HOH B . 
I 3 HOH 6  38  38  HOH HOH B . 
I 3 HOH 7  40  40  HOH HOH B . 
I 3 HOH 8  41  41  HOH HOH B . 
I 3 HOH 9  42  42  HOH HOH B . 
I 3 HOH 10 44  44  HOH HOH B . 
I 3 HOH 11 45  45  HOH HOH B . 
I 3 HOH 12 47  47  HOH HOH B . 
I 3 HOH 13 48  48  HOH HOH B . 
I 3 HOH 14 49  49  HOH HOH B . 
I 3 HOH 15 56  56  HOH HOH B . 
I 3 HOH 16 57  57  HOH HOH B . 
I 3 HOH 17 58  58  HOH HOH B . 
I 3 HOH 18 62  62  HOH HOH B . 
I 3 HOH 19 65  65  HOH HOH B . 
I 3 HOH 20 66  66  HOH HOH B . 
I 3 HOH 21 67  67  HOH HOH B . 
I 3 HOH 22 69  69  HOH HOH B . 
I 3 HOH 23 73  73  HOH HOH B . 
I 3 HOH 24 76  76  HOH HOH B . 
I 3 HOH 25 86  86  HOH HOH B . 
I 3 HOH 26 88  88  HOH HOH B . 
I 3 HOH 27 92  92  HOH HOH B . 
I 3 HOH 28 93  93  HOH HOH B . 
I 3 HOH 29 94  94  HOH HOH B . 
I 3 HOH 30 96  96  HOH HOH B . 
I 3 HOH 31 100 100 HOH HOH B . 
I 3 HOH 32 104 104 HOH HOH B . 
I 3 HOH 33 107 107 HOH HOH B . 
I 3 HOH 34 109 109 HOH HOH B . 
I 3 HOH 35 111 111 HOH HOH B . 
I 3 HOH 36 112 112 HOH HOH B . 
I 3 HOH 37 113 113 HOH HOH B . 
I 3 HOH 38 115 115 HOH HOH B . 
I 3 HOH 39 116 116 HOH HOH B . 
I 3 HOH 40 117 117 HOH HOH B . 
I 3 HOH 41 119 119 HOH HOH B . 
I 3 HOH 42 120 120 HOH HOH B . 
I 3 HOH 43 126 126 HOH HOH B . 
I 3 HOH 44 128 128 HOH HOH B . 
I 3 HOH 45 130 130 HOH HOH B . 
I 3 HOH 46 131 131 HOH HOH B . 
I 3 HOH 47 134 134 HOH HOH B . 
I 3 HOH 48 135 135 HOH HOH B . 
I 3 HOH 49 138 138 HOH HOH B . 
I 3 HOH 50 141 141 HOH HOH B . 
I 3 HOH 51 146 146 HOH HOH B . 
I 3 HOH 52 147 147 HOH HOH B . 
I 3 HOH 53 148 148 HOH HOH B . 
I 3 HOH 54 149 149 HOH HOH B . 
I 3 HOH 55 152 152 HOH HOH B . 
I 3 HOH 56 153 153 HOH HOH B . 
I 3 HOH 57 157 25  HOH MO6 B . 
I 3 HOH 58 158 25  HOH MO6 B . 
I 3 HOH 59 159 25  HOH MO6 B . 
I 3 HOH 60 162 25  HOH MO6 B . 
I 3 HOH 61 163 26  HOH MO6 B . 
I 3 HOH 62 164 26  HOH MO6 B . 
I 3 HOH 63 167 26  HOH MO6 B . 
I 3 HOH 64 169 27  HOH MO6 B . 
I 3 HOH 65 173 27  HOH MO6 B . 
I 3 HOH 66 174 27  HOH MO6 B . 
I 3 HOH 67 175 28  HOH MO6 B . 
I 3 HOH 68 176 28  HOH MO6 B . 
I 3 HOH 69 177 28  HOH MO6 B . 
I 3 HOH 70 179 28  HOH MO6 B . 
# 
loop_
_software.name 
_software.classification 
_software.version 
_software.citation_id 
_software.pdbx_ordinal 
ULTIMA    'model building' . ? 1 
SHELXL-97 refinement       . ? 2 
DENZO     'data reduction' . ? 3 
SCALEPACK 'data scaling'   . ? 4 
ULTIMA    phasing          . ? 5 
# 
_cell.entry_id           423D 
_cell.length_a           64.067 
_cell.length_b           64.067 
_cell.length_c           44.679 
_cell.angle_alpha        90.00 
_cell.angle_beta         90.00 
_cell.angle_gamma        120.00 
_cell.Z_PDB              18 
_cell.pdbx_unique_axis   ? 
# 
_symmetry.entry_id                         423D 
_symmetry.space_group_name_H-M             'H 3' 
_symmetry.pdbx_full_space_group_name_H-M   ? 
_symmetry.cell_setting                     trigonal 
_symmetry.Int_Tables_number                146 
# 
_exptl.entry_id          423D 
_exptl.method            'X-RAY DIFFRACTION' 
_exptl.crystals_number   1 
# 
_exptl_crystal.id                    1 
_exptl_crystal.density_meas          ? 
_exptl_crystal.density_Matthews      2.228 
_exptl_crystal.density_percent_sol   46.70 
_exptl_crystal.description           ? 
# 
_exptl_crystal_grow.crystal_id      1 
_exptl_crystal_grow.method          'VAPOR DIFFUSION, HANGING DROP' 
_exptl_crystal_grow.temp            292 
_exptl_crystal_grow.temp_details    ? 
_exptl_crystal_grow.pH              7.0 
_exptl_crystal_grow.pdbx_details    'pH 7.0, VAPOR DIFFUSION, HANGING DROP, temperature 292K' 
_exptl_crystal_grow.pdbx_pH_range   ? 
# 
loop_
_exptl_crystal_grow_comp.crystal_id 
_exptl_crystal_grow_comp.id 
_exptl_crystal_grow_comp.sol_id 
_exptl_crystal_grow_comp.name 
_exptl_crystal_grow_comp.volume 
_exptl_crystal_grow_comp.conc 
_exptl_crystal_grow_comp.details 
1 1 1 MGCL2           ? ? ? 
1 2 1 SPERMINE        ? ? ? 
1 3 1 'NA CACODYLATE' ? ? ? 
1 4 1 MPD             ? ? ? 
1 5 2 'NA CACODYLATE' ? ? ? 
1 6 2 MPD             ? ? ? 
# 
_diffrn.id                     1 
_diffrn.ambient_temp           120 
_diffrn.ambient_temp_details   ? 
_diffrn.crystal_id             1 
# 
_diffrn_detector.diffrn_id              1 
_diffrn_detector.detector               'IMAGE PLATE' 
_diffrn_detector.type                   'RIGAKU RAXIS II' 
_diffrn_detector.pdbx_collection_date   1997-01-03 
_diffrn_detector.details                MIRRORS 
# 
_diffrn_radiation.diffrn_id                        1 
_diffrn_radiation.wavelength_id                    1 
_diffrn_radiation.pdbx_monochromatic_or_laue_m_l   M 
_diffrn_radiation.monochromator                    'NI FILTER, GRAPHITE' 
_diffrn_radiation.pdbx_diffrn_protocol             'SINGLE WAVELENGTH' 
_diffrn_radiation.pdbx_scattering_type             x-ray 
# 
_diffrn_radiation_wavelength.id           1 
_diffrn_radiation_wavelength.wavelength   . 
_diffrn_radiation_wavelength.wt           1.0 
# 
_diffrn_source.diffrn_id                   1 
_diffrn_source.source                      'ROTATING ANODE' 
_diffrn_source.type                        'RIGAKU FR-C' 
_diffrn_source.pdbx_synchrotron_site       ? 
_diffrn_source.pdbx_synchrotron_beamline   ? 
_diffrn_source.pdbx_wavelength             ? 
_diffrn_source.pdbx_wavelength_list        ? 
# 
_reflns.entry_id                     423D 
_reflns.observed_criterion_sigma_I   0.00 
_reflns.observed_criterion_sigma_F   0.00 
_reflns.d_resolution_low             23.60 
_reflns.d_resolution_high            1.60 
_reflns.number_obs                   8888 
_reflns.number_all                   8888 
_reflns.percent_possible_obs         98.7 
_reflns.pdbx_Rmerge_I_obs            0.0520000 
_reflns.pdbx_Rsym_value              ? 
_reflns.pdbx_netI_over_sigmaI        50.8 
_reflns.B_iso_Wilson_estimate        ? 
_reflns.pdbx_redundancy              7.7 
_reflns.pdbx_diffrn_id               1 
_reflns.pdbx_ordinal                 1 
# 
_reflns_shell.d_res_high             1.60 
_reflns_shell.d_res_low              1.62 
_reflns_shell.percent_possible_all   95.0 
_reflns_shell.Rmerge_I_obs           0.2350000 
_reflns_shell.pdbx_Rsym_value        ? 
_reflns_shell.meanI_over_sigI_obs    4.9 
_reflns_shell.pdbx_redundancy        1.95 
_reflns_shell.pdbx_diffrn_id         ? 
_reflns_shell.pdbx_ordinal           1 
# 
_refine.entry_id                                 423D 
_refine.ls_number_reflns_obs                     8888 
_refine.ls_number_reflns_all                     8888 
_refine.pdbx_ls_sigma_I                          0.00 
_refine.pdbx_ls_sigma_F                          0.00 
_refine.pdbx_data_cutoff_high_absF               ? 
_refine.pdbx_data_cutoff_low_absF                ? 
_refine.pdbx_data_cutoff_high_rms_absF           ? 
_refine.ls_d_res_low                             23.60 
_refine.ls_d_res_high                            1.60 
_refine.ls_percent_reflns_obs                    98.7 
_refine.ls_R_factor_obs                          0.1730000 
_refine.ls_R_factor_all                          0.1740000 
_refine.ls_R_factor_R_work                       0.1730000 
_refine.ls_R_factor_R_free                       0.2060000 
_refine.ls_R_factor_R_free_error                 ? 
_refine.ls_R_factor_R_free_error_details         ? 
_refine.ls_percent_reflns_R_free                 5.70 
_refine.ls_number_reflns_R_free                  506 
_refine.ls_number_parameters                     2703 
_refine.ls_number_restraints                     11946 
_refine.occupancy_min                            ? 
_refine.occupancy_max                            ? 
_refine.B_iso_mean                               ? 
_refine.aniso_B[1][1]                            ? 
_refine.aniso_B[2][2]                            ? 
_refine.aniso_B[3][3]                            ? 
_refine.aniso_B[1][2]                            ? 
_refine.aniso_B[1][3]                            ? 
_refine.aniso_B[2][3]                            ? 
_refine.solvent_model_details                    'MOEWS & KRETSINGER: J.MOL.BIOL. 91, 201-228 (1973)' 
_refine.solvent_model_param_ksol                 ? 
_refine.solvent_model_param_bsol                 ? 
_refine.pdbx_ls_cross_valid_method               ? 
_refine.details                                  ? 
_refine.pdbx_starting_model                      'IDEAL B-DNA' 
_refine.pdbx_method_to_determine_struct          'MOLECULAR REPLACEMENT' 
_refine.pdbx_isotropic_thermal_model             ? 
_refine.pdbx_stereochemistry_target_values       ? 
_refine.pdbx_stereochem_target_val_spec_case     ? 
_refine.pdbx_R_Free_selection_details            'RANDOM SELECTION' 
_refine.pdbx_overall_ESU_R                       ? 
_refine.pdbx_overall_ESU_R_Free                  ? 
_refine.overall_SU_ML                            ? 
_refine.overall_SU_B                             ? 
_refine.pdbx_refine_id                           'X-RAY DIFFRACTION' 
_refine.pdbx_diffrn_id                           1 
_refine.pdbx_TLS_residual_ADP_flag               ? 
_refine.correlation_coeff_Fo_to_Fc               ? 
_refine.correlation_coeff_Fo_to_Fc_free          ? 
_refine.pdbx_solvent_vdw_probe_radii             ? 
_refine.pdbx_solvent_ion_probe_radii             ? 
_refine.pdbx_solvent_shrinkage_radii             ? 
_refine.pdbx_overall_phase_error                 ? 
_refine.overall_SU_R_Cruickshank_DPI             ? 
_refine.pdbx_overall_SU_R_free_Cruickshank_DPI   ? 
_refine.pdbx_overall_SU_R_Blow_DPI               ? 
_refine.pdbx_overall_SU_R_free_Blow_DPI          ? 
# 
_refine_analyze.entry_id                        423D 
_refine_analyze.Luzzati_coordinate_error_obs    ? 
_refine_analyze.Luzzati_sigma_a_obs             ? 
_refine_analyze.Luzzati_d_res_low_obs           ? 
_refine_analyze.Luzzati_coordinate_error_free   ? 
_refine_analyze.Luzzati_sigma_a_free            ? 
_refine_analyze.Luzzati_d_res_low_free          ? 
_refine_analyze.number_disordered_residues      ? 
_refine_analyze.occupancy_sum_hydrogen          ? 
_refine_analyze.occupancy_sum_non_hydrogen      644.67 
_refine_analyze.pdbx_refine_id                  'X-RAY DIFFRACTION' 
# 
_refine_hist.pdbx_refine_id                   'X-RAY DIFFRACTION' 
_refine_hist.cycle_id                         LAST 
_refine_hist.pdbx_number_atoms_protein        0 
_refine_hist.pdbx_number_atoms_nucleic_acid   486 
_refine_hist.pdbx_number_atoms_ligand         35 
_refine_hist.number_atoms_solvent             127 
_refine_hist.number_atoms_total               648 
_refine_hist.d_res_high                       1.60 
_refine_hist.d_res_low                        23.60 
# 
loop_
_refine_ls_restr.type 
_refine_ls_restr.dev_ideal 
_refine_ls_restr.dev_ideal_target 
_refine_ls_restr.weight 
_refine_ls_restr.number 
_refine_ls_restr.pdbx_refine_id 
_refine_ls_restr.pdbx_restraint_function 
s_bond_d               0.013 ? ? ? 'X-RAY DIFFRACTION' ? 
s_angle_d              0.030 ? ? ? 'X-RAY DIFFRACTION' ? 
s_similar_dist         0.024 ? ? ? 'X-RAY DIFFRACTION' ? 
s_from_restr_planes    0.008 ? ? ? 'X-RAY DIFFRACTION' ? 
s_zero_chiral_vol      ?     ? ? ? 'X-RAY DIFFRACTION' ? 
s_non_zero_chiral_vol  0.008 ? ? ? 'X-RAY DIFFRACTION' ? 
s_anti_bump_dis_restr  ?     ? ? ? 'X-RAY DIFFRACTION' ? 
s_rigid_bond_adp_cmpnt ?     ? ? ? 'X-RAY DIFFRACTION' ? 
s_similar_adp_cmpnt    ?     ? ? ? 'X-RAY DIFFRACTION' ? 
s_approx_iso_adps      ?     ? ? ? 'X-RAY DIFFRACTION' ? 
# 
_pdbx_refine.entry_id                                    423D 
_pdbx_refine.R_factor_all_no_cutoff                      ? 
_pdbx_refine.R_factor_obs_no_cutoff                      ? 
_pdbx_refine.free_R_factor_no_cutoff                     ? 
_pdbx_refine.free_R_val_test_set_size_perc_no_cutoff     ? 
_pdbx_refine.free_R_val_test_set_ct_no_cutoff            ? 
_pdbx_refine.R_factor_all_4sig_cutoff                    0.1710000 
_pdbx_refine.R_factor_obs_4sig_cutoff                    0.1700000 
_pdbx_refine.free_R_factor_4sig_cutoff                   0.2020000 
_pdbx_refine.free_R_val_test_set_size_perc_4sig_cutoff   5.7 
_pdbx_refine.free_R_val_test_set_ct_4sig_cutoff          480 
_pdbx_refine.number_reflns_obs_4sig_cutoff               8422 
_pdbx_refine.pdbx_refine_id                              'X-RAY DIFFRACTION' 
_pdbx_refine.free_R_error_no_cutoff                      ? 
# 
_struct.entry_id                  423D 
_struct.title                     "5'-D(*AP*CP*CP*GP*AP*CP*GP*TP*CP*GP*GP*T)-3'" 
_struct.pdbx_model_details        ? 
_struct.pdbx_CASP_flag            ? 
_struct.pdbx_model_type_details   ? 
# 
_struct_keywords.entry_id        423D 
_struct_keywords.pdbx_keywords   DNA 
_struct_keywords.text            'DOUBLE HELIX, DNA' 
# 
loop_
_struct_asym.id 
_struct_asym.pdbx_blank_PDB_chainid_flag 
_struct_asym.pdbx_modified 
_struct_asym.entity_id 
_struct_asym.details 
A N N 1 ? 
B N N 1 ? 
C N N 2 ? 
D N N 2 ? 
E N N 2 ? 
F N N 2 ? 
G N N 2 ? 
H N N 3 ? 
I N N 3 ? 
# 
_struct_ref.id                         1 
_struct_ref.entity_id                  1 
_struct_ref.db_name                    PDB 
_struct_ref.db_code                    423D 
_struct_ref.pdbx_db_accession          423D 
_struct_ref.pdbx_db_isoform            ? 
_struct_ref.pdbx_seq_one_letter_code   ? 
_struct_ref.pdbx_align_begin           ? 
# 
loop_
_struct_ref_seq.align_id 
_struct_ref_seq.ref_id 
_struct_ref_seq.pdbx_PDB_id_code 
_struct_ref_seq.pdbx_strand_id 
_struct_ref_seq.seq_align_beg 
_struct_ref_seq.pdbx_seq_align_beg_ins_code 
_struct_ref_seq.seq_align_end 
_struct_ref_seq.pdbx_seq_align_end_ins_code 
_struct_ref_seq.pdbx_db_accession 
_struct_ref_seq.db_align_beg 
_struct_ref_seq.pdbx_db_align_beg_ins_code 
_struct_ref_seq.db_align_end 
_struct_ref_seq.pdbx_db_align_end_ins_code 
_struct_ref_seq.pdbx_auth_seq_align_beg 
_struct_ref_seq.pdbx_auth_seq_align_end 
1 1 423D A 1 ? 12 ? 423D 1  ? 12 ? 1  12 
2 1 423D B 1 ? 12 ? 423D 13 ? 24 ? 13 24 
# 
_pdbx_struct_assembly.id                   1 
_pdbx_struct_assembly.details              author_defined_assembly 
_pdbx_struct_assembly.method_details       ? 
_pdbx_struct_assembly.oligomeric_details   dimeric 
_pdbx_struct_assembly.oligomeric_count     2 
# 
_pdbx_struct_assembly_gen.assembly_id       1 
_pdbx_struct_assembly_gen.oper_expression   1 
_pdbx_struct_assembly_gen.asym_id_list      A,B,C,D,E,F,G,H,I 
# 
_pdbx_struct_oper_list.id                   1 
_pdbx_struct_oper_list.type                 'identity operation' 
_pdbx_struct_oper_list.name                 1_555 
_pdbx_struct_oper_list.symmetry_operation   x,y,z 
_pdbx_struct_oper_list.matrix[1][1]         1.0000000000 
_pdbx_struct_oper_list.matrix[1][2]         0.0000000000 
_pdbx_struct_oper_list.matrix[1][3]         0.0000000000 
_pdbx_struct_oper_list.vector[1]            0.0000000000 
_pdbx_struct_oper_list.matrix[2][1]         0.0000000000 
_pdbx_struct_oper_list.matrix[2][2]         1.0000000000 
_pdbx_struct_oper_list.matrix[2][3]         0.0000000000 
_pdbx_struct_oper_list.vector[2]            0.0000000000 
_pdbx_struct_oper_list.matrix[3][1]         0.0000000000 
_pdbx_struct_oper_list.matrix[3][2]         0.0000000000 
_pdbx_struct_oper_list.matrix[3][3]         1.0000000000 
_pdbx_struct_oper_list.vector[3]            0.0000000000 
# 
_struct_biol.id   1 
# 
loop_
_struct_conn.id 
_struct_conn.conn_type_id 
_struct_conn.pdbx_leaving_atom_flag 
_struct_conn.pdbx_PDB_id 
_struct_conn.ptnr1_label_asym_id 
_struct_conn.ptnr1_label_comp_id 
_struct_conn.ptnr1_label_seq_id 
_struct_conn.ptnr1_label_atom_id 
_struct_conn.pdbx_ptnr1_label_alt_id 
_struct_conn.pdbx_ptnr1_PDB_ins_code 
_struct_conn.pdbx_ptnr1_standard_comp_id 
_struct_conn.ptnr1_symmetry 
_struct_conn.ptnr2_label_asym_id 
_struct_conn.ptnr2_label_comp_id 
_struct_conn.ptnr2_label_seq_id 
_struct_conn.ptnr2_label_atom_id 
_struct_conn.pdbx_ptnr2_label_alt_id 
_struct_conn.pdbx_ptnr2_PDB_ins_code 
_struct_conn.ptnr1_auth_asym_id 
_struct_conn.ptnr1_auth_comp_id 
_struct_conn.ptnr1_auth_seq_id 
_struct_conn.ptnr2_auth_asym_id 
_struct_conn.ptnr2_auth_comp_id 
_struct_conn.ptnr2_auth_seq_id 
_struct_conn.ptnr2_symmetry 
_struct_conn.pdbx_ptnr3_label_atom_id 
_struct_conn.pdbx_ptnr3_label_seq_id 
_struct_conn.pdbx_ptnr3_label_comp_id 
_struct_conn.pdbx_ptnr3_label_asym_id 
_struct_conn.pdbx_ptnr3_label_alt_id 
_struct_conn.pdbx_ptnr3_PDB_ins_code 
_struct_conn.details 
_struct_conn.pdbx_dist_value 
_struct_conn.pdbx_value_order 
_struct_conn.pdbx_role 
metalc1  metalc ? ? C MG  .  MG ? ? ? 1_555 H HOH .  O  ? ? A MG  26  A HOH 165 1_555 ? ? ? ? ? ? ?            2.076 ? ? 
metalc2  metalc ? ? C MG  .  MG ? ? ? 1_555 H HOH .  O  ? ? A MG  26  A HOH 166 1_555 ? ? ? ? ? ? ?            2.057 ? ? 
metalc3  metalc ? ? C MG  .  MG ? ? ? 1_555 H HOH .  O  ? ? A MG  26  A HOH 168 1_555 ? ? ? ? ? ? ?            2.060 ? ? 
metalc4  metalc ? ? C MG  .  MG ? ? ? 1_555 I HOH .  O  ? ? A MG  26  B HOH 163 1_555 ? ? ? ? ? ? ?            2.046 ? ? 
metalc5  metalc ? ? C MG  .  MG ? ? ? 1_555 I HOH .  O  ? ? A MG  26  B HOH 164 1_555 ? ? ? ? ? ? ?            2.014 ? ? 
metalc6  metalc ? ? C MG  .  MG ? ? ? 1_555 I HOH .  O  ? ? A MG  26  B HOH 167 1_555 ? ? ? ? ? ? ?            2.127 ? ? 
metalc7  metalc ? ? D MG  .  MG ? ? ? 1_555 H HOH .  O  ? ? A MG  29  A HOH 181 1_555 ? ? ? ? ? ? ?            2.043 ? ? 
metalc8  metalc ? ? D MG  .  MG ? ? ? 1_555 H HOH .  O  ? ? A MG  29  A HOH 182 1_555 ? ? ? ? ? ? ?            2.171 ? ? 
metalc9  metalc ? ? D MG  .  MG ? ? ? 1_555 H HOH .  O  ? ? A MG  29  A HOH 183 1_555 ? ? ? ? ? ? ?            2.023 ? ? 
metalc10 metalc ? ? D MG  .  MG ? ? ? 1_555 H HOH .  O  ? ? A MG  29  A HOH 184 1_555 ? ? ? ? ? ? ?            2.047 ? ? 
metalc11 metalc ? ? D MG  .  MG ? ? ? 1_555 H HOH .  O  ? ? A MG  29  A HOH 185 1_555 ? ? ? ? ? ? ?            1.967 ? ? 
metalc12 metalc ? ? D MG  .  MG ? ? ? 1_555 H HOH .  O  ? ? A MG  29  A HOH 186 1_555 ? ? ? ? ? ? ?            1.996 ? ? 
metalc13 metalc ? ? H HOH .  O  ? ? ? 1_555 E MG  .  MG ? ? A HOH 160 B MG  25  1_555 ? ? ? ? ? ? ?            2.137 ? ? 
metalc14 metalc ? ? H HOH .  O  ? ? ? 1_555 E MG  .  MG ? ? A HOH 161 B MG  25  1_555 ? ? ? ? ? ? ?            2.126 ? ? 
metalc15 metalc ? ? H HOH .  O  ? ? ? 1_555 F MG  .  MG ? ? A HOH 170 B MG  27  1_555 ? ? ? ? ? ? ?            2.010 ? ? 
metalc16 metalc ? ? H HOH .  O  ? ? ? 1_555 F MG  .  MG ? ? A HOH 171 B MG  27  1_555 ? ? ? ? ? ? ?            1.944 ? ? 
metalc17 metalc ? ? H HOH .  O  ? ? ? 1_555 F MG  .  MG ? ? A HOH 172 B MG  27  1_555 ? ? ? ? ? ? ?            2.020 ? ? 
metalc18 metalc ? ? H HOH .  O  ? ? ? 1_555 G MG  .  MG ? ? A HOH 178 B MG  28  1_555 ? ? ? ? ? ? ?            2.111 ? ? 
metalc19 metalc ? ? H HOH .  O  ? ? ? 1_555 G MG  .  MG ? ? A HOH 180 B MG  28  1_555 ? ? ? ? ? ? ?            2.118 ? ? 
metalc20 metalc ? ? E MG  .  MG ? ? ? 1_555 I HOH .  O  ? ? B MG  25  B HOH 157 1_555 ? ? ? ? ? ? ?            2.204 ? ? 
metalc21 metalc ? ? E MG  .  MG ? ? ? 1_555 I HOH .  O  ? ? B MG  25  B HOH 158 1_555 ? ? ? ? ? ? ?            2.072 ? ? 
metalc22 metalc ? ? E MG  .  MG ? ? ? 1_555 I HOH .  O  ? ? B MG  25  B HOH 159 1_555 ? ? ? ? ? ? ?            2.044 ? ? 
metalc23 metalc ? ? E MG  .  MG ? ? ? 1_555 I HOH .  O  ? ? B MG  25  B HOH 162 1_555 ? ? ? ? ? ? ?            2.117 ? ? 
metalc24 metalc ? ? F MG  .  MG ? ? ? 1_555 I HOH .  O  ? ? B MG  27  B HOH 169 1_555 ? ? ? ? ? ? ?            2.245 ? ? 
metalc25 metalc ? ? F MG  .  MG ? ? ? 1_555 I HOH .  O  ? ? B MG  27  B HOH 173 1_555 ? ? ? ? ? ? ?            2.086 ? ? 
metalc26 metalc ? ? F MG  .  MG ? ? ? 1_555 I HOH .  O  ? ? B MG  27  B HOH 174 1_555 ? ? ? ? ? ? ?            2.109 ? ? 
metalc27 metalc ? ? G MG  .  MG ? ? ? 1_555 I HOH .  O  ? ? B MG  28  B HOH 175 1_555 ? ? ? ? ? ? ?            1.928 ? ? 
metalc28 metalc ? ? G MG  .  MG ? ? ? 1_555 I HOH .  O  ? ? B MG  28  B HOH 176 1_555 ? ? ? ? ? ? ?            2.080 ? ? 
metalc29 metalc ? ? G MG  .  MG ? ? ? 1_555 I HOH .  O  ? ? B MG  28  B HOH 177 1_555 ? ? ? ? ? ? ?            2.118 ? ? 
metalc30 metalc ? ? G MG  .  MG ? ? ? 1_555 I HOH .  O  ? ? B MG  28  B HOH 179 1_555 ? ? ? ? ? ? ?            1.886 ? ? 
hydrog1  hydrog ? ? A DA  1  N1 ? ? ? 1_555 B DT  12 N3 ? ? A DA  1   B DT  24  1_555 ? ? ? ? ? ? WATSON-CRICK ?     ? ? 
hydrog2  hydrog ? ? A DA  1  N6 ? ? ? 1_555 B DT  12 O4 ? ? A DA  1   B DT  24  1_555 ? ? ? ? ? ? WATSON-CRICK ?     ? ? 
hydrog3  hydrog ? ? A DC  2  N3 ? ? ? 1_555 B DG  11 N1 ? ? A DC  2   B DG  23  1_555 ? ? ? ? ? ? WATSON-CRICK ?     ? ? 
hydrog4  hydrog ? ? A DC  2  N4 ? ? ? 1_555 B DG  11 O6 ? ? A DC  2   B DG  23  1_555 ? ? ? ? ? ? WATSON-CRICK ?     ? ? 
hydrog5  hydrog ? ? A DC  2  O2 ? ? ? 1_555 B DG  11 N2 ? ? A DC  2   B DG  23  1_555 ? ? ? ? ? ? WATSON-CRICK ?     ? ? 
hydrog6  hydrog ? ? A DC  3  N3 ? ? ? 1_555 B DG  10 N1 ? ? A DC  3   B DG  22  1_555 ? ? ? ? ? ? WATSON-CRICK ?     ? ? 
hydrog7  hydrog ? ? A DC  3  N4 ? ? ? 1_555 B DG  10 O6 ? ? A DC  3   B DG  22  1_555 ? ? ? ? ? ? WATSON-CRICK ?     ? ? 
hydrog8  hydrog ? ? A DC  3  O2 ? ? ? 1_555 B DG  10 N2 ? ? A DC  3   B DG  22  1_555 ? ? ? ? ? ? WATSON-CRICK ?     ? ? 
hydrog9  hydrog ? ? A DG  4  N1 ? ? ? 1_555 B DC  9  N3 ? ? A DG  4   B DC  21  1_555 ? ? ? ? ? ? WATSON-CRICK ?     ? ? 
hydrog10 hydrog ? ? A DG  4  N2 ? ? ? 1_555 B DC  9  O2 ? ? A DG  4   B DC  21  1_555 ? ? ? ? ? ? WATSON-CRICK ?     ? ? 
hydrog11 hydrog ? ? A DG  4  O6 ? ? ? 1_555 B DC  9  N4 ? ? A DG  4   B DC  21  1_555 ? ? ? ? ? ? WATSON-CRICK ?     ? ? 
hydrog12 hydrog ? ? A DA  5  N1 ? ? ? 1_555 B DT  8  N3 ? ? A DA  5   B DT  20  1_555 ? ? ? ? ? ? WATSON-CRICK ?     ? ? 
hydrog13 hydrog ? ? A DA  5  N6 ? ? ? 1_555 B DT  8  O4 ? ? A DA  5   B DT  20  1_555 ? ? ? ? ? ? WATSON-CRICK ?     ? ? 
hydrog14 hydrog ? ? A DC  6  N3 ? ? ? 1_555 B DG  7  N1 ? ? A DC  6   B DG  19  1_555 ? ? ? ? ? ? WATSON-CRICK ?     ? ? 
hydrog15 hydrog ? ? A DC  6  N4 ? ? ? 1_555 B DG  7  O6 ? ? A DC  6   B DG  19  1_555 ? ? ? ? ? ? WATSON-CRICK ?     ? ? 
hydrog16 hydrog ? ? A DC  6  O2 ? ? ? 1_555 B DG  7  N2 ? ? A DC  6   B DG  19  1_555 ? ? ? ? ? ? WATSON-CRICK ?     ? ? 
hydrog17 hydrog ? ? A DG  7  N1 ? ? ? 1_555 B DC  6  N3 ? ? A DG  7   B DC  18  1_555 ? ? ? ? ? ? WATSON-CRICK ?     ? ? 
hydrog18 hydrog ? ? A DG  7  N2 ? ? ? 1_555 B DC  6  O2 ? ? A DG  7   B DC  18  1_555 ? ? ? ? ? ? WATSON-CRICK ?     ? ? 
hydrog19 hydrog ? ? A DG  7  O6 ? ? ? 1_555 B DC  6  N4 ? ? A DG  7   B DC  18  1_555 ? ? ? ? ? ? WATSON-CRICK ?     ? ? 
hydrog20 hydrog ? ? A DT  8  N3 ? ? ? 1_555 B DA  5  N1 ? ? A DT  8   B DA  17  1_555 ? ? ? ? ? ? WATSON-CRICK ?     ? ? 
hydrog21 hydrog ? ? A DT  8  O4 ? ? ? 1_555 B DA  5  N6 ? ? A DT  8   B DA  17  1_555 ? ? ? ? ? ? WATSON-CRICK ?     ? ? 
hydrog22 hydrog ? ? A DC  9  N3 ? ? ? 1_555 B DG  4  N1 ? ? A DC  9   B DG  16  1_555 ? ? ? ? ? ? WATSON-CRICK ?     ? ? 
hydrog23 hydrog ? ? A DC  9  N4 ? ? ? 1_555 B DG  4  O6 ? ? A DC  9   B DG  16  1_555 ? ? ? ? ? ? WATSON-CRICK ?     ? ? 
hydrog24 hydrog ? ? A DC  9  O2 ? ? ? 1_555 B DG  4  N2 ? ? A DC  9   B DG  16  1_555 ? ? ? ? ? ? WATSON-CRICK ?     ? ? 
hydrog25 hydrog ? ? A DG  10 N1 ? ? ? 1_555 B DC  3  N3 ? ? A DG  10  B DC  15  1_555 ? ? ? ? ? ? WATSON-CRICK ?     ? ? 
hydrog26 hydrog ? ? A DG  10 N2 ? ? ? 1_555 B DC  3  O2 ? ? A DG  10  B DC  15  1_555 ? ? ? ? ? ? WATSON-CRICK ?     ? ? 
hydrog27 hydrog ? ? A DG  10 O6 ? ? ? 1_555 B DC  3  N4 ? ? A DG  10  B DC  15  1_555 ? ? ? ? ? ? WATSON-CRICK ?     ? ? 
hydrog28 hydrog ? ? A DG  11 N1 ? ? ? 1_555 B DC  2  N3 ? ? A DG  11  B DC  14  1_555 ? ? ? ? ? ? WATSON-CRICK ?     ? ? 
hydrog29 hydrog ? ? A DG  11 N2 ? ? ? 1_555 B DC  2  O2 ? ? A DG  11  B DC  14  1_555 ? ? ? ? ? ? WATSON-CRICK ?     ? ? 
hydrog30 hydrog ? ? A DG  11 O6 ? ? ? 1_555 B DC  2  N4 ? ? A DG  11  B DC  14  1_555 ? ? ? ? ? ? WATSON-CRICK ?     ? ? 
hydrog31 hydrog ? ? A DT  12 N3 ? ? ? 1_555 B DA  1  N1 ? ? A DT  12  B DA  13  1_555 ? ? ? ? ? ? WATSON-CRICK ?     ? ? 
hydrog32 hydrog ? ? A DT  12 O4 ? ? ? 1_555 B DA  1  N6 ? ? A DT  12  B DA  13  1_555 ? ? ? ? ? ? WATSON-CRICK ?     ? ? 
# 
loop_
_struct_conn_type.id 
_struct_conn_type.criteria 
_struct_conn_type.reference 
metalc ? ? 
hydrog ? ? 
# 
loop_
_pdbx_struct_conn_angle.id 
_pdbx_struct_conn_angle.ptnr1_label_atom_id 
_pdbx_struct_conn_angle.ptnr1_label_alt_id 
_pdbx_struct_conn_angle.ptnr1_label_asym_id 
_pdbx_struct_conn_angle.ptnr1_label_comp_id 
_pdbx_struct_conn_angle.ptnr1_label_seq_id 
_pdbx_struct_conn_angle.ptnr1_auth_atom_id 
_pdbx_struct_conn_angle.ptnr1_auth_asym_id 
_pdbx_struct_conn_angle.ptnr1_auth_comp_id 
_pdbx_struct_conn_angle.ptnr1_auth_seq_id 
_pdbx_struct_conn_angle.ptnr1_PDB_ins_code 
_pdbx_struct_conn_angle.ptnr1_symmetry 
_pdbx_struct_conn_angle.ptnr2_label_atom_id 
_pdbx_struct_conn_angle.ptnr2_label_alt_id 
_pdbx_struct_conn_angle.ptnr2_label_asym_id 
_pdbx_struct_conn_angle.ptnr2_label_comp_id 
_pdbx_struct_conn_angle.ptnr2_label_seq_id 
_pdbx_struct_conn_angle.ptnr2_auth_atom_id 
_pdbx_struct_conn_angle.ptnr2_auth_asym_id 
_pdbx_struct_conn_angle.ptnr2_auth_comp_id 
_pdbx_struct_conn_angle.ptnr2_auth_seq_id 
_pdbx_struct_conn_angle.ptnr2_PDB_ins_code 
_pdbx_struct_conn_angle.ptnr2_symmetry 
_pdbx_struct_conn_angle.ptnr3_label_atom_id 
_pdbx_struct_conn_angle.ptnr3_label_alt_id 
_pdbx_struct_conn_angle.ptnr3_label_asym_id 
_pdbx_struct_conn_angle.ptnr3_label_comp_id 
_pdbx_struct_conn_angle.ptnr3_label_seq_id 
_pdbx_struct_conn_angle.ptnr3_auth_atom_id 
_pdbx_struct_conn_angle.ptnr3_auth_asym_id 
_pdbx_struct_conn_angle.ptnr3_auth_comp_id 
_pdbx_struct_conn_angle.ptnr3_auth_seq_id 
_pdbx_struct_conn_angle.ptnr3_PDB_ins_code 
_pdbx_struct_conn_angle.ptnr3_symmetry 
_pdbx_struct_conn_angle.value 
_pdbx_struct_conn_angle.value_esd 
1  O ? H HOH . ? A HOH 165 ? 1_555 MG ? C MG . ? A MG 26 ? 1_555 O ? H HOH . ? A HOH 166 ? 1_555 92.0  ? 
2  O ? H HOH . ? A HOH 165 ? 1_555 MG ? C MG . ? A MG 26 ? 1_555 O ? H HOH . ? A HOH 168 ? 1_555 89.3  ? 
3  O ? H HOH . ? A HOH 166 ? 1_555 MG ? C MG . ? A MG 26 ? 1_555 O ? H HOH . ? A HOH 168 ? 1_555 90.5  ? 
4  O ? H HOH . ? A HOH 165 ? 1_555 MG ? C MG . ? A MG 26 ? 1_555 O ? I HOH . ? B HOH 163 ? 1_555 95.6  ? 
5  O ? H HOH . ? A HOH 166 ? 1_555 MG ? C MG . ? A MG 26 ? 1_555 O ? I HOH . ? B HOH 163 ? 1_555 86.9  ? 
6  O ? H HOH . ? A HOH 168 ? 1_555 MG ? C MG . ? A MG 26 ? 1_555 O ? I HOH . ? B HOH 163 ? 1_555 174.5 ? 
7  O ? H HOH . ? A HOH 165 ? 1_555 MG ? C MG . ? A MG 26 ? 1_555 O ? I HOH . ? B HOH 164 ? 1_555 88.4  ? 
8  O ? H HOH . ? A HOH 166 ? 1_555 MG ? C MG . ? A MG 26 ? 1_555 O ? I HOH . ? B HOH 164 ? 1_555 175.3 ? 
9  O ? H HOH . ? A HOH 168 ? 1_555 MG ? C MG . ? A MG 26 ? 1_555 O ? I HOH . ? B HOH 164 ? 1_555 94.2  ? 
10 O ? I HOH . ? B HOH 163 ? 1_555 MG ? C MG . ? A MG 26 ? 1_555 O ? I HOH . ? B HOH 164 ? 1_555 88.4  ? 
11 O ? H HOH . ? A HOH 165 ? 1_555 MG ? C MG . ? A MG 26 ? 1_555 O ? I HOH . ? B HOH 167 ? 1_555 176.5 ? 
12 O ? H HOH . ? A HOH 166 ? 1_555 MG ? C MG . ? A MG 26 ? 1_555 O ? I HOH . ? B HOH 167 ? 1_555 91.3  ? 
13 O ? H HOH . ? A HOH 168 ? 1_555 MG ? C MG . ? A MG 26 ? 1_555 O ? I HOH . ? B HOH 167 ? 1_555 89.8  ? 
14 O ? I HOH . ? B HOH 163 ? 1_555 MG ? C MG . ? A MG 26 ? 1_555 O ? I HOH . ? B HOH 167 ? 1_555 85.4  ? 
15 O ? I HOH . ? B HOH 164 ? 1_555 MG ? C MG . ? A MG 26 ? 1_555 O ? I HOH . ? B HOH 167 ? 1_555 88.4  ? 
16 O ? H HOH . ? A HOH 181 ? 1_555 MG ? D MG . ? A MG 29 ? 1_555 O ? H HOH . ? A HOH 182 ? 1_555 93.3  ? 
17 O ? H HOH . ? A HOH 181 ? 1_555 MG ? D MG . ? A MG 29 ? 1_555 O ? H HOH . ? A HOH 183 ? 1_555 89.0  ? 
18 O ? H HOH . ? A HOH 182 ? 1_555 MG ? D MG . ? A MG 29 ? 1_555 O ? H HOH . ? A HOH 183 ? 1_555 85.4  ? 
19 O ? H HOH . ? A HOH 181 ? 1_555 MG ? D MG . ? A MG 29 ? 1_555 O ? H HOH . ? A HOH 184 ? 1_555 87.1  ? 
20 O ? H HOH . ? A HOH 182 ? 1_555 MG ? D MG . ? A MG 29 ? 1_555 O ? H HOH . ? A HOH 184 ? 1_555 169.4 ? 
21 O ? H HOH . ? A HOH 183 ? 1_555 MG ? D MG . ? A MG 29 ? 1_555 O ? H HOH . ? A HOH 184 ? 1_555 84.0  ? 
22 O ? H HOH . ? A HOH 181 ? 1_555 MG ? D MG . ? A MG 29 ? 1_555 O ? H HOH . ? A HOH 185 ? 1_555 89.9  ? 
23 O ? H HOH . ? A HOH 182 ? 1_555 MG ? D MG . ? A MG 29 ? 1_555 O ? H HOH . ? A HOH 185 ? 1_555 89.6  ? 
24 O ? H HOH . ? A HOH 183 ? 1_555 MG ? D MG . ? A MG 29 ? 1_555 O ? H HOH . ? A HOH 185 ? 1_555 174.8 ? 
25 O ? H HOH . ? A HOH 184 ? 1_555 MG ? D MG . ? A MG 29 ? 1_555 O ? H HOH . ? A HOH 185 ? 1_555 101.1 ? 
26 O ? H HOH . ? A HOH 181 ? 1_555 MG ? D MG . ? A MG 29 ? 1_555 O ? H HOH . ? A HOH 186 ? 1_555 177.7 ? 
27 O ? H HOH . ? A HOH 182 ? 1_555 MG ? D MG . ? A MG 29 ? 1_555 O ? H HOH . ? A HOH 186 ? 1_555 85.2  ? 
28 O ? H HOH . ? A HOH 183 ? 1_555 MG ? D MG . ? A MG 29 ? 1_555 O ? H HOH . ? A HOH 186 ? 1_555 89.1  ? 
29 O ? H HOH . ? A HOH 184 ? 1_555 MG ? D MG . ? A MG 29 ? 1_555 O ? H HOH . ? A HOH 186 ? 1_555 94.1  ? 
30 O ? H HOH . ? A HOH 185 ? 1_555 MG ? D MG . ? A MG 29 ? 1_555 O ? H HOH . ? A HOH 186 ? 1_555 91.7  ? 
31 O ? H HOH . ? A HOH 160 ? 1_555 MG ? E MG . ? B MG 25 ? 1_555 O ? H HOH . ? A HOH 161 ? 1_555 88.4  ? 
32 O ? H HOH . ? A HOH 160 ? 1_555 MG ? E MG . ? B MG 25 ? 1_555 O ? I HOH . ? B HOH 157 ? 1_555 85.5  ? 
33 O ? H HOH . ? A HOH 161 ? 1_555 MG ? E MG . ? B MG 25 ? 1_555 O ? I HOH . ? B HOH 157 ? 1_555 85.9  ? 
34 O ? H HOH . ? A HOH 160 ? 1_555 MG ? E MG . ? B MG 25 ? 1_555 O ? I HOH . ? B HOH 158 ? 1_555 170.3 ? 
35 O ? H HOH . ? A HOH 161 ? 1_555 MG ? E MG . ? B MG 25 ? 1_555 O ? I HOH . ? B HOH 158 ? 1_555 92.6  ? 
36 O ? I HOH . ? B HOH 157 ? 1_555 MG ? E MG . ? B MG 25 ? 1_555 O ? I HOH . ? B HOH 158 ? 1_555 84.9  ? 
37 O ? H HOH . ? A HOH 160 ? 1_555 MG ? E MG . ? B MG 25 ? 1_555 O ? I HOH . ? B HOH 159 ? 1_555 87.7  ? 
38 O ? H HOH . ? A HOH 161 ? 1_555 MG ? E MG . ? B MG 25 ? 1_555 O ? I HOH . ? B HOH 159 ? 1_555 176.1 ? 
39 O ? I HOH . ? B HOH 157 ? 1_555 MG ? E MG . ? B MG 25 ? 1_555 O ? I HOH . ? B HOH 159 ? 1_555 93.7  ? 
40 O ? I HOH . ? B HOH 158 ? 1_555 MG ? E MG . ? B MG 25 ? 1_555 O ? I HOH . ? B HOH 159 ? 1_555 91.2  ? 
41 O ? H HOH . ? A HOH 160 ? 1_555 MG ? E MG . ? B MG 25 ? 1_555 O ? I HOH . ? B HOH 162 ? 1_555 92.5  ? 
42 O ? H HOH . ? A HOH 161 ? 1_555 MG ? E MG . ? B MG 25 ? 1_555 O ? I HOH . ? B HOH 162 ? 1_555 89.1  ? 
43 O ? I HOH . ? B HOH 157 ? 1_555 MG ? E MG . ? B MG 25 ? 1_555 O ? I HOH . ? B HOH 162 ? 1_555 174.7 ? 
44 O ? I HOH . ? B HOH 158 ? 1_555 MG ? E MG . ? B MG 25 ? 1_555 O ? I HOH . ? B HOH 162 ? 1_555 97.2  ? 
45 O ? I HOH . ? B HOH 159 ? 1_555 MG ? E MG . ? B MG 25 ? 1_555 O ? I HOH . ? B HOH 162 ? 1_555 91.2  ? 
46 O ? H HOH . ? A HOH 170 ? 1_555 MG ? F MG . ? B MG 27 ? 1_555 O ? H HOH . ? A HOH 171 ? 1_555 99.2  ? 
47 O ? H HOH . ? A HOH 170 ? 1_555 MG ? F MG . ? B MG 27 ? 1_555 O ? H HOH . ? A HOH 172 ? 1_555 175.3 ? 
48 O ? H HOH . ? A HOH 171 ? 1_555 MG ? F MG . ? B MG 27 ? 1_555 O ? H HOH . ? A HOH 172 ? 1_555 85.0  ? 
49 O ? H HOH . ? A HOH 170 ? 1_555 MG ? F MG . ? B MG 27 ? 1_555 O ? I HOH . ? B HOH 169 ? 1_555 90.7  ? 
50 O ? H HOH . ? A HOH 171 ? 1_555 MG ? F MG . ? B MG 27 ? 1_555 O ? I HOH . ? B HOH 169 ? 1_555 89.1  ? 
51 O ? H HOH . ? A HOH 172 ? 1_555 MG ? F MG . ? B MG 27 ? 1_555 O ? I HOH . ? B HOH 169 ? 1_555 87.1  ? 
52 O ? H HOH . ? A HOH 170 ? 1_555 MG ? F MG . ? B MG 27 ? 1_555 O ? I HOH . ? B HOH 173 ? 1_555 83.9  ? 
53 O ? H HOH . ? A HOH 171 ? 1_555 MG ? F MG . ? B MG 27 ? 1_555 O ? I HOH . ? B HOH 173 ? 1_555 176.3 ? 
54 O ? H HOH . ? A HOH 172 ? 1_555 MG ? F MG . ? B MG 27 ? 1_555 O ? I HOH . ? B HOH 173 ? 1_555 91.9  ? 
55 O ? I HOH . ? B HOH 169 ? 1_555 MG ? F MG . ? B MG 27 ? 1_555 O ? I HOH . ? B HOH 173 ? 1_555 88.8  ? 
56 O ? H HOH . ? A HOH 170 ? 1_555 MG ? F MG . ? B MG 27 ? 1_555 O ? I HOH . ? B HOH 174 ? 1_555 90.7  ? 
57 O ? H HOH . ? A HOH 171 ? 1_555 MG ? F MG . ? B MG 27 ? 1_555 O ? I HOH . ? B HOH 174 ? 1_555 91.7  ? 
58 O ? H HOH . ? A HOH 172 ? 1_555 MG ? F MG . ? B MG 27 ? 1_555 O ? I HOH . ? B HOH 174 ? 1_555 91.4  ? 
59 O ? I HOH . ? B HOH 169 ? 1_555 MG ? F MG . ? B MG 27 ? 1_555 O ? I HOH . ? B HOH 174 ? 1_555 178.2 ? 
60 O ? I HOH . ? B HOH 173 ? 1_555 MG ? F MG . ? B MG 27 ? 1_555 O ? I HOH . ? B HOH 174 ? 1_555 90.3  ? 
61 O ? H HOH . ? A HOH 178 ? 1_555 MG ? G MG . ? B MG 28 ? 1_555 O ? H HOH . ? A HOH 180 ? 1_555 82.8  ? 
62 O ? H HOH . ? A HOH 178 ? 1_555 MG ? G MG . ? B MG 28 ? 1_555 O ? I HOH . ? B HOH 175 ? 1_555 98.4  ? 
63 O ? H HOH . ? A HOH 180 ? 1_555 MG ? G MG . ? B MG 28 ? 1_555 O ? I HOH . ? B HOH 175 ? 1_555 175.3 ? 
64 O ? H HOH . ? A HOH 178 ? 1_555 MG ? G MG . ? B MG 28 ? 1_555 O ? I HOH . ? B HOH 176 ? 1_555 168.5 ? 
65 O ? H HOH . ? A HOH 180 ? 1_555 MG ? G MG . ? B MG 28 ? 1_555 O ? I HOH . ? B HOH 176 ? 1_555 86.2  ? 
66 O ? I HOH . ? B HOH 175 ? 1_555 MG ? G MG . ? B MG 28 ? 1_555 O ? I HOH . ? B HOH 176 ? 1_555 92.4  ? 
67 O ? H HOH . ? A HOH 178 ? 1_555 MG ? G MG . ? B MG 28 ? 1_555 O ? I HOH . ? B HOH 177 ? 1_555 87.2  ? 
68 O ? H HOH . ? A HOH 180 ? 1_555 MG ? G MG . ? B MG 28 ? 1_555 O ? I HOH . ? B HOH 177 ? 1_555 89.5  ? 
69 O ? I HOH . ? B HOH 175 ? 1_555 MG ? G MG . ? B MG 28 ? 1_555 O ? I HOH . ? B HOH 177 ? 1_555 86.1  ? 
70 O ? I HOH . ? B HOH 176 ? 1_555 MG ? G MG . ? B MG 28 ? 1_555 O ? I HOH . ? B HOH 177 ? 1_555 89.8  ? 
71 O ? H HOH . ? A HOH 178 ? 1_555 MG ? G MG . ? B MG 28 ? 1_555 O ? I HOH . ? B HOH 179 ? 1_555 94.9  ? 
72 O ? H HOH . ? A HOH 180 ? 1_555 MG ? G MG . ? B MG 28 ? 1_555 O ? I HOH . ? B HOH 179 ? 1_555 87.2  ? 
73 O ? I HOH . ? B HOH 175 ? 1_555 MG ? G MG . ? B MG 28 ? 1_555 O ? I HOH . ? B HOH 179 ? 1_555 97.1  ? 
74 O ? I HOH . ? B HOH 176 ? 1_555 MG ? G MG . ? B MG 28 ? 1_555 O ? I HOH . ? B HOH 179 ? 1_555 87.5  ? 
75 O ? I HOH . ? B HOH 177 ? 1_555 MG ? G MG . ? B MG 28 ? 1_555 O ? I HOH . ? B HOH 179 ? 1_555 175.9 ? 
# 
loop_
_struct_site.id 
_struct_site.pdbx_evidence_code 
_struct_site.pdbx_auth_asym_id 
_struct_site.pdbx_auth_comp_id 
_struct_site.pdbx_auth_seq_id 
_struct_site.pdbx_auth_ins_code 
_struct_site.pdbx_num_residues 
_struct_site.details 
AC1 Software B MG 25 ? 6 'BINDING SITE FOR RESIDUE MG B 25' 
AC2 Software A MG 26 ? 6 'BINDING SITE FOR RESIDUE MG A 26' 
AC3 Software B MG 27 ? 6 'BINDING SITE FOR RESIDUE MG B 27' 
AC4 Software B MG 28 ? 6 'BINDING SITE FOR RESIDUE MG B 28' 
AC5 Software A MG 29 ? 6 'BINDING SITE FOR RESIDUE MG A 29' 
# 
loop_
_struct_site_gen.id 
_struct_site_gen.site_id 
_struct_site_gen.pdbx_num_res 
_struct_site_gen.label_comp_id 
_struct_site_gen.label_asym_id 
_struct_site_gen.label_seq_id 
_struct_site_gen.pdbx_auth_ins_code 
_struct_site_gen.auth_comp_id 
_struct_site_gen.auth_asym_id 
_struct_site_gen.auth_seq_id 
_struct_site_gen.label_atom_id 
_struct_site_gen.label_alt_id 
_struct_site_gen.symmetry 
_struct_site_gen.details 
1  AC1 6 HOH H . ? HOH A 160 . ? 1_555 ? 
2  AC1 6 HOH H . ? HOH A 161 . ? 1_555 ? 
3  AC1 6 HOH I . ? HOH B 157 . ? 1_555 ? 
4  AC1 6 HOH I . ? HOH B 158 . ? 1_555 ? 
5  AC1 6 HOH I . ? HOH B 159 . ? 1_555 ? 
6  AC1 6 HOH I . ? HOH B 162 . ? 1_555 ? 
7  AC2 6 HOH H . ? HOH A 165 . ? 1_555 ? 
8  AC2 6 HOH H . ? HOH A 166 . ? 1_555 ? 
9  AC2 6 HOH H . ? HOH A 168 . ? 1_555 ? 
10 AC2 6 HOH I . ? HOH B 163 . ? 1_555 ? 
11 AC2 6 HOH I . ? HOH B 164 . ? 1_555 ? 
12 AC2 6 HOH I . ? HOH B 167 . ? 1_555 ? 
13 AC3 6 HOH H . ? HOH A 170 . ? 1_555 ? 
14 AC3 6 HOH H . ? HOH A 171 . ? 1_555 ? 
15 AC3 6 HOH H . ? HOH A 172 . ? 1_555 ? 
16 AC3 6 HOH I . ? HOH B 169 . ? 1_555 ? 
17 AC3 6 HOH I . ? HOH B 173 . ? 1_555 ? 
18 AC3 6 HOH I . ? HOH B 174 . ? 1_555 ? 
19 AC4 6 HOH H . ? HOH A 178 . ? 1_555 ? 
20 AC4 6 HOH H . ? HOH A 180 . ? 1_555 ? 
21 AC4 6 HOH I . ? HOH B 175 . ? 1_555 ? 
22 AC4 6 HOH I . ? HOH B 176 . ? 1_555 ? 
23 AC4 6 HOH I . ? HOH B 177 . ? 1_555 ? 
24 AC4 6 HOH I . ? HOH B 179 . ? 1_555 ? 
25 AC5 6 HOH H . ? HOH A 181 . ? 1_555 ? 
26 AC5 6 HOH H . ? HOH A 182 . ? 1_555 ? 
27 AC5 6 HOH H . ? HOH A 183 . ? 1_555 ? 
28 AC5 6 HOH H . ? HOH A 184 . ? 1_555 ? 
29 AC5 6 HOH H . ? HOH A 185 . ? 1_555 ? 
30 AC5 6 HOH H . ? HOH A 186 . ? 1_555 ? 
# 
loop_
_pdbx_validate_rmsd_angle.id 
_pdbx_validate_rmsd_angle.PDB_model_num 
_pdbx_validate_rmsd_angle.auth_atom_id_1 
_pdbx_validate_rmsd_angle.auth_asym_id_1 
_pdbx_validate_rmsd_angle.auth_comp_id_1 
_pdbx_validate_rmsd_angle.auth_seq_id_1 
_pdbx_validate_rmsd_angle.PDB_ins_code_1 
_pdbx_validate_rmsd_angle.label_alt_id_1 
_pdbx_validate_rmsd_angle.auth_atom_id_2 
_pdbx_validate_rmsd_angle.auth_asym_id_2 
_pdbx_validate_rmsd_angle.auth_comp_id_2 
_pdbx_validate_rmsd_angle.auth_seq_id_2 
_pdbx_validate_rmsd_angle.PDB_ins_code_2 
_pdbx_validate_rmsd_angle.label_alt_id_2 
_pdbx_validate_rmsd_angle.auth_atom_id_3 
_pdbx_validate_rmsd_angle.auth_asym_id_3 
_pdbx_validate_rmsd_angle.auth_comp_id_3 
_pdbx_validate_rmsd_angle.auth_seq_id_3 
_pdbx_validate_rmsd_angle.PDB_ins_code_3 
_pdbx_validate_rmsd_angle.label_alt_id_3 
_pdbx_validate_rmsd_angle.angle_value 
_pdbx_validate_rmsd_angle.angle_target_value 
_pdbx_validate_rmsd_angle.angle_deviation 
_pdbx_validate_rmsd_angle.angle_standard_deviation 
_pdbx_validate_rmsd_angle.linker_flag 
1  1 "O4'" A DA 1  ? ? "C1'" A DA 1  ? ? N9    A DA 1  ? ? 102.38 108.00 -5.62 0.70 N 
2  1 C2    A DA 1  ? ? N3    A DA 1  ? ? C4    A DA 1  ? ? 105.78 110.60 -4.81 0.50 N 
3  1 N3    A DA 1  ? ? C4    A DA 1  ? ? C5    A DA 1  ? ? 131.06 126.80 4.26  0.70 N 
4  1 N1    A DA 1  ? ? C6    A DA 1  ? ? N6    A DA 1  ? ? 125.26 118.60 6.66  0.60 N 
5  1 C5    A DA 1  ? ? C6    A DA 1  ? ? N6    A DA 1  ? ? 118.35 123.70 -5.35 0.80 N 
6  1 "O4'" A DC 2  ? ? "C1'" A DC 2  ? ? N1    A DC 2  ? ? 103.46 108.00 -4.54 0.70 N 
7  1 "O4'" A DC 3  ? ? "C1'" A DC 3  ? ? N1    A DC 3  ? ? 101.02 108.00 -6.98 0.70 N 
8  1 N1    A DC 3  ? ? C2    A DC 3  ? ? O2    A DC 3  ? ? 124.55 118.90 5.65  0.60 N 
9  1 N3    A DC 3  ? ? C2    A DC 3  ? ? O2    A DC 3  ? ? 116.57 121.90 -5.33 0.70 N 
10 1 C6    A DG 4  ? ? N1    A DG 4  ? ? C2    A DG 4  ? ? 129.73 125.10 4.63  0.60 N 
11 1 C5    A DG 4  ? ? N7    A DG 4  ? ? C8    A DG 4  ? ? 101.24 104.30 -3.06 0.50 N 
12 1 N1    A DG 4  ? ? C6    A DG 4  ? ? O6    A DG 4  ? ? 126.15 119.90 6.25  0.60 N 
13 1 C5    A DG 4  ? ? C6    A DG 4  ? ? O6    A DG 4  ? ? 124.27 128.60 -4.33 0.60 N 
14 1 C4    A DA 5  ? ? C5    A DA 5  ? ? C6    A DA 5  ? ? 120.67 117.00 3.67  0.50 N 
15 1 "O4'" A DC 6  ? ? "C1'" A DC 6  ? ? N1    A DC 6  ? ? 102.25 108.00 -5.75 0.70 N 
16 1 C2    A DC 6  ? ? N3    A DC 6  ? ? C4    A DC 6  ? ? 125.49 119.90 5.59  0.50 N 
17 1 N3    A DC 6  ? ? C4    A DC 6  ? ? C5    A DC 6  ? ? 118.56 121.90 -3.34 0.40 N 
18 1 "O4'" A DG 7  ? ? "C1'" A DG 7  ? ? N9    A DG 7  ? ? 102.97 108.00 -5.03 0.70 N 
19 1 C6    A DG 7  ? ? N1    A DG 7  ? ? C2    A DG 7  ? ? 120.96 125.10 -4.14 0.60 N 
20 1 N3    A DG 7  ? ? C4    A DG 7  ? ? C5    A DG 7  ? ? 125.52 128.60 -3.08 0.50 N 
21 1 "O4'" A DC 9  ? ? "C1'" A DC 9  ? ? N1    A DC 9  ? ? 100.58 108.00 -7.42 0.70 N 
22 1 C2    A DC 9  ? ? N3    A DC 9  ? ? C4    A DC 9  ? ? 123.86 119.90 3.96  0.50 N 
23 1 N3    A DC 9  ? ? C2    A DC 9  ? ? O2    A DC 9  ? ? 127.11 121.90 5.21  0.70 N 
24 1 C2    A DG 10 ? ? N3    A DG 10 ? ? C4    A DG 10 ? ? 107.40 111.90 -4.50 0.50 N 
25 1 C5    A DG 10 ? ? C6    A DG 10 ? ? N1    A DG 10 ? ? 107.52 111.50 -3.98 0.50 N 
26 1 "O4'" A DT 12 ? ? "C4'" A DT 12 ? ? "C3'" A DT 12 ? ? 101.49 104.50 -3.01 0.40 N 
27 1 "O4'" A DT 12 ? ? "C1'" A DT 12 ? ? N1    A DT 12 ? ? 102.55 108.00 -5.45 0.70 N 
28 1 N1    B DA 13 ? ? C2    B DA 13 ? ? N3    B DA 13 ? ? 132.38 129.30 3.08  0.50 N 
29 1 "O4'" B DC 14 ? ? "C1'" B DC 14 ? ? N1    B DC 14 ? ? 103.27 108.00 -4.73 0.70 N 
30 1 C6    B DC 14 ? ? N1    B DC 14 ? ? C2    B DC 14 ? ? 115.98 120.30 -4.32 0.40 N 
31 1 C2    B DC 14 ? ? N3    B DC 14 ? ? C4    B DC 14 ? ? 126.94 119.90 7.04  0.50 N 
32 1 N3    B DC 14 ? ? C4    B DC 14 ? ? C5    B DC 14 ? ? 118.00 121.90 -3.90 0.40 N 
33 1 C4    B DC 14 ? ? C5    B DC 14 ? ? C6    B DC 14 ? ? 113.20 117.40 -4.20 0.50 N 
34 1 C5    B DC 14 ? ? C6    B DC 14 ? ? N1    B DC 14 ? ? 129.34 121.00 8.34  0.50 N 
35 1 "O4'" B DC 15 ? ? "C1'" B DC 15 ? ? N1    B DC 15 ? ? 100.90 108.00 -7.10 0.70 N 
36 1 "C3'" B DG 16 ? ? "C2'" B DG 16 ? ? "C1'" B DG 16 ? ? 97.43  102.40 -4.97 0.80 N 
37 1 "C3'" B DG 16 ? ? "O3'" B DG 16 ? ? P     B DA 17 ? ? 127.68 119.70 7.98  1.20 Y 
38 1 C6    B DA 17 ? ? N1    B DA 17 ? ? C2    B DA 17 ? ? 111.47 118.60 -7.13 0.60 N 
39 1 N1    B DA 17 ? ? C2    B DA 17 ? ? N3    B DA 17 ? ? 135.08 129.30 5.78  0.50 N 
40 1 C5    B DA 17 ? ? C6    B DA 17 ? ? N1    B DA 17 ? ? 121.34 117.70 3.64  0.50 N 
41 1 C5    B DA 17 ? ? N7    B DA 17 ? ? C8    B DA 17 ? ? 106.98 103.90 3.08  0.50 N 
42 1 N7    B DA 17 ? ? C8    B DA 17 ? ? N9    B DA 17 ? ? 110.65 113.80 -3.15 0.50 N 
43 1 N1    B DA 17 ? ? C6    B DA 17 ? ? N6    B DA 17 ? ? 114.55 118.60 -4.05 0.60 N 
44 1 "C3'" B DC 18 ? ? "C2'" B DC 18 ? ? "C1'" B DC 18 ? ? 97.03  102.40 -5.37 0.80 N 
45 1 C2    B DG 19 ? ? N3    B DG 19 ? ? C4    B DG 19 ? ? 116.24 111.90 4.34  0.50 N 
46 1 C4    B DG 19 ? ? C5    B DG 19 ? ? C6    B DG 19 ? ? 115.02 118.80 -3.78 0.60 N 
47 1 C5    B DG 19 ? ? C6    B DG 19 ? ? N1    B DG 19 ? ? 117.04 111.50 5.54  0.50 N 
48 1 C5    B DG 19 ? ? N7    B DG 19 ? ? C8    B DG 19 ? ? 107.33 104.30 3.03  0.50 N 
49 1 N7    B DG 19 ? ? C8    B DG 19 ? ? N9    B DG 19 ? ? 109.43 113.10 -3.67 0.50 N 
50 1 C8    B DG 19 ? ? N9    B DG 19 ? ? C4    B DG 19 ? ? 109.38 106.40 2.98  0.40 N 
51 1 C6    B DG 19 ? ? C5    B DG 19 ? ? N7    B DG 19 ? ? 134.29 130.40 3.89  0.60 N 
52 1 "O4'" B DT 20 ? ? "C1'" B DT 20 ? ? N1    B DT 20 ? ? 101.00 108.00 -7.00 0.70 N 
53 1 C5    B DT 20 ? ? C4    B DT 20 ? ? O4    B DT 20 ? ? 120.44 124.90 -4.46 0.70 N 
54 1 "C3'" B DC 21 ? ? "C2'" B DC 21 ? ? "C1'" B DC 21 ? ? 97.40  102.40 -5.00 0.80 N 
55 1 C5    B DG 23 ? ? C6    B DG 23 ? ? N1    B DG 23 ? ? 114.57 111.50 3.07  0.50 N 
56 1 C8    B DG 23 ? ? N9    B DG 23 ? ? C4    B DG 23 ? ? 109.69 106.40 3.29  0.40 N 
57 1 "O4'" B DT 24 ? ? "C4'" B DT 24 ? ? "C3'" B DT 24 ? ? 102.09 104.50 -2.41 0.40 N 
58 1 N1    B DT 24 ? ? C2    B DT 24 ? ? O2    B DT 24 ? ? 117.49 123.10 -5.61 0.80 N 
59 1 N3    B DT 24 ? ? C2    B DT 24 ? ? O2    B DT 24 ? ? 128.65 122.30 6.35  0.60 N 
60 1 N3    B DT 24 ? ? C4    B DT 24 ? ? O4    B DT 24 ? ? 123.65 119.90 3.75  0.60 N 
61 1 C6    B DT 24 ? ? C5    B DT 24 ? ? C7    B DT 24 ? ? 127.22 122.90 4.32  0.60 N 
# 
loop_
_pdbx_struct_special_symmetry.id 
_pdbx_struct_special_symmetry.PDB_model_num 
_pdbx_struct_special_symmetry.auth_asym_id 
_pdbx_struct_special_symmetry.auth_comp_id 
_pdbx_struct_special_symmetry.auth_seq_id 
_pdbx_struct_special_symmetry.PDB_ins_code 
_pdbx_struct_special_symmetry.label_asym_id 
_pdbx_struct_special_symmetry.label_comp_id 
_pdbx_struct_special_symmetry.label_seq_id 
1 1 A HOH 133 ? H HOH . 
2 1 A HOH 150 ? H HOH . 
# 
loop_
_chem_comp_atom.comp_id 
_chem_comp_atom.atom_id 
_chem_comp_atom.type_symbol 
_chem_comp_atom.pdbx_aromatic_flag 
_chem_comp_atom.pdbx_stereo_config 
_chem_comp_atom.pdbx_ordinal 
DA  OP3    O  N N 1   
DA  P      P  N N 2   
DA  OP1    O  N N 3   
DA  OP2    O  N N 4   
DA  "O5'"  O  N N 5   
DA  "C5'"  C  N N 6   
DA  "C4'"  C  N R 7   
DA  "O4'"  O  N N 8   
DA  "C3'"  C  N S 9   
DA  "O3'"  O  N N 10  
DA  "C2'"  C  N N 11  
DA  "C1'"  C  N R 12  
DA  N9     N  Y N 13  
DA  C8     C  Y N 14  
DA  N7     N  Y N 15  
DA  C5     C  Y N 16  
DA  C6     C  Y N 17  
DA  N6     N  N N 18  
DA  N1     N  Y N 19  
DA  C2     C  Y N 20  
DA  N3     N  Y N 21  
DA  C4     C  Y N 22  
DA  HOP3   H  N N 23  
DA  HOP2   H  N N 24  
DA  "H5'"  H  N N 25  
DA  "H5''" H  N N 26  
DA  "H4'"  H  N N 27  
DA  "H3'"  H  N N 28  
DA  "HO3'" H  N N 29  
DA  "H2'"  H  N N 30  
DA  "H2''" H  N N 31  
DA  "H1'"  H  N N 32  
DA  H8     H  N N 33  
DA  H61    H  N N 34  
DA  H62    H  N N 35  
DA  H2     H  N N 36  
DC  OP3    O  N N 37  
DC  P      P  N N 38  
DC  OP1    O  N N 39  
DC  OP2    O  N N 40  
DC  "O5'"  O  N N 41  
DC  "C5'"  C  N N 42  
DC  "C4'"  C  N R 43  
DC  "O4'"  O  N N 44  
DC  "C3'"  C  N S 45  
DC  "O3'"  O  N N 46  
DC  "C2'"  C  N N 47  
DC  "C1'"  C  N R 48  
DC  N1     N  N N 49  
DC  C2     C  N N 50  
DC  O2     O  N N 51  
DC  N3     N  N N 52  
DC  C4     C  N N 53  
DC  N4     N  N N 54  
DC  C5     C  N N 55  
DC  C6     C  N N 56  
DC  HOP3   H  N N 57  
DC  HOP2   H  N N 58  
DC  "H5'"  H  N N 59  
DC  "H5''" H  N N 60  
DC  "H4'"  H  N N 61  
DC  "H3'"  H  N N 62  
DC  "HO3'" H  N N 63  
DC  "H2'"  H  N N 64  
DC  "H2''" H  N N 65  
DC  "H1'"  H  N N 66  
DC  H41    H  N N 67  
DC  H42    H  N N 68  
DC  H5     H  N N 69  
DC  H6     H  N N 70  
DG  OP3    O  N N 71  
DG  P      P  N N 72  
DG  OP1    O  N N 73  
DG  OP2    O  N N 74  
DG  "O5'"  O  N N 75  
DG  "C5'"  C  N N 76  
DG  "C4'"  C  N R 77  
DG  "O4'"  O  N N 78  
DG  "C3'"  C  N S 79  
DG  "O3'"  O  N N 80  
DG  "C2'"  C  N N 81  
DG  "C1'"  C  N R 82  
DG  N9     N  Y N 83  
DG  C8     C  Y N 84  
DG  N7     N  Y N 85  
DG  C5     C  Y N 86  
DG  C6     C  N N 87  
DG  O6     O  N N 88  
DG  N1     N  N N 89  
DG  C2     C  N N 90  
DG  N2     N  N N 91  
DG  N3     N  N N 92  
DG  C4     C  Y N 93  
DG  HOP3   H  N N 94  
DG  HOP2   H  N N 95  
DG  "H5'"  H  N N 96  
DG  "H5''" H  N N 97  
DG  "H4'"  H  N N 98  
DG  "H3'"  H  N N 99  
DG  "HO3'" H  N N 100 
DG  "H2'"  H  N N 101 
DG  "H2''" H  N N 102 
DG  "H1'"  H  N N 103 
DG  H8     H  N N 104 
DG  H1     H  N N 105 
DG  H21    H  N N 106 
DG  H22    H  N N 107 
DT  OP3    O  N N 108 
DT  P      P  N N 109 
DT  OP1    O  N N 110 
DT  OP2    O  N N 111 
DT  "O5'"  O  N N 112 
DT  "C5'"  C  N N 113 
DT  "C4'"  C  N R 114 
DT  "O4'"  O  N N 115 
DT  "C3'"  C  N S 116 
DT  "O3'"  O  N N 117 
DT  "C2'"  C  N N 118 
DT  "C1'"  C  N R 119 
DT  N1     N  N N 120 
DT  C2     C  N N 121 
DT  O2     O  N N 122 
DT  N3     N  N N 123 
DT  C4     C  N N 124 
DT  O4     O  N N 125 
DT  C5     C  N N 126 
DT  C7     C  N N 127 
DT  C6     C  N N 128 
DT  HOP3   H  N N 129 
DT  HOP2   H  N N 130 
DT  "H5'"  H  N N 131 
DT  "H5''" H  N N 132 
DT  "H4'"  H  N N 133 
DT  "H3'"  H  N N 134 
DT  "HO3'" H  N N 135 
DT  "H2'"  H  N N 136 
DT  "H2''" H  N N 137 
DT  "H1'"  H  N N 138 
DT  H3     H  N N 139 
DT  H71    H  N N 140 
DT  H72    H  N N 141 
DT  H73    H  N N 142 
DT  H6     H  N N 143 
HOH O      O  N N 144 
HOH H1     H  N N 145 
HOH H2     H  N N 146 
MG  MG     MG N N 147 
# 
loop_
_chem_comp_bond.comp_id 
_chem_comp_bond.atom_id_1 
_chem_comp_bond.atom_id_2 
_chem_comp_bond.value_order 
_chem_comp_bond.pdbx_aromatic_flag 
_chem_comp_bond.pdbx_stereo_config 
_chem_comp_bond.pdbx_ordinal 
DA  OP3   P      sing N N 1   
DA  OP3   HOP3   sing N N 2   
DA  P     OP1    doub N N 3   
DA  P     OP2    sing N N 4   
DA  P     "O5'"  sing N N 5   
DA  OP2   HOP2   sing N N 6   
DA  "O5'" "C5'"  sing N N 7   
DA  "C5'" "C4'"  sing N N 8   
DA  "C5'" "H5'"  sing N N 9   
DA  "C5'" "H5''" sing N N 10  
DA  "C4'" "O4'"  sing N N 11  
DA  "C4'" "C3'"  sing N N 12  
DA  "C4'" "H4'"  sing N N 13  
DA  "O4'" "C1'"  sing N N 14  
DA  "C3'" "O3'"  sing N N 15  
DA  "C3'" "C2'"  sing N N 16  
DA  "C3'" "H3'"  sing N N 17  
DA  "O3'" "HO3'" sing N N 18  
DA  "C2'" "C1'"  sing N N 19  
DA  "C2'" "H2'"  sing N N 20  
DA  "C2'" "H2''" sing N N 21  
DA  "C1'" N9     sing N N 22  
DA  "C1'" "H1'"  sing N N 23  
DA  N9    C8     sing Y N 24  
DA  N9    C4     sing Y N 25  
DA  C8    N7     doub Y N 26  
DA  C8    H8     sing N N 27  
DA  N7    C5     sing Y N 28  
DA  C5    C6     sing Y N 29  
DA  C5    C4     doub Y N 30  
DA  C6    N6     sing N N 31  
DA  C6    N1     doub Y N 32  
DA  N6    H61    sing N N 33  
DA  N6    H62    sing N N 34  
DA  N1    C2     sing Y N 35  
DA  C2    N3     doub Y N 36  
DA  C2    H2     sing N N 37  
DA  N3    C4     sing Y N 38  
DC  OP3   P      sing N N 39  
DC  OP3   HOP3   sing N N 40  
DC  P     OP1    doub N N 41  
DC  P     OP2    sing N N 42  
DC  P     "O5'"  sing N N 43  
DC  OP2   HOP2   sing N N 44  
DC  "O5'" "C5'"  sing N N 45  
DC  "C5'" "C4'"  sing N N 46  
DC  "C5'" "H5'"  sing N N 47  
DC  "C5'" "H5''" sing N N 48  
DC  "C4'" "O4'"  sing N N 49  
DC  "C4'" "C3'"  sing N N 50  
DC  "C4'" "H4'"  sing N N 51  
DC  "O4'" "C1'"  sing N N 52  
DC  "C3'" "O3'"  sing N N 53  
DC  "C3'" "C2'"  sing N N 54  
DC  "C3'" "H3'"  sing N N 55  
DC  "O3'" "HO3'" sing N N 56  
DC  "C2'" "C1'"  sing N N 57  
DC  "C2'" "H2'"  sing N N 58  
DC  "C2'" "H2''" sing N N 59  
DC  "C1'" N1     sing N N 60  
DC  "C1'" "H1'"  sing N N 61  
DC  N1    C2     sing N N 62  
DC  N1    C6     sing N N 63  
DC  C2    O2     doub N N 64  
DC  C2    N3     sing N N 65  
DC  N3    C4     doub N N 66  
DC  C4    N4     sing N N 67  
DC  C4    C5     sing N N 68  
DC  N4    H41    sing N N 69  
DC  N4    H42    sing N N 70  
DC  C5    C6     doub N N 71  
DC  C5    H5     sing N N 72  
DC  C6    H6     sing N N 73  
DG  OP3   P      sing N N 74  
DG  OP3   HOP3   sing N N 75  
DG  P     OP1    doub N N 76  
DG  P     OP2    sing N N 77  
DG  P     "O5'"  sing N N 78  
DG  OP2   HOP2   sing N N 79  
DG  "O5'" "C5'"  sing N N 80  
DG  "C5'" "C4'"  sing N N 81  
DG  "C5'" "H5'"  sing N N 82  
DG  "C5'" "H5''" sing N N 83  
DG  "C4'" "O4'"  sing N N 84  
DG  "C4'" "C3'"  sing N N 85  
DG  "C4'" "H4'"  sing N N 86  
DG  "O4'" "C1'"  sing N N 87  
DG  "C3'" "O3'"  sing N N 88  
DG  "C3'" "C2'"  sing N N 89  
DG  "C3'" "H3'"  sing N N 90  
DG  "O3'" "HO3'" sing N N 91  
DG  "C2'" "C1'"  sing N N 92  
DG  "C2'" "H2'"  sing N N 93  
DG  "C2'" "H2''" sing N N 94  
DG  "C1'" N9     sing N N 95  
DG  "C1'" "H1'"  sing N N 96  
DG  N9    C8     sing Y N 97  
DG  N9    C4     sing Y N 98  
DG  C8    N7     doub Y N 99  
DG  C8    H8     sing N N 100 
DG  N7    C5     sing Y N 101 
DG  C5    C6     sing N N 102 
DG  C5    C4     doub Y N 103 
DG  C6    O6     doub N N 104 
DG  C6    N1     sing N N 105 
DG  N1    C2     sing N N 106 
DG  N1    H1     sing N N 107 
DG  C2    N2     sing N N 108 
DG  C2    N3     doub N N 109 
DG  N2    H21    sing N N 110 
DG  N2    H22    sing N N 111 
DG  N3    C4     sing N N 112 
DT  OP3   P      sing N N 113 
DT  OP3   HOP3   sing N N 114 
DT  P     OP1    doub N N 115 
DT  P     OP2    sing N N 116 
DT  P     "O5'"  sing N N 117 
DT  OP2   HOP2   sing N N 118 
DT  "O5'" "C5'"  sing N N 119 
DT  "C5'" "C4'"  sing N N 120 
DT  "C5'" "H5'"  sing N N 121 
DT  "C5'" "H5''" sing N N 122 
DT  "C4'" "O4'"  sing N N 123 
DT  "C4'" "C3'"  sing N N 124 
DT  "C4'" "H4'"  sing N N 125 
DT  "O4'" "C1'"  sing N N 126 
DT  "C3'" "O3'"  sing N N 127 
DT  "C3'" "C2'"  sing N N 128 
DT  "C3'" "H3'"  sing N N 129 
DT  "O3'" "HO3'" sing N N 130 
DT  "C2'" "C1'"  sing N N 131 
DT  "C2'" "H2'"  sing N N 132 
DT  "C2'" "H2''" sing N N 133 
DT  "C1'" N1     sing N N 134 
DT  "C1'" "H1'"  sing N N 135 
DT  N1    C2     sing N N 136 
DT  N1    C6     sing N N 137 
DT  C2    O2     doub N N 138 
DT  C2    N3     sing N N 139 
DT  N3    C4     sing N N 140 
DT  N3    H3     sing N N 141 
DT  C4    O4     doub N N 142 
DT  C4    C5     sing N N 143 
DT  C5    C7     sing N N 144 
DT  C5    C6     doub N N 145 
DT  C7    H71    sing N N 146 
DT  C7    H72    sing N N 147 
DT  C7    H73    sing N N 148 
DT  C6    H6     sing N N 149 
HOH O     H1     sing N N 150 
HOH O     H2     sing N N 151 
# 
_ndb_struct_conf_na.entry_id   423D 
_ndb_struct_conf_na.feature    'b-form double helix' 
# 
loop_
_ndb_struct_na_base_pair.model_number 
_ndb_struct_na_base_pair.i_label_asym_id 
_ndb_struct_na_base_pair.i_label_comp_id 
_ndb_struct_na_base_pair.i_label_seq_id 
_ndb_struct_na_base_pair.i_symmetry 
_ndb_struct_na_base_pair.j_label_asym_id 
_ndb_struct_na_base_pair.j_label_comp_id 
_ndb_struct_na_base_pair.j_label_seq_id 
_ndb_struct_na_base_pair.j_symmetry 
_ndb_struct_na_base_pair.shear 
_ndb_struct_na_base_pair.stretch 
_ndb_struct_na_base_pair.stagger 
_ndb_struct_na_base_pair.buckle 
_ndb_struct_na_base_pair.propeller 
_ndb_struct_na_base_pair.opening 
_ndb_struct_na_base_pair.pair_number 
_ndb_struct_na_base_pair.pair_name 
_ndb_struct_na_base_pair.i_auth_asym_id 
_ndb_struct_na_base_pair.i_auth_seq_id 
_ndb_struct_na_base_pair.i_PDB_ins_code 
_ndb_struct_na_base_pair.j_auth_asym_id 
_ndb_struct_na_base_pair.j_auth_seq_id 
_ndb_struct_na_base_pair.j_PDB_ins_code 
_ndb_struct_na_base_pair.hbond_type_28 
_ndb_struct_na_base_pair.hbond_type_12 
1 A DA 1  1_555 B DT 12 1_555 -0.114 -0.157 0.148  8.238   -11.191 0.917  1  A_DA1:DT24_B  A 1  ? B 24 ? 20 1 
1 A DC 2  1_555 B DG 11 1_555 0.360  -0.148 -0.071 0.244   -13.952 1.670  2  A_DC2:DG23_B  A 2  ? B 23 ? 19 1 
1 A DC 3  1_555 B DG 10 1_555 -0.011 -0.021 0.080  -5.911  -7.597  0.153  3  A_DC3:DG22_B  A 3  ? B 22 ? 19 1 
1 A DG 4  1_555 B DC 9  1_555 -0.326 -0.235 -0.111 -1.946  -5.299  0.218  4  A_DG4:DC21_B  A 4  ? B 21 ? 19 1 
1 A DA 5  1_555 B DT 8  1_555 0.056  -0.136 0.097  -0.457  -13.588 -1.272 5  A_DA5:DT20_B  A 5  ? B 20 ? 20 1 
1 A DC 6  1_555 B DG 7  1_555 0.193  -0.140 0.087  -2.146  -10.450 -2.173 6  A_DC6:DG19_B  A 6  ? B 19 ? 19 1 
1 A DG 7  1_555 B DC 6  1_555 -0.215 -0.103 -0.413 -13.179 -4.575  -0.065 7  A_DG7:DC18_B  A 7  ? B 18 ? 19 1 
1 A DT 8  1_555 B DA 5  1_555 -0.232 -0.038 0.011  3.449   -6.735  2.666  8  A_DT8:DA17_B  A 8  ? B 17 ? 20 1 
1 A DC 9  1_555 B DG 4  1_555 0.026  -0.173 0.103  -4.483  -17.005 2.051  9  A_DC9:DG16_B  A 9  ? B 16 ? 19 1 
1 A DG 10 1_555 B DC 3  1_555 -0.130 -0.097 0.058  3.316   -11.009 -1.358 10 A_DG10:DC15_B A 10 ? B 15 ? 19 1 
1 A DG 11 1_555 B DC 2  1_555 -0.249 -0.105 -0.086 -4.092  -12.536 0.924  11 A_DG11:DC14_B A 11 ? B 14 ? 19 1 
1 A DT 12 1_555 B DA 1  1_555 0.023  -0.168 -0.114 -2.276  -11.706 4.796  12 A_DT12:DA13_B A 12 ? B 13 ? 20 1 
# 
loop_
_ndb_struct_na_base_pair_step.model_number 
_ndb_struct_na_base_pair_step.i_label_asym_id_1 
_ndb_struct_na_base_pair_step.i_label_comp_id_1 
_ndb_struct_na_base_pair_step.i_label_seq_id_1 
_ndb_struct_na_base_pair_step.i_symmetry_1 
_ndb_struct_na_base_pair_step.j_label_asym_id_1 
_ndb_struct_na_base_pair_step.j_label_comp_id_1 
_ndb_struct_na_base_pair_step.j_label_seq_id_1 
_ndb_struct_na_base_pair_step.j_symmetry_1 
_ndb_struct_na_base_pair_step.i_label_asym_id_2 
_ndb_struct_na_base_pair_step.i_label_comp_id_2 
_ndb_struct_na_base_pair_step.i_label_seq_id_2 
_ndb_struct_na_base_pair_step.i_symmetry_2 
_ndb_struct_na_base_pair_step.j_label_asym_id_2 
_ndb_struct_na_base_pair_step.j_label_comp_id_2 
_ndb_struct_na_base_pair_step.j_label_seq_id_2 
_ndb_struct_na_base_pair_step.j_symmetry_2 
_ndb_struct_na_base_pair_step.shift 
_ndb_struct_na_base_pair_step.slide 
_ndb_struct_na_base_pair_step.rise 
_ndb_struct_na_base_pair_step.tilt 
_ndb_struct_na_base_pair_step.roll 
_ndb_struct_na_base_pair_step.twist 
_ndb_struct_na_base_pair_step.x_displacement 
_ndb_struct_na_base_pair_step.y_displacement 
_ndb_struct_na_base_pair_step.helical_rise 
_ndb_struct_na_base_pair_step.inclination 
_ndb_struct_na_base_pair_step.tip 
_ndb_struct_na_base_pair_step.helical_twist 
_ndb_struct_na_base_pair_step.step_number 
_ndb_struct_na_base_pair_step.step_name 
_ndb_struct_na_base_pair_step.i_auth_asym_id_1 
_ndb_struct_na_base_pair_step.i_auth_seq_id_1 
_ndb_struct_na_base_pair_step.i_PDB_ins_code_1 
_ndb_struct_na_base_pair_step.j_auth_asym_id_1 
_ndb_struct_na_base_pair_step.j_auth_seq_id_1 
_ndb_struct_na_base_pair_step.j_PDB_ins_code_1 
_ndb_struct_na_base_pair_step.i_auth_asym_id_2 
_ndb_struct_na_base_pair_step.i_auth_seq_id_2 
_ndb_struct_na_base_pair_step.i_PDB_ins_code_2 
_ndb_struct_na_base_pair_step.j_auth_asym_id_2 
_ndb_struct_na_base_pair_step.j_auth_seq_id_2 
_ndb_struct_na_base_pair_step.j_PDB_ins_code_2 
1 A DA 1  1_555 B DT 12 1_555 A DC 2  1_555 B DG 11 1_555 -0.514 -0.372 3.489 0.340  -0.090 36.895 -0.575 0.862  3.485 -0.142 
-0.537  36.897 1  AA_DA1DC2:DG23DT24_BB   A 1  ? B 24 ? A 2  ? B 23 ? 
1 A DC 2  1_555 B DG 11 1_555 A DC 3  1_555 B DG 10 1_555 0.339  -0.088 3.449 0.375  7.439  33.638 -1.368 -0.511 3.357 12.662 
-0.639  34.430 2  AA_DC2DC3:DG22DG23_BB   A 2  ? B 23 ? A 3  ? B 22 ? 
1 A DC 3  1_555 B DG 10 1_555 A DG 4  1_555 B DC 9  1_555 1.132  0.918  3.284 5.090  5.261  33.660 0.690  -1.080 3.512 8.955  
-8.663  34.424 3  AA_DC3DG4:DC21DG22_BB   A 3  ? B 22 ? A 4  ? B 21 ? 
1 A DG 4  1_555 B DC 9  1_555 A DA 5  1_555 B DT 8  1_555 -1.123 1.077  3.362 -4.587 2.929  38.976 1.231  1.091  3.535 4.364  
6.834   39.340 4  AA_DG4DA5:DT20DC21_BB   A 4  ? B 21 ? A 5  ? B 20 ? 
1 A DA 5  1_555 B DT 8  1_555 A DC 6  1_555 B DG 7  1_555 0.340  -0.359 3.332 -0.287 2.727  34.510 -1.028 -0.616 3.292 4.588  
0.482   34.615 5  AA_DA5DC6:DG19DT20_BB   A 5  ? B 20 ? A 6  ? B 19 ? 
1 A DC 6  1_555 B DG 7  1_555 A DG 7  1_555 B DC 6  1_555 0.934  0.384  3.576 7.233  7.671  35.396 -0.571 -0.365 3.691 12.284 
-11.583 36.885 6  AA_DC6DG7:DC18DG19_BB   A 6  ? B 19 ? A 7  ? B 18 ? 
1 A DG 7  1_555 B DC 6  1_555 A DT 8  1_555 B DA 5  1_555 -0.143 -0.196 2.916 -3.698 3.848  26.847 -1.264 -0.514 2.854 8.185  
7.865   27.363 7  AA_DG7DT8:DA17DC18_BB   A 7  ? B 18 ? A 8  ? B 17 ? 
1 A DT 8  1_555 B DA 5  1_555 A DC 9  1_555 B DG 4  1_555 0.651  -0.192 3.337 2.530  -0.913 40.764 -0.172 -0.647 3.373 -1.309 
-3.627  40.849 8  AA_DT8DC9:DG16DA17_BB   A 8  ? B 17 ? A 9  ? B 16 ? 
1 A DC 9  1_555 B DG 4  1_555 A DG 10 1_555 B DC 3  1_555 -0.536 0.450  3.184 0.380  10.872 31.177 -1.051 1.009  3.154 19.500 
-0.682  32.976 9  AA_DC9DG10:DC15DG16_BB  A 9  ? B 16 ? A 10 ? B 15 ? 
1 A DG 10 1_555 B DC 3  1_555 A DG 11 1_555 B DC 2  1_555 0.391  -0.258 3.441 0.132  5.544  34.668 -1.296 -0.628 3.363 9.231  
-0.220  35.095 10 AA_DG10DG11:DC14DC15_BB A 10 ? B 15 ? A 11 ? B 14 ? 
1 A DG 11 1_555 B DC 2  1_555 A DT 12 1_555 B DA 1  1_555 0.046  -0.467 3.256 0.196  1.437  32.842 -1.069 -0.049 3.233 2.540  
-0.346  32.873 11 AA_DG11DT12:DA13DC14_BB A 11 ? B 14 ? A 12 ? B 13 ? 
# 
_pdbx_initial_refinement_model.accession_code   ? 
_pdbx_initial_refinement_model.id               1 
_pdbx_initial_refinement_model.entity_id_list   ? 
_pdbx_initial_refinement_model.type             'in silico model' 
_pdbx_initial_refinement_model.source_name      Other 
_pdbx_initial_refinement_model.details          'IDEAL B-DNA' 
# 
_atom_sites.entry_id                    423D 
_atom_sites.fract_transf_matrix[1][1]   -0.01751126 
_atom_sites.fract_transf_matrix[1][2]   -0.00419866 
_atom_sites.fract_transf_matrix[1][3]   0.00076425 
_atom_sites.fract_transf_matrix[2][1]   -0.00671280 
_atom_sites.fract_transf_matrix[2][2]   -0.01267431 
_atom_sites.fract_transf_matrix[2][3]   -0.01091460 
_atom_sites.fract_transf_matrix[3][1]   0.00441664 
_atom_sites.fract_transf_matrix[3][2]   -0.01561441 
_atom_sites.fract_transf_matrix[3][3]   0.01541549 
_atom_sites.fract_transf_vector[1]      0.307087 
_atom_sites.fract_transf_vector[2]      0.937544 
_atom_sites.fract_transf_vector[3]      -0.000255 
# 
loop_
_atom_type.symbol 
C  
MG 
N  
O  
P  
# 
loop_
_atom_site.group_PDB 
_atom_site.id 
_atom_site.type_symbol 
_atom_site.label_atom_id 
_atom_site.label_alt_id 
_atom_site.label_comp_id 
_atom_site.label_asym_id 
_atom_site.label_entity_id 
_atom_site.label_seq_id 
_atom_site.pdbx_PDB_ins_code 
_atom_site.Cartn_x 
_atom_site.Cartn_y 
_atom_site.Cartn_z 
_atom_site.occupancy 
_atom_site.B_iso_or_equiv 
_atom_site.pdbx_formal_charge 
_atom_site.auth_seq_id 
_atom_site.auth_comp_id 
_atom_site.auth_asym_id 
_atom_site.auth_atom_id 
_atom_site.pdbx_PDB_model_num 
ATOM   1   O  "O5'" . DA  A 1 1  ? -14.527 -16.479 2.220   1.00 36.43 ? 1   DA  A "O5'" 1 
ATOM   2   C  "C5'" . DA  A 1 1  ? -13.388 -16.019 1.486   1.00 32.56 ? 1   DA  A "C5'" 1 
ATOM   3   C  "C4'" . DA  A 1 1  ? -13.811 -14.829 0.647   1.00 27.33 ? 1   DA  A "C4'" 1 
ATOM   4   O  "O4'" . DA  A 1 1  ? -14.339 -13.809 1.517   1.00 24.46 ? 1   DA  A "O4'" 1 
ATOM   5   C  "C3'" . DA  A 1 1  ? -12.712 -14.135 -0.137  1.00 29.43 ? 1   DA  A "C3'" 1 
ATOM   6   O  "O3'" . DA  A 1 1  ? -13.236 -13.810 -1.416  1.00 31.11 ? 1   DA  A "O3'" 1 
ATOM   7   C  "C2'" . DA  A 1 1  ? -12.335 -12.914 0.649   1.00 31.37 ? 1   DA  A "C2'" 1 
ATOM   8   C  "C1'" . DA  A 1 1  ? -13.632 -12.579 1.345   1.00 23.24 ? 1   DA  A "C1'" 1 
ATOM   9   N  N9    . DA  A 1 1  ? -13.537 -12.081 2.708   1.00 19.22 ? 1   DA  A N9    1 
ATOM   10  C  C8    . DA  A 1 1  ? -12.771 -12.548 3.735   1.00 24.74 ? 1   DA  A C8    1 
ATOM   11  N  N7    . DA  A 1 1  ? -12.914 -11.884 4.834   1.00 28.66 ? 1   DA  A N7    1 
ATOM   12  C  C5    . DA  A 1 1  ? -13.862 -10.898 4.493   1.00 31.06 ? 1   DA  A C5    1 
ATOM   13  C  C6    . DA  A 1 1  ? -14.466 -9.845  5.237   1.00 20.42 ? 1   DA  A C6    1 
ATOM   14  N  N6    . DA  A 1 1  ? -14.120 -9.693  6.504   1.00 24.34 ? 1   DA  A N6    1 
ATOM   15  N  N1    . DA  A 1 1  ? -15.351 -9.078  4.576   1.00 18.85 ? 1   DA  A N1    1 
ATOM   16  C  C2    . DA  A 1 1  ? -15.619 -9.329  3.292   1.00 24.90 ? 1   DA  A C2    1 
ATOM   17  N  N3    . DA  A 1 1  ? -15.144 -10.268 2.455   1.00 22.94 ? 1   DA  A N3    1 
ATOM   18  C  C4    . DA  A 1 1  ? -14.257 -11.007 3.190   1.00 22.27 ? 1   DA  A C4    1 
ATOM   19  P  P     . DC  A 1 2  ? -12.311 -12.903 -2.368  1.00 47.10 ? 2   DC  A P     1 
ATOM   20  O  OP1   . DC  A 1 2  ? -12.621 -13.287 -3.763  1.00 31.93 ? 2   DC  A OP1   1 
ATOM   21  O  OP2   . DC  A 1 2  ? -10.927 -12.898 -1.842  1.00 33.61 ? 2   DC  A OP2   1 
ATOM   22  O  "O5'" . DC  A 1 2  ? -12.896 -11.427 -2.123  1.00 33.35 ? 2   DC  A "O5'" 1 
ATOM   23  C  "C5'" . DC  A 1 2  ? -14.269 -11.237 -2.466  1.00 22.80 ? 2   DC  A "C5'" 1 
ATOM   24  C  "C4'" . DC  A 1 2  ? -14.553 -9.750  -2.435  1.00 23.81 ? 2   DC  A "C4'" 1 
ATOM   25  O  "O4'" . DC  A 1 2  ? -14.441 -9.278  -1.077  1.00 23.65 ? 2   DC  A "O4'" 1 
ATOM   26  C  "C3'" . DC  A 1 2  ? -13.600 -8.871  -3.237  1.00 23.85 ? 2   DC  A "C3'" 1 
ATOM   27  O  "O3'" . DC  A 1 2  ? -14.383 -7.886  -3.892  1.00 34.73 ? 2   DC  A "O3'" 1 
ATOM   28  C  "C2'" . DC  A 1 2  ? -12.631 -8.319  -2.230  1.00 22.97 ? 2   DC  A "C2'" 1 
ATOM   29  C  "C1'" . DC  A 1 2  ? -13.527 -8.183  -1.012  1.00 26.08 ? 2   DC  A "C1'" 1 
ATOM   30  N  N1    . DC  A 1 2  ? -12.921 -8.322  0.320   1.00 17.62 ? 2   DC  A N1    1 
ATOM   31  C  C2    . DC  A 1 2  ? -13.278 -7.462  1.337   1.00 20.12 ? 2   DC  A C2    1 
ATOM   32  O  O2    . DC  A 1 2  ? -14.125 -6.540  1.168   1.00 22.27 ? 2   DC  A O2    1 
ATOM   33  N  N3    . DC  A 1 2  ? -12.709 -7.604  2.559   1.00 17.37 ? 2   DC  A N3    1 
ATOM   34  C  C4    . DC  A 1 2  ? -11.805 -8.584  2.759   1.00 16.46 ? 2   DC  A C4    1 
ATOM   35  N  N4    . DC  A 1 2  ? -11.282 -8.674  3.978   1.00 18.47 ? 2   DC  A N4    1 
ATOM   36  C  C5    . DC  A 1 2  ? -11.423 -9.479  1.727   1.00 16.85 ? 2   DC  A C5    1 
ATOM   37  C  C6    . DC  A 1 2  ? -11.987 -9.341  0.515   1.00 15.68 ? 2   DC  A C6    1 
ATOM   38  P  P     . DC  A 1 3  ? -13.825 -6.963  -5.067  1.00 29.47 ? 3   DC  A P     1 
ATOM   39  O  OP1   . DC  A 1 3  ? -14.971 -6.575  -5.948  1.00 40.38 ? 3   DC  A OP1   1 
ATOM   40  O  OP2   . DC  A 1 3  ? -12.612 -7.536  -5.675  1.00 30.64 ? 3   DC  A OP2   1 
ATOM   41  O  "O5'" . DC  A 1 3  ? -13.395 -5.605  -4.318  1.00 22.82 ? 3   DC  A "O5'" 1 
ATOM   42  C  "C5'" . DC  A 1 3  ? -14.403 -4.999  -3.495  1.00 18.22 ? 3   DC  A "C5'" 1 
ATOM   43  C  "C4'" . DC  A 1 3  ? -13.789 -3.854  -2.734  1.00 16.89 ? 3   DC  A "C4'" 1 
ATOM   44  O  "O4'" . DC  A 1 3  ? -13.126 -4.354  -1.547  1.00 19.37 ? 3   DC  A "O4'" 1 
ATOM   45  C  "C3'" . DC  A 1 3  ? -12.706 -3.069  -3.469  1.00 19.34 ? 3   DC  A "C3'" 1 
ATOM   46  O  "O3'" . DC  A 1 3  ? -13.147 -1.719  -3.557  1.00 14.49 ? 3   DC  A "O3'" 1 
ATOM   47  C  "C2'" . DC  A 1 3  ? -11.446 -3.225  -2.669  1.00 20.04 ? 3   DC  A "C2'" 1 
ATOM   48  C  "C1'" . DC  A 1 3  ? -11.963 -3.543  -1.296  1.00 15.65 ? 3   DC  A "C1'" 1 
ATOM   49  N  N1    . DC  A 1 3  ? -11.202 -4.414  -0.383  1.00 17.10 ? 3   DC  A N1    1 
ATOM   50  C  C2    . DC  A 1 3  ? -11.075 -4.066  0.949   1.00 14.46 ? 3   DC  A C2    1 
ATOM   51  O  O2    . DC  A 1 3  ? -11.562 -3.045  1.458   1.00 16.14 ? 3   DC  A O2    1 
ATOM   52  N  N3    . DC  A 1 3  ? -10.380 -4.880  1.773   1.00 13.09 ? 3   DC  A N3    1 
ATOM   53  C  C4    . DC  A 1 3  ? -9.838  -5.990  1.268   1.00 15.43 ? 3   DC  A C4    1 
ATOM   54  N  N4    . DC  A 1 3  ? -9.151  -6.790  2.082   1.00 13.50 ? 3   DC  A N4    1 
ATOM   55  C  C5    . DC  A 1 3  ? -9.950  -6.384  -0.099  1.00 15.58 ? 3   DC  A C5    1 
ATOM   56  C  C6    . DC  A 1 3  ? -10.647 -5.561  -0.903  1.00 20.02 ? 3   DC  A C6    1 
ATOM   57  P  P     . DG  A 1 4  ? -12.256 -0.643  -4.352  1.00 19.34 ? 4   DG  A P     1 
ATOM   58  O  OP1   . DG  A 1 4  ? -13.172 0.412   -4.878  1.00 21.62 ? 4   DG  A OP1   1 
ATOM   59  O  OP2   . DG  A 1 4  ? -11.352 -1.370  -5.288  1.00 19.43 ? 4   DG  A OP2   1 
ATOM   60  O  "O5'" . DG  A 1 4  ? -11.348 -0.007  -3.223  1.00 15.87 ? 4   DG  A "O5'" 1 
ATOM   61  C  "C5'" . DG  A 1 4  ? -11.962 0.665   -2.123  1.00 11.09 ? 4   DG  A "C5'" 1 
ATOM   62  C  "C4'" . DG  A 1 4  ? -10.875 1.047   -1.159  1.00 14.20 ? 4   DG  A "C4'" 1 
ATOM   63  O  "O4'" . DG  A 1 4  ? -10.328 -0.159  -0.558  1.00 16.56 ? 4   DG  A "O4'" 1 
ATOM   64  C  "C3'" . DG  A 1 4  ? -9.691  1.770   -1.780  1.00 12.04 ? 4   DG  A "C3'" 1 
ATOM   65  O  "O3'" . DG  A 1 4  ? -9.320  2.837   -0.947  1.00 14.49 ? 4   DG  A "O3'" 1 
ATOM   66  C  "C2'" . DG  A 1 4  ? -8.605  0.721   -1.882  1.00 15.22 ? 4   DG  A "C2'" 1 
ATOM   67  C  "C1'" . DG  A 1 4  ? -8.903  -0.033  -0.592  1.00 11.67 ? 4   DG  A "C1'" 1 
ATOM   68  N  N9    . DG  A 1 4  ? -8.318  -1.360  -0.531  1.00 10.63 ? 4   DG  A N9    1 
ATOM   69  C  C8    . DG  A 1 4  ? -8.041  -2.218  -1.547  1.00 13.65 ? 4   DG  A C8    1 
ATOM   70  N  N7    . DG  A 1 4  ? -7.501  -3.376  -1.177  1.00 11.31 ? 4   DG  A N7    1 
ATOM   71  C  C5    . DG  A 1 4  ? -7.438  -3.218  0.193   1.00 14.39 ? 4   DG  A C5    1 
ATOM   72  C  C6    . DG  A 1 4  ? -6.947  -4.123  1.218   1.00 11.89 ? 4   DG  A C6    1 
ATOM   73  O  O6    . DG  A 1 4  ? -6.482  -5.233  0.993   1.00 12.97 ? 4   DG  A O6    1 
ATOM   74  N  N1    . DG  A 1 4  ? -7.082  -3.540  2.445   1.00 10.76 ? 4   DG  A N1    1 
ATOM   75  C  C2    . DG  A 1 4  ? -7.583  -2.322  2.778   1.00 14.91 ? 4   DG  A C2    1 
ATOM   76  N  N2    . DG  A 1 4  ? -7.618  -1.949  4.094   1.00 10.84 ? 4   DG  A N2    1 
ATOM   77  N  N3    . DG  A 1 4  ? -8.034  -1.490  1.847   1.00 11.31 ? 4   DG  A N3    1 
ATOM   78  C  C4    . DG  A 1 4  ? -7.927  -2.006  0.622   1.00 9.70  ? 4   DG  A C4    1 
ATOM   79  P  P     . DA  A 1 5  ? -8.680  4.215   -1.455  1.00 14.29 ? 5   DA  A P     1 
ATOM   80  O  OP1   . DA  A 1 5  ? -9.723  5.037   -2.096  1.00 14.59 ? 5   DA  A OP1   1 
ATOM   81  O  OP2   . DA  A 1 5  ? -7.448  3.872   -2.234  1.00 16.33 ? 5   DA  A OP2   1 
ATOM   82  O  "O5'" . DA  A 1 5  ? -8.231  4.885   -0.083  1.00 16.01 ? 5   DA  A "O5'" 1 
ATOM   83  C  "C5'" . DA  A 1 5  ? -9.200  4.907   0.976   1.00 14.69 ? 5   DA  A "C5'" 1 
ATOM   84  C  "C4'" . DA  A 1 5  ? -8.442  4.844   2.283   1.00 16.61 ? 5   DA  A "C4'" 1 
ATOM   85  O  "O4'" . DA  A 1 5  ? -7.905  3.499   2.406   1.00 17.79 ? 5   DA  A "O4'" 1 
ATOM   86  C  "C3'" . DA  A 1 5  ? -7.237  5.754   2.459   1.00 13.65 ? 5   DA  A "C3'" 1 
ATOM   87  O  "O3'" . DA  A 1 5  ? -7.235  6.211   3.813   1.00 17.69 ? 5   DA  A "O3'" 1 
ATOM   88  C  "C2'" . DA  A 1 5  ? -6.046  4.909   2.099   1.00 18.08 ? 5   DA  A "C2'" 1 
ATOM   89  C  "C1'" . DA  A 1 5  ? -6.481  3.538   2.563   1.00 18.35 ? 5   DA  A "C1'" 1 
ATOM   90  N  N9    . DA  A 1 5  ? -6.005  2.387   1.801   1.00 12.16 ? 5   DA  A N9    1 
ATOM   91  C  C8    . DA  A 1 5  ? -6.048  2.228   0.440   1.00 11.80 ? 5   DA  A C8    1 
ATOM   92  N  N7    . DA  A 1 5  ? -5.567  1.114   0.000   1.00 10.90 ? 5   DA  A N7    1 
ATOM   93  C  C5    . DA  A 1 5  ? -5.152  0.443   1.174   1.00 11.29 ? 5   DA  A C5    1 
ATOM   94  C  C6    . DA  A 1 5  ? -4.552  -0.816  1.328   1.00 9.39  ? 5   DA  A C6    1 
ATOM   95  N  N6    . DA  A 1 5  ? -4.241  -1.662  0.325   1.00 9.35  ? 5   DA  A N6    1 
ATOM   96  N  N1    . DA  A 1 5  ? -4.267  -1.195  2.615   1.00 12.11 ? 5   DA  A N1    1 
ATOM   97  C  C2    . DA  A 1 5  ? -4.576  -0.355  3.583   1.00 8.98  ? 5   DA  A C2    1 
ATOM   98  N  N3    . DA  A 1 5  ? -5.147  0.858   3.543   1.00 15.18 ? 5   DA  A N3    1 
ATOM   99  C  C4    . DA  A 1 5  ? -5.428  1.233   2.277   1.00 14.33 ? 5   DA  A C4    1 
ATOM   100 P  P     . DC  A 1 6  ? -6.209  7.343   4.326   1.00 23.16 ? 6   DC  A P     1 
ATOM   101 O  OP1   . DC  A 1 6  ? -6.711  7.905   5.605   1.00 29.71 ? 6   DC  A OP1   1 
ATOM   102 O  OP2   . DC  A 1 6  ? -5.832  8.206   3.196   1.00 24.94 ? 6   DC  A OP2   1 
ATOM   103 O  "O5'" . DC  A 1 6  ? -4.909  6.473   4.710   1.00 19.99 ? 6   DC  A "O5'" 1 
ATOM   104 C  "C5'" . DC  A 1 6  ? -5.090  5.536   5.787   1.00 21.17 ? 6   DC  A "C5'" 1 
ATOM   105 C  "C4'" . DC  A 1 6  ? -3.816  4.736   5.932   1.00 17.14 ? 6   DC  A "C4'" 1 
ATOM   106 O  "O4'" . DC  A 1 6  ? -3.678  3.834   4.810   1.00 20.66 ? 6   DC  A "O4'" 1 
ATOM   107 C  "C3'" . DC  A 1 6  ? -2.525  5.542   5.937   1.00 21.33 ? 6   DC  A "C3'" 1 
ATOM   108 O  "O3'" . DC  A 1 6  ? -2.023  5.451   7.263   1.00 24.92 ? 6   DC  A "O3'" 1 
ATOM   109 C  "C2'" . DC  A 1 6  ? -1.627  4.933   4.895   1.00 18.09 ? 6   DC  A "C2'" 1 
ATOM   110 C  "C1'" . DC  A 1 6  ? -2.263  3.584   4.651   1.00 19.94 ? 6   DC  A "C1'" 1 
ATOM   111 N  N1    . DC  A 1 6  ? -2.205  2.959   3.332   1.00 14.04 ? 6   DC  A N1    1 
ATOM   112 C  C2    . DC  A 1 6  ? -1.692  1.664   3.204   1.00 9.40  ? 6   DC  A C2    1 
ATOM   113 O  O2    . DC  A 1 6  ? -1.280  1.042   4.246   1.00 14.22 ? 6   DC  A O2    1 
ATOM   114 N  N3    . DC  A 1 6  ? -1.672  1.156   1.990   1.00 9.46  ? 6   DC  A N3    1 
ATOM   115 C  C4    . DC  A 1 6  ? -2.098  1.779   0.875   1.00 8.02  ? 6   DC  A C4    1 
ATOM   116 N  N4    . DC  A 1 6  ? -2.045  1.211   -0.291  1.00 11.37 ? 6   DC  A N4    1 
ATOM   117 C  C5    . DC  A 1 6  ? -2.634  3.122   0.992   1.00 11.62 ? 6   DC  A C5    1 
ATOM   118 C  C6    . DC  A 1 6  ? -2.654  3.636   2.227   1.00 10.12 ? 6   DC  A C6    1 
ATOM   119 P  P     . DG  A 1 7  ? -0.742  6.240   7.781   1.00 27.97 ? 7   DG  A P     1 
ATOM   120 O  OP1   . DG  A 1 7  ? -0.774  6.286   9.271   1.00 45.98 ? 7   DG  A OP1   1 
ATOM   121 O  OP2   . DG  A 1 7  ? -0.574  7.493   6.991   1.00 29.89 ? 7   DG  A OP2   1 
ATOM   122 O  "O5'" . DG  A 1 7  ? 0.496   5.308   7.375   1.00 17.69 ? 7   DG  A "O5'" 1 
ATOM   123 C  "C5'" . DG  A 1 7  ? 0.566   3.991   7.936   1.00 13.84 ? 7   DG  A "C5'" 1 
ATOM   124 C  "C4'" . DG  A 1 7  ? 1.723   3.309   7.229   1.00 16.24 ? 7   DG  A "C4'" 1 
ATOM   125 O  "O4'" . DG  A 1 7  ? 1.314   3.041   5.867   1.00 15.11 ? 7   DG  A "O4'" 1 
ATOM   126 C  "C3'" . DG  A 1 7  ? 3.014   4.088   7.087   1.00 14.41 ? 7   DG  A "C3'" 1 
ATOM   127 O  "O3'" . DG  A 1 7  ? 3.983   3.439   7.910   1.00 17.34 ? 7   DG  A "O3'" 1 
ATOM   128 C  "C2'" . DG  A 1 7  ? 3.379   4.093   5.612   1.00 13.25 ? 7   DG  A "C2'" 1 
ATOM   129 C  "C1'" . DG  A 1 7  ? 2.508   2.997   5.067   1.00 10.96 ? 7   DG  A "C1'" 1 
ATOM   130 N  N9    . DG  A 1 7  ? 1.994   3.124   3.704   1.00 13.64 ? 7   DG  A N9    1 
ATOM   131 C  C8    . DG  A 1 7  ? 1.349   4.224   3.186   1.00 12.30 ? 7   DG  A C8    1 
ATOM   132 N  N7    . DG  A 1 7  ? 1.000   4.062   1.950   1.00 11.70 ? 7   DG  A N7    1 
ATOM   133 C  C5    . DG  A 1 7  ? 1.425   2.798   1.615   1.00 11.45 ? 7   DG  A C5    1 
ATOM   134 C  C6    . DG  A 1 7  ? 1.315   2.104   0.409   1.00 11.86 ? 7   DG  A C6    1 
ATOM   135 O  O6    . DG  A 1 7  ? 0.794   2.473   -0.668  1.00 9.57  ? 7   DG  A O6    1 
ATOM   136 N  N1    . DG  A 1 7  ? 1.873   0.823   0.443   1.00 9.63  ? 7   DG  A N1    1 
ATOM   137 C  C2    . DG  A 1 7  ? 2.471   0.335   1.596   1.00 9.88  ? 7   DG  A C2    1 
ATOM   138 N  N2    . DG  A 1 7  ? 2.979   -0.886  1.555   1.00 11.30 ? 7   DG  A N2    1 
ATOM   139 N  N3    . DG  A 1 7  ? 2.585   0.971   2.738   1.00 9.93  ? 7   DG  A N3    1 
ATOM   140 C  C4    . DG  A 1 7  ? 2.047   2.211   2.712   1.00 15.85 ? 7   DG  A C4    1 
ATOM   141 P  P     . DT  A 1 8  ? 5.500   3.920   7.977   1.00 19.33 ? 8   DT  A P     1 
ATOM   142 O  OP1   . DT  A 1 8  ? 6.065   3.525   9.302   1.00 18.90 ? 8   DT  A OP1   1 
ATOM   143 O  OP2   . DT  A 1 8  ? 5.597   5.348   7.563   1.00 17.00 ? 8   DT  A OP2   1 
ATOM   144 O  "O5'" . DT  A 1 8  ? 6.254   3.062   6.868   1.00 21.54 ? 8   DT  A "O5'" 1 
ATOM   145 C  "C5'" . DT  A 1 8  ? 6.100   1.632   7.004   1.00 11.69 ? 8   DT  A "C5'" 1 
ATOM   146 C  "C4'" . DT  A 1 8  ? 6.805   1.020   5.820   1.00 11.73 ? 8   DT  A "C4'" 1 
ATOM   147 O  "O4'" . DT  A 1 8  ? 5.988   1.267   4.643   1.00 16.91 ? 8   DT  A "O4'" 1 
ATOM   148 C  "C3'" . DT  A 1 8  ? 8.172   1.577   5.483   1.00 18.00 ? 8   DT  A "C3'" 1 
ATOM   149 O  "O3'" . DT  A 1 8  ? 9.117   0.521   5.680   1.00 17.93 ? 8   DT  A "O3'" 1 
ATOM   150 C  "C2'" . DT  A 1 8  ? 8.122   2.040   4.060   1.00 19.41 ? 8   DT  A "C2'" 1 
ATOM   151 C  "C1'" . DT  A 1 8  ? 6.859   1.383   3.532   1.00 9.82  ? 8   DT  A "C1'" 1 
ATOM   152 N  N1    . DT  A 1 8  ? 6.087   2.135   2.520   1.00 13.42 ? 8   DT  A N1    1 
ATOM   153 C  C2    . DT  A 1 8  ? 5.791   1.512   1.329   1.00 12.68 ? 8   DT  A C2    1 
ATOM   154 O  O2    . DT  A 1 8  ? 6.124   0.367   1.049   1.00 11.52 ? 8   DT  A O2    1 
ATOM   155 N  N3    . DT  A 1 8  ? 5.074   2.302   0.460   1.00 13.72 ? 8   DT  A N3    1 
ATOM   156 C  C4    . DT  A 1 8  ? 4.625   3.610   0.636   1.00 18.59 ? 8   DT  A C4    1 
ATOM   157 O  O4    . DT  A 1 8  ? 3.985   4.182   -0.255  1.00 11.47 ? 8   DT  A O4    1 
ATOM   158 C  C5    . DT  A 1 8  ? 4.985   4.177   1.913   1.00 17.05 ? 8   DT  A C5    1 
ATOM   159 C  C7    . DT  A 1 8  ? 4.573   5.584   2.241   1.00 17.19 ? 8   DT  A C7    1 
ATOM   160 C  C6    . DT  A 1 8  ? 5.688   3.423   2.775   1.00 17.35 ? 8   DT  A C6    1 
ATOM   161 P  P     . DC  A 1 9  ? 10.682  0.631   5.411   1.00 19.16 ? 9   DC  A P     1 
ATOM   162 O  OP1   . DC  A 1 9  ? 11.359  -0.352  6.303   1.00 17.88 ? 9   DC  A OP1   1 
ATOM   163 O  OP2   . DC  A 1 9  ? 11.125  2.063   5.489   1.00 19.93 ? 9   DC  A OP2   1 
ATOM   164 O  "O5'" . DC  A 1 9  ? 10.899  0.186   3.889   1.00 20.97 ? 9   DC  A "O5'" 1 
ATOM   165 C  "C5'" . DC  A 1 9  ? 10.376  -1.070  3.483   1.00 13.56 ? 9   DC  A "C5'" 1 
ATOM   166 C  "C4'" . DC  A 1 9  ? 10.275  -1.198  1.991   1.00 15.70 ? 9   DC  A "C4'" 1 
ATOM   167 O  "O4'" . DC  A 1 9  ? 9.251   -0.276  1.504   1.00 17.82 ? 9   DC  A "O4'" 1 
ATOM   168 C  "C3'" . DC  A 1 9  ? 11.478  -0.813  1.157   1.00 17.61 ? 9   DC  A "C3'" 1 
ATOM   169 O  "O3'" . DC  A 1 9  ? 12.360  -1.922  1.042   1.00 17.65 ? 9   DC  A "O3'" 1 
ATOM   170 C  "C2'" . DC  A 1 9  ? 10.942  -0.416  -0.194  1.00 19.65 ? 9   DC  A "C2'" 1 
ATOM   171 C  "C1'" . DC  A 1 9  ? 9.496   -0.119  0.082   1.00 18.75 ? 9   DC  A "C1'" 1 
ATOM   172 N  N1    . DC  A 1 9  ? 9.007   1.248   -0.126  1.00 14.31 ? 9   DC  A N1    1 
ATOM   173 C  C2    . DC  A 1 9  ? 8.313   1.492   -1.328  1.00 8.84  ? 9   DC  A C2    1 
ATOM   174 O  O2    . DC  A 1 9  ? 8.187   0.542   -2.085  1.00 14.26 ? 9   DC  A O2    1 
ATOM   175 N  N3    . DC  A 1 9  ? 7.864   2.732   -1.514  1.00 12.33 ? 9   DC  A N3    1 
ATOM   176 C  C4    . DC  A 1 9  ? 8.036   3.706   -0.656  1.00 11.69 ? 9   DC  A C4    1 
ATOM   177 N  N4    . DC  A 1 9  ? 7.532   4.907   -0.979  1.00 13.52 ? 9   DC  A N4    1 
ATOM   178 C  C5    . DC  A 1 9  ? 8.745   3.510   0.601   1.00 11.84 ? 9   DC  A C5    1 
ATOM   179 C  C6    . DC  A 1 9  ? 9.207   2.258   0.803   1.00 13.46 ? 9   DC  A C6    1 
ATOM   180 P  P     . DG  A 1 10 ? 13.843  -1.625  0.486   1.00 20.22 ? 10  DG  A P     1 
ATOM   181 O  OP1   . DG  A 1 10 ? 14.695  -2.792  0.879   1.00 20.83 ? 10  DG  A OP1   1 
ATOM   182 O  OP2   . DG  A 1 10 ? 14.284  -0.270  0.914   1.00 17.92 ? 10  DG  A OP2   1 
ATOM   183 O  "O5'" . DG  A 1 10 ? 13.674  -1.627  -1.091  1.00 19.89 ? 10  DG  A "O5'" 1 
ATOM   184 C  "C5'" . DG  A 1 10 ? 13.133  -2.754  -1.783  1.00 22.11 ? 10  DG  A "C5'" 1 
ATOM   185 C  "C4'" . DG  A 1 10 ? 13.042  -2.440  -3.253  1.00 20.29 ? 10  DG  A "C4'" 1 
ATOM   186 O  "O4'" . DG  A 1 10 ? 12.166  -1.298  -3.448  1.00 19.75 ? 10  DG  A "O4'" 1 
ATOM   187 C  "C3'" . DG  A 1 10 ? 14.346  -2.045  -3.940  1.00 15.31 ? 10  DG  A "C3'" 1 
ATOM   188 O  "O3'" . DG  A 1 10 ? 14.340  -2.665  -5.209  1.00 16.76 ? 10  DG  A "O3'" 1 
ATOM   189 C  "C2'" . DG  A 1 10 ? 14.333  -0.541  -3.996  1.00 20.51 ? 10  DG  A "C2'" 1 
ATOM   190 C  "C1'" . DG  A 1 10 ? 12.849  -0.271  -4.166  1.00 19.57 ? 10  DG  A "C1'" 1 
ATOM   191 N  N9    . DG  A 1 10 ? 12.356  0.958   -3.578  1.00 16.88 ? 10  DG  A N9    1 
ATOM   192 C  C8    . DG  A 1 10 ? 12.666  1.460   -2.323  1.00 14.86 ? 10  DG  A C8    1 
ATOM   193 N  N7    . DG  A 1 10 ? 12.058  2.593   -2.082  1.00 18.44 ? 10  DG  A N7    1 
ATOM   194 C  C5    . DG  A 1 10 ? 11.324  2.847   -3.224  1.00 11.90 ? 10  DG  A C5    1 
ATOM   195 C  C6    . DG  A 1 10 ? 10.475  3.966   -3.489  1.00 13.01 ? 10  DG  A C6    1 
ATOM   196 O  O6    . DG  A 1 10 ? 10.204  4.932   -2.790  1.00 12.74 ? 10  DG  A O6    1 
ATOM   197 N  N1    . DG  A 1 10 ? 9.945   3.796   -4.759  1.00 11.61 ? 10  DG  A N1    1 
ATOM   198 C  C2    . DG  A 1 10 ? 10.180  2.765   -5.608  1.00 16.63 ? 10  DG  A C2    1 
ATOM   199 N  N2    . DG  A 1 10 ? 9.548   2.806   -6.813  1.00 14.59 ? 10  DG  A N2    1 
ATOM   200 N  N3    . DG  A 1 10 ? 10.971  1.712   -5.375  1.00 15.06 ? 10  DG  A N3    1 
ATOM   201 C  C4    . DG  A 1 10 ? 11.485  1.863   -4.157  1.00 15.80 ? 10  DG  A C4    1 
ATOM   202 P  P     . DG  A 1 11 ? 15.601  -2.468  -6.190  1.00 22.78 ? 11  DG  A P     1 
ATOM   203 O  OP1   . DG  A 1 11 ? 15.685  -3.656  -7.072  1.00 30.81 ? 11  DG  A OP1   1 
ATOM   204 O  OP2   . DG  A 1 11 ? 16.779  -2.050  -5.397  1.00 26.81 ? 11  DG  A OP2   1 
ATOM   205 O  "O5'" . DG  A 1 11 ? 15.132  -1.210  -7.063  1.00 17.12 ? 11  DG  A "O5'" 1 
ATOM   206 C  "C5'" . DG  A 1 11 ? 14.022  -1.423  -7.979  1.00 21.11 ? 11  DG  A "C5'" 1 
ATOM   207 C  "C4'" . DG  A 1 11 ? 13.892  -0.114  -8.735  1.00 16.07 ? 11  DG  A "C4'" 1 
ATOM   208 O  "O4'" . DG  A 1 11 ? 13.394  0.885   -7.817  1.00 21.10 ? 11  DG  A "O4'" 1 
ATOM   209 C  "C3'" . DG  A 1 11 ? 15.176  0.454   -9.307  1.00 20.66 ? 11  DG  A "C3'" 1 
ATOM   210 O  "O3'" . DG  A 1 11 ? 15.026  0.529   -10.722 1.00 24.70 ? 11  DG  A "O3'" 1 
ATOM   211 C  "C2'" . DG  A 1 11 ? 15.366  1.802   -8.668  1.00 24.87 ? 11  DG  A "C2'" 1 
ATOM   212 C  "C1'" . DG  A 1 11 ? 13.998  2.138   -8.114  1.00 20.14 ? 11  DG  A "C1'" 1 
ATOM   213 N  N9    . DG  A 1 11 ? 13.992  2.891   -6.866  1.00 18.34 ? 11  DG  A N9    1 
ATOM   214 C  C8    . DG  A 1 11 ? 14.636  2.617   -5.700  1.00 17.94 ? 11  DG  A C8    1 
ATOM   215 N  N7    . DG  A 1 11 ? 14.427  3.489   -4.766  1.00 15.12 ? 11  DG  A N7    1 
ATOM   216 C  C5    . DG  A 1 11 ? 13.571  4.436   -5.337  1.00 18.93 ? 11  DG  A C5    1 
ATOM   217 C  C6    . DG  A 1 11 ? 12.973  5.633   -4.837  1.00 15.29 ? 11  DG  A C6    1 
ATOM   218 O  O6    . DG  A 1 11 ? 13.068  6.153   -3.729  1.00 17.96 ? 11  DG  A O6    1 
ATOM   219 N  N1    . DG  A 1 11 ? 12.182  6.245   -5.805  1.00 16.16 ? 11  DG  A N1    1 
ATOM   220 C  C2    . DG  A 1 11 ? 11.990  5.786   -7.058  1.00 15.96 ? 11  DG  A C2    1 
ATOM   221 N  N2    . DG  A 1 11 ? 11.194  6.484   -7.894  1.00 20.85 ? 11  DG  A N2    1 
ATOM   222 N  N3    . DG  A 1 11 ? 12.534  4.674   -7.551  1.00 17.78 ? 11  DG  A N3    1 
ATOM   223 C  C4    . DG  A 1 11 ? 13.299  4.075   -6.628  1.00 16.25 ? 11  DG  A C4    1 
ATOM   224 P  P     . DT  A 1 12 ? 16.152  1.106   -11.700 1.00 27.01 ? 12  DT  A P     1 
ATOM   225 O  OP1   . DT  A 1 12 ? 15.959  0.594   -13.078 1.00 31.32 ? 12  DT  A OP1   1 
ATOM   226 O  OP2   . DT  A 1 12 ? 17.479  0.973   -11.037 1.00 31.59 ? 12  DT  A OP2   1 
ATOM   227 O  "O5'" . DT  A 1 12 ? 15.838  2.691   -11.739 1.00 25.27 ? 12  DT  A "O5'" 1 
ATOM   228 C  "C5'" . DT  A 1 12 ? 14.720  3.243   -12.417 1.00 28.17 ? 12  DT  A "C5'" 1 
ATOM   229 C  "C4'" . DT  A 1 12 ? 14.591  4.719   -12.161 1.00 29.27 ? 12  DT  A "C4'" 1 
ATOM   230 O  "O4'" . DT  A 1 12 ? 14.485  4.975   -10.729 1.00 28.39 ? 12  DT  A "O4'" 1 
ATOM   231 C  "C3'" . DT  A 1 12 ? 15.762  5.617   -12.544 1.00 23.42 ? 12  DT  A "C3'" 1 
ATOM   232 O  "O3'" . DT  A 1 12 ? 15.641  5.952   -13.917 1.00 32.77 ? 12  DT  A "O3'" 1 
ATOM   233 C  "C2'" . DT  A 1 12 ? 15.666  6.811   -11.637 1.00 27.26 ? 12  DT  A "C2'" 1 
ATOM   234 C  "C1'" . DT  A 1 12 ? 14.702  6.388   -10.556 1.00 27.67 ? 12  DT  A "C1'" 1 
ATOM   235 N  N1    . DT  A 1 12 ? 15.130  6.476   -9.153  1.00 27.99 ? 12  DT  A N1    1 
ATOM   236 C  C2    . DT  A 1 12 ? 14.633  7.486   -8.362  1.00 25.24 ? 12  DT  A C2    1 
ATOM   237 O  O2    . DT  A 1 12 ? 13.854  8.295   -8.813  1.00 20.44 ? 12  DT  A O2    1 
ATOM   238 N  N3    . DT  A 1 12 ? 15.085  7.482   -7.079  1.00 21.72 ? 12  DT  A N3    1 
ATOM   239 C  C4    . DT  A 1 12 ? 15.972  6.592   -6.510  1.00 18.13 ? 12  DT  A C4    1 
ATOM   240 O  O4    . DT  A 1 12 ? 16.274  6.733   -5.338  1.00 25.58 ? 12  DT  A O4    1 
ATOM   241 C  C5    . DT  A 1 12 ? 16.464  5.548   -7.382  1.00 15.70 ? 12  DT  A C5    1 
ATOM   242 C  C7    . DT  A 1 12 ? 17.436  4.529   -6.836  1.00 17.99 ? 12  DT  A C7    1 
ATOM   243 C  C6    . DT  A 1 12 ? 16.025  5.539   -8.644  1.00 21.83 ? 12  DT  A C6    1 
ATOM   244 O  "O5'" . DA  B 1 1  ? 13.933  16.581  -1.836  1.00 28.92 ? 13  DA  B "O5'" 1 
ATOM   245 C  "C5'" . DA  B 1 1  ? 12.594  16.089  -1.739  1.00 22.24 ? 13  DA  B "C5'" 1 
ATOM   246 C  "C4'" . DA  B 1 1  ? 11.975  16.060  -3.116  1.00 24.96 ? 13  DA  B "C4'" 1 
ATOM   247 O  "O4'" . DA  B 1 1  ? 12.629  15.070  -3.944  1.00 26.65 ? 13  DA  B "O4'" 1 
ATOM   248 C  "C3'" . DA  B 1 1  ? 10.504  15.665  -3.167  1.00 18.78 ? 13  DA  B "C3'" 1 
ATOM   249 O  "O3'" . DA  B 1 1  ? 9.912   16.351  -4.250  1.00 23.14 ? 13  DA  B "O3'" 1 
ATOM   250 C  "C2'" . DA  B 1 1  ? 10.511  14.175  -3.338  1.00 18.63 ? 13  DA  B "C2'" 1 
ATOM   251 C  "C1'" . DA  B 1 1  ? 11.790  13.932  -4.123  1.00 23.44 ? 13  DA  B "C1'" 1 
ATOM   252 N  N9    . DA  B 1 1  ? 12.550  12.771  -3.669  1.00 17.71 ? 13  DA  B N9    1 
ATOM   253 C  C8    . DA  B 1 1  ? 12.912  12.402  -2.402  1.00 20.94 ? 13  DA  B C8    1 
ATOM   254 N  N7    . DA  B 1 1  ? 13.607  11.277  -2.341  1.00 24.71 ? 13  DA  B N7    1 
ATOM   255 C  C5    . DA  B 1 1  ? 13.714  10.867  -3.669  1.00 21.27 ? 13  DA  B C5    1 
ATOM   256 C  C6    . DA  B 1 1  ? 14.332  9.753   -4.271  1.00 17.16 ? 13  DA  B C6    1 
ATOM   257 N  N6    . DA  B 1 1  ? 14.988  8.796   -3.622  1.00 29.84 ? 13  DA  B N6    1 
ATOM   258 N  N1    . DA  B 1 1  ? 14.249  9.654   -5.621  1.00 19.65 ? 13  DA  B N1    1 
ATOM   259 C  C2    . DA  B 1 1  ? 13.593  10.611  -6.260  1.00 15.46 ? 13  DA  B C2    1 
ATOM   260 N  N3    . DA  B 1 1  ? 12.970  11.705  -5.837  1.00 24.32 ? 13  DA  B N3    1 
ATOM   261 C  C4    . DA  B 1 1  ? 13.069  11.777  -4.496  1.00 16.39 ? 13  DA  B C4    1 
ATOM   262 P  P     . DC  B 1 2  ? 8.341   16.174  -4.502  1.00 30.96 ? 14  DC  B P     1 
ATOM   263 O  OP1   . DC  B 1 2  ? 7.872   17.273  -5.385  1.00 42.03 ? 14  DC  B OP1   1 
ATOM   264 O  OP2   . DC  B 1 2  ? 7.669   15.918  -3.205  1.00 36.70 ? 14  DC  B OP2   1 
ATOM   265 O  "O5'" . DC  B 1 2  ? 8.268   14.808  -5.356  1.00 21.51 ? 14  DC  B "O5'" 1 
ATOM   266 C  "C5'" . DC  B 1 2  ? 8.793   14.863  -6.684  1.00 24.54 ? 14  DC  B "C5'" 1 
ATOM   267 C  "C4'" . DC  B 1 2  ? 8.690   13.501  -7.330  1.00 21.66 ? 14  DC  B "C4'" 1 
ATOM   268 O  "O4'" . DC  B 1 2  ? 9.514   12.548  -6.608  1.00 21.70 ? 14  DC  B "O4'" 1 
ATOM   269 C  "C3'" . DC  B 1 2  ? 7.295   12.903  -7.343  1.00 23.82 ? 14  DC  B "C3'" 1 
ATOM   270 O  "O3'" . DC  B 1 2  ? 6.996   12.609  -8.704  1.00 29.96 ? 14  DC  B "O3'" 1 
ATOM   271 C  "C2'" . DC  B 1 2  ? 7.353   11.694  -6.451  1.00 29.85 ? 14  DC  B "C2'" 1 
ATOM   272 C  "C1'" . DC  B 1 2  ? 8.808   11.293  -6.596  1.00 24.30 ? 14  DC  B "C1'" 1 
ATOM   273 N  N1    . DC  B 1 2  ? 9.473   10.544  -5.531  1.00 22.83 ? 14  DC  B N1    1 
ATOM   274 C  C2    . DC  B 1 2  ? 10.245  9.428   -5.891  1.00 17.80 ? 14  DC  B C2    1 
ATOM   275 O  O2    . DC  B 1 2  ? 10.340  9.110   -7.074  1.00 20.85 ? 14  DC  B O2    1 
ATOM   276 N  N3    . DC  B 1 2  ? 10.838  8.767   -4.896  1.00 16.94 ? 14  DC  B N3    1 
ATOM   277 C  C4    . DC  B 1 2  ? 10.779  9.057   -3.597  1.00 19.77 ? 14  DC  B C4    1 
ATOM   278 N  N4    . DC  B 1 2  ? 11.447  8.269   -2.760  1.00 18.01 ? 14  DC  B N4    1 
ATOM   279 C  C5    . DC  B 1 2  ? 10.000  10.188  -3.195  1.00 18.18 ? 14  DC  B C5    1 
ATOM   280 C  C6    . DC  B 1 2  ? 9.422   10.824  -4.224  1.00 17.50 ? 14  DC  B C6    1 
ATOM   281 P  P     . DC  B 1 3  ? 5.472   12.411  -9.170  1.00 28.32 ? 15  DC  B P     1 
ATOM   282 O  OP1   . DC  B 1 3  ? 5.231   13.197  -10.397 1.00 33.05 ? 15  DC  B OP1   1 
ATOM   283 O  OP2   . DC  B 1 3  ? 4.589   12.571  -7.979  1.00 24.64 ? 15  DC  B OP2   1 
ATOM   284 O  "O5'" . DC  B 1 3  ? 5.450   10.843  -9.554  1.00 22.79 ? 15  DC  B "O5'" 1 
ATOM   285 C  "C5'" . DC  B 1 3  ? 6.410   10.380  -10.495 1.00 20.92 ? 15  DC  B "C5'" 1 
ATOM   286 C  "C4'" . DC  B 1 3  ? 6.534   8.874   -10.443 1.00 18.86 ? 15  DC  B "C4'" 1 
ATOM   287 O  "O4'" . DC  B 1 3  ? 7.169   8.484   -9.199  1.00 17.31 ? 15  DC  B "O4'" 1 
ATOM   288 C  "C3'" . DC  B 1 3  ? 5.244   8.064   -10.460 1.00 12.08 ? 15  DC  B "C3'" 1 
ATOM   289 O  "O3'" . DC  B 1 3  ? 5.322   7.297   -11.644 1.00 16.58 ? 15  DC  B "O3'" 1 
ATOM   290 C  "C2'" . DC  B 1 3  ? 5.198   7.220   -9.216  1.00 13.59 ? 15  DC  B "C2'" 1 
ATOM   291 C  "C1'" . DC  B 1 3  ? 6.640   7.183   -8.818  1.00 16.92 ? 15  DC  B "C1'" 1 
ATOM   292 N  N1    . DC  B 1 3  ? 7.029   7.129   -7.398  1.00 14.98 ? 15  DC  B N1    1 
ATOM   293 C  C2    . DC  B 1 3  ? 7.858   6.082   -6.983  1.00 13.56 ? 15  DC  B C2    1 
ATOM   294 O  O2    . DC  B 1 3  ? 8.215   5.260   -7.830  1.00 16.91 ? 15  DC  B O2    1 
ATOM   295 N  N3    . DC  B 1 3  ? 8.213   6.045   -5.680  1.00 9.28  ? 15  DC  B N3    1 
ATOM   296 C  C4    . DC  B 1 3  ? 7.789   6.957   -4.829  1.00 11.44 ? 15  DC  B C4    1 
ATOM   297 N  N4    . DC  B 1 3  ? 8.168   6.872   -3.543  1.00 15.48 ? 15  DC  B N4    1 
ATOM   298 C  C5    . DC  B 1 3  ? 6.935   8.039   -5.237  1.00 9.33  ? 15  DC  B C5    1 
ATOM   299 C  C6    . DC  B 1 3  ? 6.594   8.068   -6.525  1.00 16.81 ? 15  DC  B C6    1 
ATOM   300 P  P     . DG  B 1 4  ? 4.095   6.540   -12.322 1.00 12.97 ? 16  DG  B P     1 
ATOM   301 O  OP1   . DG  B 1 4  ? 4.512   6.186   -13.717 1.00 15.55 ? 16  DG  B OP1   1 
ATOM   302 O  OP2   . DG  B 1 4  ? 2.831   7.264   -12.091 1.00 17.40 ? 16  DG  B OP2   1 
ATOM   303 O  "O5'" . DG  B 1 4  ? 4.042   5.159   -11.513 1.00 13.03 ? 16  DG  B "O5'" 1 
ATOM   304 C  "C5'" . DG  B 1 4  ? 5.021   4.162   -11.796 1.00 11.98 ? 16  DG  B "C5'" 1 
ATOM   305 C  "C4'" . DG  B 1 4  ? 4.878   3.030   -10.807 1.00 11.87 ? 16  DG  B "C4'" 1 
ATOM   306 O  "O4'" . DG  B 1 4  ? 5.306   3.555   -9.508  1.00 10.19 ? 16  DG  B "O4'" 1 
ATOM   307 C  "C3'" . DG  B 1 4  ? 3.505   2.451   -10.540 1.00 11.44 ? 16  DG  B "C3'" 1 
ATOM   308 O  "O3'" . DG  B 1 4  ? 3.680   1.048   -10.540 1.00 12.22 ? 16  DG  B "O3'" 1 
ATOM   309 C  "C2'" . DG  B 1 4  ? 3.062   2.977   -9.204  1.00 11.67 ? 16  DG  B "C2'" 1 
ATOM   310 C  "C1'" . DG  B 1 4  ? 4.435   2.985   -8.530  1.00 8.51  ? 16  DG  B "C1'" 1 
ATOM   311 N  N9    . DG  B 1 4  ? 4.501   3.771   -7.317  1.00 9.07  ? 16  DG  B N9    1 
ATOM   312 C  C8    . DG  B 1 4  ? 3.858   4.928   -7.010  1.00 7.90  ? 16  DG  B C8    1 
ATOM   313 N  N7    . DG  B 1 4  ? 4.138   5.374   -5.835  1.00 13.20 ? 16  DG  B N7    1 
ATOM   314 C  C5    . DG  B 1 4  ? 5.036   4.470   -5.291  1.00 12.02 ? 16  DG  B C5    1 
ATOM   315 C  C6    . DG  B 1 4  ? 5.693   4.427   -4.034  1.00 9.64  ? 16  DG  B C6    1 
ATOM   316 O  O6    . DG  B 1 4  ? 5.639   5.199   -3.083  1.00 12.71 ? 16  DG  B O6    1 
ATOM   317 N  N1    . DG  B 1 4  ? 6.506   3.291   -3.976  1.00 9.12  ? 16  DG  B N1    1 
ATOM   318 C  C2    . DG  B 1 4  ? 6.676   2.354   -4.926  1.00 13.20 ? 16  DG  B C2    1 
ATOM   319 N  N2    . DG  B 1 4  ? 7.521   1.327   -4.653  1.00 11.50 ? 16  DG  B N2    1 
ATOM   320 N  N3    . DG  B 1 4  ? 6.054   2.384   -6.125  1.00 10.50 ? 16  DG  B N3    1 
ATOM   321 C  C4    . DG  B 1 4  ? 5.271   3.460   -6.208  1.00 9.88  ? 16  DG  B C4    1 
ATOM   322 P  P     . DA  B 1 5  ? 2.553   -0.071  -10.505 1.00 13.12 ? 17  DA  B P     1 
ATOM   323 O  OP1   . DA  B 1 5  ? 2.631   -0.788  -11.817 1.00 16.46 ? 17  DA  B OP1   1 
ATOM   324 O  OP2   . DA  B 1 5  ? 1.301   0.481   -9.958  1.00 14.58 ? 17  DA  B OP2   1 
ATOM   325 O  "O5'" . DA  B 1 5  ? 3.154   -1.081  -9.385  1.00 12.83 ? 17  DA  B "O5'" 1 
ATOM   326 C  "C5'" . DA  B 1 5  ? 4.467   -1.598  -9.593  1.00 14.68 ? 17  DA  B "C5'" 1 
ATOM   327 C  "C4'" . DA  B 1 5  ? 4.939   -2.440  -8.427  1.00 9.77  ? 17  DA  B "C4'" 1 
ATOM   328 O  "O4'" . DA  B 1 5  ? 5.250   -1.585  -7.291  1.00 13.36 ? 17  DA  B "O4'" 1 
ATOM   329 C  "C3'" . DA  B 1 5  ? 3.940   -3.456  -7.890  1.00 11.71 ? 17  DA  B "C3'" 1 
ATOM   330 O  "O3'" . DA  B 1 5  ? 4.665   -4.635  -7.569  1.00 16.44 ? 17  DA  B "O3'" 1 
ATOM   331 C  "C2'" . DA  B 1 5  ? 3.319   -2.813  -6.695  1.00 11.48 ? 17  DA  B "C2'" 1 
ATOM   332 C  "C1'" . DA  B 1 5  ? 4.421   -1.930  -6.180  1.00 10.99 ? 17  DA  B "C1'" 1 
ATOM   333 N  N9    . DA  B 1 5  ? 3.942   -0.667  -5.629  1.00 12.42 ? 17  DA  B N9    1 
ATOM   334 C  C8    . DA  B 1 5  ? 3.118   0.254   -6.289  1.00 7.40  ? 17  DA  B C8    1 
ATOM   335 N  N7    . DA  B 1 5  ? 2.873   1.268   -5.533  1.00 9.42  ? 17  DA  B N7    1 
ATOM   336 C  C5    . DA  B 1 5  ? 3.547   1.042   -4.304  1.00 9.77  ? 17  DA  B C5    1 
ATOM   337 C  C6    . DA  B 1 5  ? 3.679   1.741   -3.119  1.00 13.05 ? 17  DA  B C6    1 
ATOM   338 N  N6    . DA  B 1 5  ? 3.108   2.919   -2.880  1.00 14.27 ? 17  DA  B N6    1 
ATOM   339 N  N1    . DA  B 1 5  ? 4.424   1.247   -2.080  1.00 11.79 ? 17  DA  B N1    1 
ATOM   340 C  C2    . DA  B 1 5  ? 4.974   0.046   -2.390  1.00 8.96  ? 17  DA  B C2    1 
ATOM   341 N  N3    . DA  B 1 5  ? 4.958   -0.737  -3.435  1.00 11.63 ? 17  DA  B N3    1 
ATOM   342 C  C4    . DA  B 1 5  ? 4.202   -0.165  -4.398  1.00 9.38  ? 17  DA  B C4    1 
ATOM   343 P  P     . DC  B 1 6  ? 3.919   -6.040  -7.366  1.00 15.52 ? 18  DC  B P     1 
ATOM   344 O  OP1   . DC  B 1 6  ? 4.976   -7.088  -7.533  1.00 20.05 ? 18  DC  B OP1   1 
ATOM   345 O  OP2   . DC  B 1 6  ? 2.662   -6.087  -8.135  1.00 18.71 ? 18  DC  B OP2   1 
ATOM   346 O  "O5'" . DC  B 1 6  ? 3.518   -6.042  -5.816  1.00 10.21 ? 18  DC  B "O5'" 1 
ATOM   347 C  "C5'" . DC  B 1 6  ? 4.545   -6.089  -4.813  1.00 11.51 ? 18  DC  B "C5'" 1 
ATOM   348 C  "C4'" . DC  B 1 6  ? 3.881   -5.894  -3.465  1.00 9.19  ? 18  DC  B "C4'" 1 
ATOM   349 O  "O4'" . DC  B 1 6  ? 3.617   -4.461  -3.258  1.00 9.58  ? 18  DC  B "O4'" 1 
ATOM   350 C  "C3'" . DC  B 1 6  ? 2.544   -6.557  -3.261  1.00 10.97 ? 18  DC  B "C3'" 1 
ATOM   351 O  "O3'" . DC  B 1 6  ? 2.457   -7.146  -1.966  1.00 11.76 ? 18  DC  B "O3'" 1 
ATOM   352 C  "C2'" . DC  B 1 6  ? 1.519   -5.463  -3.370  1.00 10.22 ? 18  DC  B "C2'" 1 
ATOM   353 C  "C1'" . DC  B 1 6  ? 2.333   -4.371  -2.659  1.00 8.55  ? 18  DC  B "C1'" 1 
ATOM   354 N  N1    . DC  B 1 6  ? 1.820   -3.008  -2.804  1.00 11.35 ? 18  DC  B N1    1 
ATOM   355 C  C2    . DC  B 1 6  ? 2.143   -2.082  -1.802  1.00 11.80 ? 18  DC  B C2    1 
ATOM   356 O  O2    . DC  B 1 6  ? 2.861   -2.472  -0.830  1.00 10.67 ? 18  DC  B O2    1 
ATOM   357 N  N3    . DC  B 1 6  ? 1.678   -0.836  -1.914  1.00 10.68 ? 18  DC  B N3    1 
ATOM   358 C  C4    . DC  B 1 6  ? 0.915   -0.468  -2.981  1.00 11.46 ? 18  DC  B C4    1 
ATOM   359 N  N4    . DC  B 1 6  ? 0.461   0.812   -3.068  1.00 9.15  ? 18  DC  B N4    1 
ATOM   360 C  C5    . DC  B 1 6  ? 0.581   -1.381  -3.997  1.00 9.53  ? 18  DC  B C5    1 
ATOM   361 C  C6    . DC  B 1 6  ? 1.040   -2.659  -3.896  1.00 11.05 ? 18  DC  B C6    1 
ATOM   362 P  P     . DG  B 1 7  ? 2.768   -8.703  -1.758  1.00 12.07 ? 19  DG  B P     1 
ATOM   363 O  OP1   . DG  B 1 7  ? 4.135   -8.975  -2.288  1.00 12.21 ? 19  DG  B OP1   1 
ATOM   364 O  OP2   . DG  B 1 7  ? 1.623   -9.519  -2.241  1.00 12.23 ? 19  DG  B OP2   1 
ATOM   365 O  "O5'" . DG  B 1 7  ? 2.806   -8.800  -0.164  1.00 8.89  ? 19  DG  B "O5'" 1 
ATOM   366 C  "C5'" . DG  B 1 7  ? 3.917   -8.271  0.563   1.00 9.05  ? 19  DG  B "C5'" 1 
ATOM   367 C  "C4'" . DG  B 1 7  ? 3.381   -7.631  1.819   1.00 8.18  ? 19  DG  B "C4'" 1 
ATOM   368 O  "O4'" . DG  B 1 7  ? 2.836   -6.326  1.505   1.00 9.74  ? 19  DG  B "O4'" 1 
ATOM   369 C  "C3'" . DG  B 1 7  ? 2.242   -8.377  2.516   1.00 9.14  ? 19  DG  B "C3'" 1 
ATOM   370 O  "O3'" . DG  B 1 7  ? 2.560   -8.451  3.910   1.00 9.12  ? 19  DG  B "O3'" 1 
ATOM   371 C  "C2'" . DG  B 1 7  ? 0.988   -7.601  2.207   1.00 8.78  ? 19  DG  B "C2'" 1 
ATOM   372 C  "C1'" . DG  B 1 7  ? 1.538   -6.195  2.122   1.00 12.17 ? 19  DG  B "C1'" 1 
ATOM   373 N  N9    . DG  B 1 7  ? 0.825   -5.242  1.280   1.00 7.91  ? 19  DG  B N9    1 
ATOM   374 C  C8    . DG  B 1 7  ? 0.443   -5.496  -0.044  1.00 9.50  ? 19  DG  B C8    1 
ATOM   375 N  N7    . DG  B 1 7  ? -0.171  -4.458  -0.524  1.00 9.61  ? 19  DG  B N7    1 
ATOM   376 C  C5    . DG  B 1 7  ? -0.208  -3.512  0.466   1.00 9.42  ? 19  DG  B C5    1 
ATOM   377 C  C6    . DG  B 1 7  ? -0.721  -2.210  0.559   1.00 8.85  ? 19  DG  B C6    1 
ATOM   378 O  O6    . DG  B 1 7  ? -1.318  -1.583  -0.338  1.00 11.47 ? 19  DG  B O6    1 
ATOM   379 N  N1    . DG  B 1 7  ? -0.554  -1.547  1.775   1.00 10.55 ? 19  DG  B N1    1 
ATOM   380 C  C2    . DG  B 1 7  ? 0.090   -2.115  2.869   1.00 9.31  ? 19  DG  B C2    1 
ATOM   381 N  N2    . DG  B 1 7  ? 0.178   -1.369  3.967   1.00 12.51 ? 19  DG  B N2    1 
ATOM   382 N  N3    . DG  B 1 7  ? 0.585   -3.345  2.803   1.00 6.60  ? 19  DG  B N3    1 
ATOM   383 C  C4    . DG  B 1 7  ? 0.425   -3.987  1.633   1.00 7.92  ? 19  DG  B C4    1 
ATOM   384 P  P     . DT  B 1 8  ? 1.589   -9.260  4.898   1.00 10.13 ? 20  DT  B P     1 
ATOM   385 O  OP1   . DT  B 1 8  ? 2.431   -9.906  5.951   1.00 10.92 ? 20  DT  B OP1   1 
ATOM   386 O  OP2   . DT  B 1 8  ? 0.645   -10.138 4.167   1.00 9.93  ? 20  DT  B OP2   1 
ATOM   387 O  "O5'" . DT  B 1 8  ? 0.758   -8.068  5.573   1.00 10.93 ? 20  DT  B "O5'" 1 
ATOM   388 C  "C5'" . DT  B 1 8  ? 1.480   -7.056  6.265   1.00 7.26  ? 20  DT  B "C5'" 1 
ATOM   389 C  "C4'" . DT  B 1 8  ? 0.519   -6.083  6.917   1.00 7.15  ? 20  DT  B "C4'" 1 
ATOM   390 O  "O4'" . DT  B 1 8  ? -0.151  -5.317  5.909   1.00 11.09 ? 20  DT  B "O4'" 1 
ATOM   391 C  "C3'" . DT  B 1 8  ? -0.600  -6.721  7.743   1.00 11.75 ? 20  DT  B "C3'" 1 
ATOM   392 O  "O3'" . DT  B 1 8  ? -0.625  -6.019  8.976   1.00 13.89 ? 20  DT  B "O3'" 1 
ATOM   393 C  "C2'" . DT  B 1 8  ? -1.841  -6.587  6.903   1.00 15.38 ? 20  DT  B "C2'" 1 
ATOM   394 C  "C1'" . DT  B 1 8  ? -1.569  -5.291  6.168   1.00 12.88 ? 20  DT  B "C1'" 1 
ATOM   395 N  N1    . DT  B 1 8  ? -2.095  -5.060  4.820   1.00 9.77  ? 20  DT  B N1    1 
ATOM   396 C  C2    . DT  B 1 8  ? -2.642  -3.796  4.538   1.00 12.19 ? 20  DT  B C2    1 
ATOM   397 O  O2    . DT  B 1 8  ? -2.708  -2.885  5.342   1.00 13.55 ? 20  DT  B O2    1 
ATOM   398 N  N3    . DT  B 1 8  ? -3.103  -3.688  3.240   1.00 8.77  ? 20  DT  B N3    1 
ATOM   399 C  C4    . DT  B 1 8  ? -3.076  -4.644  2.265   1.00 11.31 ? 20  DT  B C4    1 
ATOM   400 O  O4    . DT  B 1 8  ? -3.518  -4.442  1.136   1.00 14.20 ? 20  DT  B O4    1 
ATOM   401 C  C5    . DT  B 1 8  ? -2.514  -5.898  2.601   1.00 10.37 ? 20  DT  B C5    1 
ATOM   402 C  C7    . DT  B 1 8  ? -2.438  -7.009  1.609   1.00 12.01 ? 20  DT  B C7    1 
ATOM   403 C  C6    . DT  B 1 8  ? -2.054  -6.034  3.870   1.00 11.51 ? 20  DT  B C6    1 
ATOM   404 P  P     . DC  B 1 9  ? -1.457  -6.512  10.246  1.00 12.00 ? 21  DC  B P     1 
ATOM   405 O  OP1   . DC  B 1 9  ? -0.768  -5.920  11.448  1.00 14.04 ? 21  DC  B OP1   1 
ATOM   406 O  OP2   . DC  B 1 9  ? -1.630  -7.979  10.239  1.00 11.03 ? 21  DC  B OP2   1 
ATOM   407 O  "O5'" . DC  B 1 9  ? -2.882  -5.832  10.116  1.00 11.04 ? 21  DC  B "O5'" 1 
ATOM   408 C  "C5'" . DC  B 1 9  ? -2.925  -4.386  10.103  1.00 11.62 ? 21  DC  B "C5'" 1 
ATOM   409 C  "C4'" . DC  B 1 9  ? -4.353  -4.035  9.771   1.00 14.79 ? 21  DC  B "C4'" 1 
ATOM   410 O  "O4'" . DC  B 1 9  ? -4.567  -4.193  8.334   1.00 13.54 ? 21  DC  B "O4'" 1 
ATOM   411 C  "C3'" . DC  B 1 9  ? -5.409  -4.897  10.436  1.00 16.43 ? 21  DC  B "C3'" 1 
ATOM   412 O  "O3'" . DC  B 1 9  ? -6.501  -4.089  10.824  1.00 18.69 ? 21  DC  B "O3'" 1 
ATOM   413 C  "C2'" . DC  B 1 9  ? -5.781  -5.904  9.368   1.00 12.43 ? 21  DC  B "C2'" 1 
ATOM   414 C  "C1'" . DC  B 1 9  ? -5.771  -4.937  8.171   1.00 9.87  ? 21  DC  B "C1'" 1 
ATOM   415 N  N1    . DC  B 1 9  ? -5.729  -5.523  6.835   1.00 13.20 ? 21  DC  B N1    1 
ATOM   416 C  C2    . DC  B 1 9  ? -6.099  -4.751  5.740   1.00 14.08 ? 21  DC  B C2    1 
ATOM   417 O  O2    . DC  B 1 9  ? -6.470  -3.566  5.882   1.00 15.72 ? 21  DC  B O2    1 
ATOM   418 N  N3    . DC  B 1 9  ? -6.067  -5.272  4.508   1.00 11.80 ? 21  DC  B N3    1 
ATOM   419 C  C4    . DC  B 1 9  ? -5.676  -6.549  4.324   1.00 10.93 ? 21  DC  B C4    1 
ATOM   420 N  N4    . DC  B 1 9  ? -5.670  -6.985  3.064   1.00 9.26  ? 21  DC  B N4    1 
ATOM   421 C  C5    . DC  B 1 9  ? -5.291  -7.348  5.426   1.00 11.08 ? 21  DC  B C5    1 
ATOM   422 C  C6    . DC  B 1 9  ? -5.332  -6.803  6.646   1.00 12.45 ? 21  DC  B C6    1 
ATOM   423 P  P     . DG  B 1 10 ? -7.193  -4.042  12.273  1.00 19.86 ? 22  DG  B P     1 
ATOM   424 O  OP1   . DG  B 1 10 ? -6.224  -3.452  13.215  1.00 21.51 ? 22  DG  B OP1   1 
ATOM   425 O  OP2   . DG  B 1 10 ? -7.854  -5.340  12.543  1.00 39.11 ? 22  DG  B OP2   1 
ATOM   426 O  "O5'" . DG  B 1 10 ? -8.366  -2.976  12.023  1.00 17.08 ? 22  DG  B "O5'" 1 
ATOM   427 C  "C5'" . DG  B 1 10 ? -8.084  -1.621  11.703  1.00 17.17 ? 22  DG  B "C5'" 1 
ATOM   428 C  "C4'" . DG  B 1 10 ? -9.225  -1.012  10.934  1.00 18.34 ? 22  DG  B "C4'" 1 
ATOM   429 O  "O4'" . DG  B 1 10 ? -9.210  -1.522  9.580   1.00 16.84 ? 22  DG  B "O4'" 1 
ATOM   430 C  "C3'" . DG  B 1 10 ? -10.632 -1.327  11.438  1.00 22.58 ? 22  DG  B "C3'" 1 
ATOM   431 O  "O3'" . DG  B 1 10 ? -11.430 -0.179  11.188  1.00 27.93 ? 22  DG  B "O3'" 1 
ATOM   432 C  "C2'" . DG  B 1 10 ? -11.036 -2.554  10.673  1.00 22.77 ? 22  DG  B "C2'" 1 
ATOM   433 C  "C1'" . DG  B 1 10 ? -10.417 -2.250  9.317   1.00 20.37 ? 22  DG  B "C1'" 1 
ATOM   434 N  N9    . DG  B 1 10 ? -10.009 -3.397  8.531   1.00 17.39 ? 22  DG  B N9    1 
ATOM   435 C  C8    . DG  B 1 10 ? -9.447  -4.572  8.978   1.00 21.71 ? 22  DG  B C8    1 
ATOM   436 N  N7    . DG  B 1 10 ? -9.188  -5.419  8.027   1.00 17.10 ? 22  DG  B N7    1 
ATOM   437 C  C5    . DG  B 1 10 ? -9.598  -4.788  6.858   1.00 22.00 ? 22  DG  B C5    1 
ATOM   438 C  C6    . DG  B 1 10 ? -9.552  -5.251  5.516   1.00 13.55 ? 22  DG  B C6    1 
ATOM   439 O  O6    . DG  B 1 10 ? -9.154  -6.297  5.023   1.00 16.95 ? 22  DG  B O6    1 
ATOM   440 N  N1    . DG  B 1 10 ? -10.077 -4.270  4.662   1.00 17.10 ? 22  DG  B N1    1 
ATOM   441 C  C2    . DG  B 1 10 ? -10.554 -3.068  5.057   1.00 17.54 ? 22  DG  B C2    1 
ATOM   442 N  N2    . DG  B 1 10 ? -11.015 -2.265  4.094   1.00 16.27 ? 22  DG  B N2    1 
ATOM   443 N  N3    . DG  B 1 10 ? -10.599 -2.633  6.301   1.00 20.39 ? 22  DG  B N3    1 
ATOM   444 C  C4    . DG  B 1 10 ? -10.104 -3.541  7.164   1.00 16.45 ? 22  DG  B C4    1 
ATOM   445 P  P     . DG  B 1 11 ? -12.910 0.008   11.760  1.00 33.09 ? 23  DG  B P     1 
ATOM   446 O  OP1   . DG  B 1 11 ? -13.066 1.432   12.180  1.00 40.76 ? 23  DG  B OP1   1 
ATOM   447 O  OP2   . DG  B 1 11 ? -13.221 -1.088  12.711  1.00 51.56 ? 23  DG  B OP2   1 
ATOM   448 O  "O5'" . DG  B 1 11 ? -13.844 -0.198  10.472  1.00 33.53 ? 23  DG  B "O5'" 1 
ATOM   449 C  "C5'" . DG  B 1 11 ? -13.582 0.687   9.382   1.00 31.29 ? 23  DG  B "C5'" 1 
ATOM   450 C  "C4'" . DG  B 1 11 ? -14.554 0.439   8.260   1.00 27.49 ? 23  DG  B "C4'" 1 
ATOM   451 O  "O4'" . DG  B 1 11 ? -14.061 -0.635  7.421   1.00 23.71 ? 23  DG  B "O4'" 1 
ATOM   452 C  "C3'" . DG  B 1 11 ? -15.960 -0.012  8.653   1.00 24.99 ? 23  DG  B "C3'" 1 
ATOM   453 O  "O3'" . DG  B 1 11 ? -16.840 0.702   7.818   1.00 22.23 ? 23  DG  B "O3'" 1 
ATOM   454 C  "C2'" . DG  B 1 11 ? -16.011 -1.493  8.429   1.00 22.47 ? 23  DG  B "C2'" 1 
ATOM   455 C  "C1'" . DG  B 1 11 ? -15.058 -1.622  7.250   1.00 26.02 ? 23  DG  B "C1'" 1 
ATOM   456 N  N9    . DG  B 1 11 ? -14.372 -2.904  7.200   1.00 22.24 ? 23  DG  B N9    1 
ATOM   457 C  C8    . DG  B 1 11 ? -13.856 -3.523  8.344   1.00 23.78 ? 23  DG  B C8    1 
ATOM   458 N  N7    . DG  B 1 11 ? -13.289 -4.663  8.030   1.00 26.77 ? 23  DG  B N7    1 
ATOM   459 C  C5    . DG  B 1 11 ? -13.456 -4.763  6.641   1.00 24.32 ? 23  DG  B C5    1 
ATOM   460 C  C6    . DG  B 1 11 ? -13.058 -5.762  5.750   1.00 17.24 ? 23  DG  B C6    1 
ATOM   461 O  O6    . DG  B 1 11 ? -12.455 -6.791  6.037   1.00 18.71 ? 23  DG  B O6    1 
ATOM   462 N  N1    . DG  B 1 11 ? -13.398 -5.522  4.421   1.00 20.89 ? 23  DG  B N1    1 
ATOM   463 C  C2    . DG  B 1 11 ? -14.071 -4.394  4.033   1.00 19.22 ? 23  DG  B C2    1 
ATOM   464 N  N2    . DG  B 1 11 ? -14.310 -4.337  2.721   1.00 24.86 ? 23  DG  B N2    1 
ATOM   465 N  N3    . DG  B 1 11 ? -14.451 -3.450  4.842   1.00 20.53 ? 23  DG  B N3    1 
ATOM   466 C  C4    . DG  B 1 11 ? -14.130 -3.669  6.123   1.00 19.02 ? 23  DG  B C4    1 
ATOM   467 P  P     . DT  B 1 12 ? -18.429 0.589   7.856   1.00 29.18 ? 24  DT  B P     1 
ATOM   468 O  OP1   . DT  B 1 12 ? -18.950 1.868   7.283   1.00 25.43 ? 24  DT  B OP1   1 
ATOM   469 O  OP2   . DT  B 1 12 ? -18.888 0.112   9.176   1.00 24.09 ? 24  DT  B OP2   1 
ATOM   470 O  "O5'" . DT  B 1 12 ? -18.739 -0.563  6.793   1.00 21.83 ? 24  DT  B "O5'" 1 
ATOM   471 C  "C5'" . DT  B 1 12 ? -18.585 -0.321  5.390   1.00 24.75 ? 24  DT  B "C5'" 1 
ATOM   472 C  "C4'" . DT  B 1 12 ? -18.801 -1.623  4.673   1.00 29.31 ? 24  DT  B "C4'" 1 
ATOM   473 O  "O4'" . DT  B 1 12 ? -17.761 -2.567  5.047   1.00 27.47 ? 24  DT  B "O4'" 1 
ATOM   474 C  "C3'" . DT  B 1 12 ? -20.069 -2.401  4.994   1.00 28.18 ? 24  DT  B "C3'" 1 
ATOM   475 O  "O3'" . DT  B 1 12 ? -21.132 -1.880  4.216   1.00 33.74 ? 24  DT  B "O3'" 1 
ATOM   476 C  "C2'" . DT  B 1 12 ? -19.739 -3.830  4.662   1.00 26.88 ? 24  DT  B "C2'" 1 
ATOM   477 C  "C1'" . DT  B 1 12 ? -18.221 -3.856  4.633   1.00 30.27 ? 24  DT  B "C1'" 1 
ATOM   478 N  N1    . DT  B 1 12 ? -17.567 -4.806  5.551   1.00 28.06 ? 24  DT  B N1    1 
ATOM   479 C  C2    . DT  B 1 12 ? -17.038 -5.962  4.980   1.00 20.36 ? 24  DT  B C2    1 
ATOM   480 O  O2    . DT  B 1 12 ? -17.155 -6.098  3.786   1.00 21.62 ? 24  DT  B O2    1 
ATOM   481 N  N3    . DT  B 1 12 ? -16.442 -6.806  5.886   1.00 19.05 ? 24  DT  B N3    1 
ATOM   482 C  C4    . DT  B 1 12 ? -16.306 -6.663  7.228   1.00 11.29 ? 24  DT  B C4    1 
ATOM   483 O  O4    . DT  B 1 12 ? -15.751 -7.488  7.947   1.00 24.89 ? 24  DT  B O4    1 
ATOM   484 C  C5    . DT  B 1 12 ? -16.883 -5.426  7.770   1.00 14.86 ? 24  DT  B C5    1 
ATOM   485 C  C7    . DT  B 1 12 ? -16.760 -5.225  9.232   1.00 23.44 ? 24  DT  B C7    1 
ATOM   486 C  C6    . DT  B 1 12 ? -17.464 -4.604  6.885   1.00 21.58 ? 24  DT  B C6    1 
HETATM 487 MG MG    . MG  C 2 .  ? 6.389   -4.186  1.262   1.00 16.67 ? 26  MG  A MG    1 
HETATM 488 MG MG    . MG  D 2 .  ? 13.025  5.845   0.461   1.00 24.22 ? 29  MG  A MG    1 
HETATM 489 MG MG    . MG  E 2 .  ? -3.599  -3.943  -3.278  1.00 11.46 ? 25  MG  B MG    1 
HETATM 490 MG MG    . MG  F 2 .  ? 2.894   8.674   -3.276  1.00 17.10 ? 27  MG  B MG    1 
HETATM 491 MG MG    . MG  G 2 .  ? -1.383  -0.280  8.506   1.00 21.46 ? 28  MG  B MG    1 
HETATM 492 O  O     . HOH H 3 .  ? -0.662  4.180   -2.000  1.00 12.98 ? 31  HOH A O     1 
HETATM 493 O  O     . HOH H 3 .  ? -8.713  -1.330  -4.807  1.00 13.57 ? 36  HOH A O     1 
HETATM 494 O  O     . HOH H 3 .  ? -5.727  -7.325  -0.481  1.00 15.14 ? 37  HOH A O     1 
HETATM 495 O  O     . HOH H 3 .  ? 8.412   7.271   0.858   1.00 13.03 ? 39  HOH A O     1 
HETATM 496 O  O     . HOH H 3 .  ? 3.712   -0.748  4.470   1.00 14.96 ? 43  HOH A O     1 
HETATM 497 O  O     . HOH H 3 .  ? 6.684   -2.130  4.657   1.00 21.54 ? 46  HOH A O     1 
HETATM 498 O  O     . HOH H 3 .  ? -7.415  -3.722  -4.983  1.00 14.27 ? 50  HOH A O     1 
HETATM 499 O  O     . HOH H 3 .  ? -7.258  -5.713  -2.685  1.00 18.33 ? 51  HOH A O     1 
HETATM 500 O  O     . HOH H 3 .  ? -4.948  5.254   -1.874  1.00 20.23 ? 52  HOH A O     1 
HETATM 501 O  O     . HOH H 3 .  ? -8.497  1.024   -5.903  1.00 13.73 ? 53  HOH A O     1 
HETATM 502 O  O     . HOH H 3 .  ? -6.391  2.089   -4.079  1.00 13.12 ? 54  HOH A O     1 
HETATM 503 O  O     . HOH H 3 .  ? -10.991 2.379   -5.689  1.00 18.87 ? 55  HOH A O     1 
HETATM 504 O  O     . HOH H 3 .  ? 13.041  -4.834  2.230   1.00 25.24 ? 59  HOH A O     1 
HETATM 505 O  O     . HOH H 3 .  ? 2.429   6.367   -0.367  1.00 22.94 ? 60  HOH A O     1 
HETATM 506 O  O     . HOH H 3 .  ? -13.005 -0.730  1.281   1.00 21.80 ? 61  HOH A O     1 
HETATM 507 O  O     . HOH H 3 .  ? 9.153   -1.563  -3.357  1.00 19.00 ? 63  HOH A O     1 
HETATM 508 O  O     . HOH H 3 .  ? 10.600  -5.479  1.288   1.00 26.47 ? 64  HOH A O     1 
HETATM 509 O  O     . HOH H 3 .  ? 11.565  3.224   2.980   1.00 36.66 ? 68  HOH A O     1 
HETATM 510 O  O     A HOH H 3 .  ? -11.812 4.653   -0.531  0.62 18.32 ? 70  HOH A O     1 
HETATM 511 O  O     B HOH H 3 .  ? -12.072 3.897   -1.484  0.38 15.06 ? 71  HOH A O     1 
HETATM 512 O  O     . HOH H 3 .  ? -6.172  2.073   5.927   1.00 25.24 ? 72  HOH A O     1 
HETATM 513 O  O     . HOH H 3 .  ? -8.539  0.211   5.792   1.00 27.63 ? 74  HOH A O     1 
HETATM 514 O  O     . HOH H 3 .  ? 10.239  -4.282  -3.643  1.00 31.64 ? 75  HOH A O     1 
HETATM 515 O  O     . HOH H 3 .  ? 10.757  -3.089  -6.116  1.00 29.28 ? 77  HOH A O     1 
HETATM 516 O  O     . HOH H 3 .  ? -11.048 -3.793  -6.446  1.00 19.97 ? 78  HOH A O     1 
HETATM 517 O  O     . HOH H 3 .  ? 10.450  -0.534  -6.810  1.00 25.15 ? 79  HOH A O     1 
HETATM 518 O  O     . HOH H 3 .  ? -9.555  -9.779  -1.165  1.00 24.37 ? 80  HOH A O     1 
HETATM 519 O  O     . HOH H 3 .  ? -1.638  6.574   -0.831  1.00 19.18 ? 81  HOH A O     1 
HETATM 520 O  O     . HOH H 3 .  ? 9.734   -3.785  -1.016  1.00 17.66 ? 82  HOH A O     1 
HETATM 521 O  O     . HOH H 3 .  ? -9.125  0.959   2.732   1.00 19.36 ? 83  HOH A O     1 
HETATM 522 O  O     . HOH H 3 .  ? 15.642  3.310   -2.397  1.00 28.12 ? 84  HOH A O     1 
HETATM 523 O  O     . HOH H 3 .  ? 2.587   -0.036  6.821   1.00 23.10 ? 85  HOH A O     1 
HETATM 524 O  O     . HOH H 3 .  ? 17.447  0.761   -5.303  1.00 25.86 ? 87  HOH A O     1 
HETATM 525 O  O     . HOH H 3 .  ? 8.731   2.745   9.496   1.00 26.13 ? 89  HOH A O     1 
HETATM 526 O  O     . HOH H 3 .  ? -15.458 1.562   -3.326  1.00 29.11 ? 90  HOH A O     1 
HETATM 527 O  O     . HOH H 3 .  ? -11.901 1.205   2.238   1.00 34.85 ? 91  HOH A O     1 
HETATM 528 O  O     . HOH H 3 .  ? 11.243  6.513   -11.574 1.00 32.79 ? 95  HOH A O     1 
HETATM 529 O  O     . HOH H 3 .  ? -4.940  1.913   8.089   1.00 28.42 ? 97  HOH A O     1 
HETATM 530 O  O     . HOH H 3 .  ? -8.712  -7.996  -3.177  1.00 19.29 ? 98  HOH A O     1 
HETATM 531 O  O     . HOH H 3 .  ? 7.124   5.625   4.911   1.00 32.51 ? 99  HOH A O     1 
HETATM 532 O  O     . HOH H 3 .  ? -9.985  -5.927  -4.801  1.00 35.15 ? 101 HOH A O     1 
HETATM 533 O  O     . HOH H 3 .  ? 3.455   -0.036  9.442   1.00 31.75 ? 102 HOH A O     1 
HETATM 534 O  O     . HOH H 3 .  ? 5.051   1.404   10.452  1.00 23.92 ? 103 HOH A O     1 
HETATM 535 O  O     . HOH H 3 .  ? -12.753 3.480   1.203   1.00 25.88 ? 105 HOH A O     1 
HETATM 536 O  O     . HOH H 3 .  ? 0.181   6.336   0.724   1.00 22.98 ? 106 HOH A O     1 
HETATM 537 O  O     . HOH H 3 .  ? 6.519   11.729  -3.353  1.00 31.77 ? 108 HOH A O     1 
HETATM 538 O  O     . HOH H 3 .  ? -15.931 -5.283  -0.632  1.00 31.65 ? 110 HOH A O     1 
HETATM 539 O  O     . HOH H 3 .  ? 11.331  3.929   -9.975  1.00 24.91 ? 114 HOH A O     1 
HETATM 540 O  O     . HOH H 3 .  ? -13.163 -4.292  -7.506  1.00 32.65 ? 118 HOH A O     1 
HETATM 541 O  O     . HOH H 3 .  ? -16.989 -2.945  -4.082  1.00 33.84 ? 121 HOH A O     1 
HETATM 542 O  O     . HOH H 3 .  ? -5.700  8.561   0.306   1.00 30.71 ? 122 HOH A O     1 
HETATM 543 O  O     . HOH H 3 .  ? -17.053 -8.716  0.444   1.00 27.51 ? 123 HOH A O     1 
HETATM 544 O  O     . HOH H 3 .  ? -8.403  -13.082 -3.328  1.00 30.29 ? 124 HOH A O     1 
HETATM 545 O  O     . HOH H 3 .  ? 15.292  3.251   3.870   1.00 40.36 ? 125 HOH A O     1 
HETATM 546 O  O     . HOH H 3 .  ? -4.142  6.061   0.259   1.00 27.21 ? 127 HOH A O     1 
HETATM 547 O  O     . HOH H 3 .  ? 13.633  2.205   2.175   1.00 30.53 ? 129 HOH A O     1 
HETATM 548 O  O     . HOH H 3 .  ? 10.391  0.855   -9.571  1.00 38.18 ? 132 HOH A O     1 
HETATM 549 O  O     . HOH H 3 .  ? 17.140  -1.079  -15.010 0.33 27.42 ? 133 HOH A O     1 
HETATM 550 O  O     . HOH H 3 .  ? 1.382   7.137   4.769   1.00 33.75 ? 136 HOH A O     1 
HETATM 551 O  O     . HOH H 3 .  ? 11.031  -0.495  9.218   1.00 32.97 ? 137 HOH A O     1 
HETATM 552 O  O     . HOH H 3 .  ? -2.160  3.585   10.396  1.00 41.57 ? 139 HOH A O     1 
HETATM 553 O  O     . HOH H 3 .  ? 13.897  -1.424  5.575   1.00 34.26 ? 140 HOH A O     1 
HETATM 554 O  O     . HOH H 3 .  ? -5.521  11.158  3.544   1.00 40.81 ? 142 HOH A O     1 
HETATM 555 O  O     . HOH H 3 .  ? 13.480  2.791   6.531   1.00 32.54 ? 143 HOH A O     1 
HETATM 556 O  O     . HOH H 3 .  ? 3.696   8.728   0.833   1.00 30.91 ? 144 HOH A O     1 
HETATM 557 O  O     . HOH H 3 .  ? 14.973  9.049   2.722   1.00 51.35 ? 145 HOH A O     1 
HETATM 558 O  O     . HOH H 3 .  ? 16.704  0.463   -16.532 0.33 43.33 ? 150 HOH A O     1 
HETATM 559 O  O     . HOH H 3 .  ? -2.420  9.344   6.050   1.00 36.40 ? 151 HOH A O     1 
HETATM 560 O  O     . HOH H 3 .  ? 0.491   9.260   8.510   1.00 41.99 ? 154 HOH A O     1 
HETATM 561 O  O     . HOH H 3 .  ? -8.867  3.627   6.398   1.00 35.59 ? 155 HOH A O     1 
HETATM 562 O  O     . HOH H 3 .  ? -4.458  6.937   9.687   1.00 48.96 ? 156 HOH A O     1 
HETATM 563 O  O     . HOH H 3 .  ? -5.244  -2.676  -3.782  1.00 10.13 ? 160 HOH A O     1 
HETATM 564 O  O     . HOH H 3 .  ? -4.785  -5.611  -3.855  1.00 10.51 ? 161 HOH A O     1 
HETATM 565 O  O     . HOH H 3 .  ? 8.288   -4.186  2.101   1.00 15.68 ? 165 HOH A O     1 
HETATM 566 O  O     . HOH H 3 .  ? 5.962   -2.334  2.049   1.00 16.30 ? 166 HOH A O     1 
HETATM 567 O  O     . HOH H 3 .  ? 7.163   -3.306  -0.432  1.00 16.80 ? 168 HOH A O     1 
HETATM 568 O  O     . HOH H 3 .  ? 1.659   7.254   -2.571  1.00 24.99 ? 170 HOH A O     1 
HETATM 569 O  O     . HOH H 3 .  ? 2.984   9.816   -1.706  1.00 16.34 ? 171 HOH A O     1 
HETATM 570 O  O     . HOH H 3 .  ? 4.077   10.066  -4.138  1.00 19.79 ? 172 HOH A O     1 
HETATM 571 O  O     . HOH H 3 .  ? -2.226  1.649   8.342   1.00 25.15 ? 178 HOH A O     1 
HETATM 572 O  O     . HOH H 3 .  ? -0.359  0.312   6.748   1.00 24.43 ? 180 HOH A O     1 
HETATM 573 O  O     . HOH H 3 .  ? 11.236  6.026   -0.508  1.00 18.55 ? 181 HOH A O     1 
HETATM 574 O  O     . HOH H 3 .  ? 14.148  5.649   -1.386  1.00 29.26 ? 182 HOH A O     1 
HETATM 575 O  O     . HOH H 3 .  ? 12.834  3.833   0.367   1.00 23.55 ? 183 HOH A O     1 
HETATM 576 O  O     . HOH H 3 .  ? 11.951  5.651   2.193   1.00 27.46 ? 184 HOH A O     1 
HETATM 577 O  O     . HOH H 3 .  ? 13.264  7.796   0.381   1.00 26.27 ? 185 HOH A O     1 
HETATM 578 O  O     . HOH H 3 .  ? 14.790  5.605   1.362   1.00 32.56 ? 186 HOH A O     1 
HETATM 579 O  O     . HOH I 3 .  ? 4.445   -8.891  7.596   1.00 10.34 ? 30  HOH B O     1 
HETATM 580 O  O     . HOH I 3 .  ? 1.131   4.735   -3.972  1.00 9.91  ? 32  HOH B O     1 
HETATM 581 O  O     . HOH I 3 .  ? -0.614  -9.058  -0.672  1.00 12.47 ? 33  HOH B O     1 
HETATM 582 O  O     . HOH I 3 .  ? -0.090  -10.733 1.556   1.00 12.40 ? 34  HOH B O     1 
HETATM 583 O  O     . HOH I 3 .  ? 1.233   -2.930  6.191   1.00 11.36 ? 35  HOH B O     1 
HETATM 584 O  O     . HOH I 3 .  ? -2.105  -9.427  4.700   1.00 11.64 ? 38  HOH B O     1 
HETATM 585 O  O     . HOH I 3 .  ? -2.812  -7.738  -1.730  1.00 14.86 ? 40  HOH B O     1 
HETATM 586 O  O     . HOH I 3 .  ? -2.353  -9.517  12.345  1.00 18.42 ? 41  HOH B O     1 
HETATM 587 O  O     . HOH I 3 .  ? 6.917   8.728   -1.403  1.00 16.38 ? 42  HOH B O     1 
HETATM 588 O  O     . HOH I 3 .  ? 5.039   -9.785  3.970   1.00 16.87 ? 44  HOH B O     1 
HETATM 589 O  O     . HOH I 3 .  ? 3.189   1.002   -13.860 1.00 20.98 ? 45  HOH B O     1 
HETATM 590 O  O     . HOH I 3 .  ? -0.496  -7.345  -6.096  1.00 24.59 ? 47  HOH B O     1 
HETATM 591 O  O     . HOH I 3 .  ? 3.280   -3.478  3.812   1.00 12.87 ? 48  HOH B O     1 
HETATM 592 O  O     . HOH I 3 .  ? -4.054  -8.790  8.947   1.00 14.41 ? 49  HOH B O     1 
HETATM 593 O  O     . HOH I 3 .  ? 5.893   -3.272  -2.883  1.00 16.12 ? 56  HOH B O     1 
HETATM 594 O  O     . HOH I 3 .  ? -14.800 -1.185  3.701   1.00 26.15 ? 57  HOH B O     1 
HETATM 595 O  O     . HOH I 3 .  ? 0.096   -3.283  10.951  1.00 20.22 ? 58  HOH B O     1 
HETATM 596 O  O     . HOH I 3 .  ? 8.320   3.770   -9.917  1.00 27.48 ? 62  HOH B O     1 
HETATM 597 O  O     . HOH I 3 .  ? -0.363  -4.572  -6.178  1.00 15.27 ? 65  HOH B O     1 
HETATM 598 O  O     . HOH I 3 .  ? -10.938 0.109   6.642   1.00 26.84 ? 66  HOH B O     1 
HETATM 599 O  O     . HOH I 3 .  ? 3.982   10.563  -6.923  1.00 30.91 ? 67  HOH B O     1 
HETATM 600 O  O     . HOH I 3 .  ? 7.989   -1.262  -5.966  1.00 22.59 ? 69  HOH B O     1 
HETATM 601 O  O     . HOH I 3 .  ? 0.110   -9.395  -4.534  1.00 21.56 ? 73  HOH B O     1 
HETATM 602 O  O     . HOH I 3 .  ? -3.626  -10.257 6.648   1.00 19.72 ? 76  HOH B O     1 
HETATM 603 O  O     . HOH I 3 .  ? 7.161   1.129   -8.389  1.00 20.11 ? 86  HOH B O     1 
HETATM 604 O  O     . HOH I 3 .  ? 1.283   11.980  -5.381  1.00 24.38 ? 88  HOH B O     1 
HETATM 605 O  O     A HOH I 3 .  ? -7.153  -1.864  8.088   0.34 14.56 ? 92  HOH B O     1 
HETATM 606 O  O     B HOH I 3 .  ? -5.190  -1.324  7.264   0.66 24.65 ? 93  HOH B O     1 
HETATM 607 O  O     . HOH I 3 .  ? 7.864   -7.156  -1.379  1.00 28.49 ? 94  HOH B O     1 
HETATM 608 O  O     . HOH I 3 .  ? 7.584   -5.417  -3.549  1.00 25.01 ? 96  HOH B O     1 
HETATM 609 O  O     . HOH I 3 .  ? -12.945 0.488   4.823   1.00 27.27 ? 100 HOH B O     1 
HETATM 610 O  O     . HOH I 3 .  ? 11.809  12.390  -8.005  1.00 23.46 ? 104 HOH B O     1 
HETATM 611 O  O     . HOH I 3 .  ? -6.354  -10.819 6.960   1.00 23.38 ? 107 HOH B O     1 
HETATM 612 O  O     . HOH I 3 .  ? 6.438   -9.696  -1.812  1.00 25.87 ? 109 HOH B O     1 
HETATM 613 O  O     . HOH I 3 .  ? -0.596  -6.686  14.178  1.00 25.05 ? 111 HOH B O     1 
HETATM 614 O  O     . HOH I 3 .  ? 1.649   -2.997  -13.025 1.00 23.38 ? 112 HOH B O     1 
HETATM 615 O  O     . HOH I 3 .  ? 8.164   -3.546  -7.299  1.00 35.24 ? 113 HOH B O     1 
HETATM 616 O  O     . HOH I 3 .  ? -1.731  -1.629  12.573  1.00 38.77 ? 115 HOH B O     1 
HETATM 617 O  O     . HOH I 3 .  ? -8.698  -8.572  7.289   1.00 40.38 ? 116 HOH B O     1 
HETATM 618 O  O     . HOH I 3 .  ? -4.787  -8.021  12.692  1.00 24.79 ? 117 HOH B O     1 
HETATM 619 O  O     . HOH I 3 .  ? -16.520 -2.828  1.216   1.00 38.01 ? 119 HOH B O     1 
HETATM 620 O  O     . HOH I 3 .  ? 7.271   6.439   -14.038 1.00 31.04 ? 120 HOH B O     1 
HETATM 621 O  O     . HOH I 3 .  ? 7.170   -1.923  -12.208 1.00 43.51 ? 126 HOH B O     1 
HETATM 622 O  O     . HOH I 3 .  ? 6.262   -4.329  -11.513 1.00 31.07 ? 128 HOH B O     1 
HETATM 623 O  O     . HOH I 3 .  ? -11.630 -8.194  8.336   1.00 28.19 ? 130 HOH B O     1 
HETATM 624 O  O     . HOH I 3 .  ? -4.153  -0.651  11.412  1.00 38.63 ? 131 HOH B O     1 
HETATM 625 O  O     . HOH I 3 .  ? 8.317   -1.579  -9.645  1.00 31.37 ? 134 HOH B O     1 
HETATM 626 O  O     . HOH I 3 .  ? -12.543 -6.387  10.130  1.00 31.10 ? 135 HOH B O     1 
HETATM 627 O  O     . HOH I 3 .  ? -9.995  -1.265  15.212  1.00 47.99 ? 138 HOH B O     1 
HETATM 628 O  O     . HOH I 3 .  ? -14.910 3.440   12.310  1.00 40.66 ? 141 HOH B O     1 
HETATM 629 O  O     . HOH I 3 .  ? 1.996   12.987  -9.738  1.00 35.32 ? 146 HOH B O     1 
HETATM 630 O  O     . HOH I 3 .  ? 10.495  9.286   -0.175  1.00 27.35 ? 147 HOH B O     1 
HETATM 631 O  O     . HOH I 3 .  ? 3.839   14.361  -6.221  1.00 39.50 ? 148 HOH B O     1 
HETATM 632 O  O     . HOH I 3 .  ? -20.108 3.845   8.505   1.00 45.22 ? 149 HOH B O     1 
HETATM 633 O  O     . HOH I 3 .  ? -4.801  -0.057  9.288   1.00 33.13 ? 152 HOH B O     1 
HETATM 634 O  O     . HOH I 3 .  ? -8.797  -11.160 9.002   1.00 43.28 ? 153 HOH B O     1 
HETATM 635 O  O     . HOH I 3 .  ? -4.573  -4.134  -1.310  1.00 10.92 ? 157 HOH B O     1 
HETATM 636 O  O     . HOH I 3 .  ? -2.127  -5.152  -2.461  1.00 9.87  ? 158 HOH B O     1 
HETATM 637 O  O     . HOH I 3 .  ? -2.568  -2.259  -2.752  1.00 8.53  ? 159 HOH B O     1 
HETATM 638 O  O     . HOH I 3 .  ? -2.815  -3.863  -5.242  1.00 10.38 ? 162 HOH B O     1 
HETATM 639 O  O     . HOH I 3 .  ? 5.447   -4.976  2.899   1.00 14.03 ? 163 HOH B O     1 
HETATM 640 O  O     . HOH I 3 .  ? 6.733   -6.065  0.625   1.00 15.94 ? 164 HOH B O     1 
HETATM 641 O  O     . HOH I 3 .  ? 4.480   -4.284  0.329   1.00 15.46 ? 167 HOH B O     1 
HETATM 642 O  O     . HOH I 3 .  ? 1.143   9.875   -4.006  1.00 17.51 ? 169 HOH B O     1 
HETATM 643 O  O     . HOH I 3 .  ? 2.807   7.558   -5.037  1.00 18.06 ? 173 HOH B O     1 
HETATM 644 O  O     . HOH I 3 .  ? 4.573   7.566   -2.644  1.00 15.28 ? 174 HOH B O     1 
HETATM 645 O  O     . HOH I 3 .  ? -2.180  -0.796  10.183  1.00 24.22 ? 175 HOH B O     1 
HETATM 646 O  O     . HOH I 3 .  ? -0.273  -2.035  8.394   1.00 17.98 ? 176 HOH B O     1 
HETATM 647 O  O     . HOH I 3 .  ? 0.149   0.603   9.672   1.00 28.27 ? 177 HOH B O     1 
HETATM 648 O  O     . HOH I 3 .  ? -2.650  -1.106  7.380   1.00 24.79 ? 179 HOH B O     1 
# 
loop_
_atom_site_anisotrop.id 
_atom_site_anisotrop.type_symbol 
_atom_site_anisotrop.pdbx_label_atom_id 
_atom_site_anisotrop.pdbx_label_alt_id 
_atom_site_anisotrop.pdbx_label_comp_id 
_atom_site_anisotrop.pdbx_label_asym_id 
_atom_site_anisotrop.pdbx_label_seq_id 
_atom_site_anisotrop.pdbx_PDB_ins_code 
_atom_site_anisotrop.U[1][1] 
_atom_site_anisotrop.U[2][2] 
_atom_site_anisotrop.U[3][3] 
_atom_site_anisotrop.U[1][2] 
_atom_site_anisotrop.U[1][3] 
_atom_site_anisotrop.U[2][3] 
_atom_site_anisotrop.pdbx_auth_seq_id 
_atom_site_anisotrop.pdbx_auth_comp_id 
_atom_site_anisotrop.pdbx_auth_asym_id 
_atom_site_anisotrop.pdbx_auth_atom_id 
19  P P . DC A 2  ? 0.5089 0.7678 0.5131 -0.1650 0.1502  0.2001  2  DC A P 
38  P P . DC A 3  ? 0.4758 0.2921 0.3517 -0.0643 -0.0508 0.0754  3  DC A P 
57  P P . DG A 4  ? 0.2073 0.2373 0.2903 0.0492  0.0011  0.0553  4  DG A P 
79  P P . DA A 5  ? 0.1773 0.1427 0.2229 0.0292  -0.0148 0.0434  5  DA A P 
100 P P . DC A 6  ? 0.2720 0.2371 0.3707 0.0944  -0.0845 -0.0576 6  DC A P 
119 P P . DG A 7  ? 0.2248 0.3503 0.4878 0.1136  -0.1201 -0.1345 7  DG A P 
141 P P . DT A 8  ? 0.3065 0.2127 0.2151 0.0076  -0.0435 0.0461  8  DT A P 
161 P P . DC A 9  ? 0.2552 0.2349 0.2379 -0.0120 -0.0166 0.0579  9  DC A P 
180 P P . DG A 10 ? 0.2175 0.2246 0.3261 0.0574  -0.0288 0.0186  10 DG A P 
202 P P . DG A 11 ? 0.2608 0.3075 0.2970 0.0523  0.0308  0.0748  11 DG A P 
224 P P . DT A 12 ? 0.4470 0.2507 0.3287 -0.0362 0.0488  0.0226  12 DT A P 
262 P P . DC B 2  ? 0.2696 0.5270 0.3799 -0.0336 -0.1026 -0.0652 14 DC B P 
281 P P . DC B 3  ? 0.4332 0.1645 0.4782 -0.0331 -0.1104 0.0104  15 DC B P 
300 P P . DG B 4  ? 0.1757 0.1145 0.2028 0.0158  0.0124  0.0508  16 DG B P 
322 P P . DA B 5  ? 0.2036 0.1400 0.1549 0.0224  0.0184  0.0435  17 DA B P 
343 P P . DC B 6  ? 0.2387 0.1424 0.2085 0.0100  0.0522  0.0469  18 DC B P 
362 P P . DG B 7  ? 0.2115 0.1169 0.1303 0.0230  -0.0084 0.0561  19 DG B P 
384 P P . DT B 8  ? 0.1280 0.1394 0.1176 0.0214  -0.0135 0.0436  20 DT B P 
404 P P . DC B 9  ? 0.1725 0.1630 0.1207 0.0019  -0.0153 0.0262  21 DC B P 
423 P P . DG B 10 ? 0.2694 0.2673 0.2177 0.0614  -0.0024 0.0026  22 DG B P 
445 P P . DG B 11 ? 0.2933 0.5873 0.3768 0.1457  -0.0426 -0.0491 23 DG B P 
467 P P . DT B 12 ? 0.2565 0.2431 0.6093 0.0485  -0.1031 0.0072  24 DT B P 
# 
